data_9H5E
#
_entry.id   9H5E
#
_cell.length_a   61.59
_cell.length_b   208
_cell.length_c   114.77
_cell.angle_alpha   90
_cell.angle_beta   90
_cell.angle_gamma   90
#
_symmetry.space_group_name_H-M   'P 21 21 21'
#
loop_
_entity.id
_entity.type
_entity.pdbx_description
1 polymer 'Nicotinamide N-methyltransferase'
2 non-polymer S-ADENOSYL-L-HOMOCYSTEINE
3 non-polymer 6-methoxy-1-methyl-pyridine-3-carboxamide
4 water water
#
_entity_poly.entity_id   1
_entity_poly.type   'polypeptide(L)'
_entity_poly.pdbx_seq_one_letter_code
;HNHNHNHNHNHNAAAENLYFQSGFTSKDTYLSHFNPRDYLEKYYKFGSRHSAESQILKHLLKNLFKIFCLDGVKGDLLID
IGSGPTIYQLLSACESFKEIVVTDYSDQNLQELEKWLKAAPAAFDWSPVVTYVCDLEGNRVKGPEKEEKLRQAVKQVLKC
DVTQSQPLGAVPLPPADCVLSTLCLDAACPDLPTYCRALRNLGSLLKPGGFLVIMDALKSSYYMIGEQKFSSLPLGREAV
EAAVKEAGYTIEWFEVISQSYSSTMANNEGLFSLVARKLS
;
_entity_poly.pdbx_strand_id   A,B,C,D,E,F
#
# COMPACT_ATOMS: atom_id res chain seq x y z
N GLY A 23 10.50 4.24 42.76
CA GLY A 23 9.21 4.10 43.42
C GLY A 23 8.08 4.72 42.63
N PHE A 24 6.85 4.40 43.01
CA PHE A 24 5.66 4.91 42.33
C PHE A 24 4.53 5.10 43.34
N THR A 25 3.69 6.15 43.17
CA THR A 25 2.53 6.42 44.03
C THR A 25 1.70 5.14 44.33
N SER A 26 1.46 4.85 45.61
CA SER A 26 0.66 3.69 45.99
C SER A 26 -0.81 3.98 45.74
N LYS A 27 -1.58 2.95 45.48
CA LYS A 27 -3.01 3.04 45.21
C LYS A 27 -3.75 3.78 46.29
N ASP A 28 -3.45 3.43 47.55
CA ASP A 28 -4.05 4.03 48.72
C ASP A 28 -3.87 5.55 48.76
N THR A 29 -2.80 6.09 48.14
CA THR A 29 -2.60 7.55 48.06
C THR A 29 -3.77 8.22 47.35
N TYR A 30 -4.41 7.55 46.38
CA TYR A 30 -5.56 8.12 45.68
C TYR A 30 -6.79 8.27 46.56
N LEU A 31 -6.96 7.35 47.51
CA LEU A 31 -8.09 7.42 48.43
C LEU A 31 -7.99 8.66 49.37
N SER A 32 -6.79 8.94 49.82
CA SER A 32 -6.56 9.96 50.82
C SER A 32 -6.04 11.29 50.34
N HIS A 33 -5.14 11.30 49.34
CA HIS A 33 -4.42 12.51 48.98
C HIS A 33 -4.80 13.14 47.67
N PHE A 34 -5.72 12.52 46.91
CA PHE A 34 -6.16 13.11 45.66
C PHE A 34 -7.39 13.92 46.04
N ASN A 35 -7.27 15.26 46.06
CA ASN A 35 -8.37 16.16 46.40
C ASN A 35 -9.18 16.42 45.13
N PRO A 36 -10.41 15.91 45.04
CA PRO A 36 -11.15 16.07 43.79
C PRO A 36 -11.51 17.50 43.42
N ARG A 37 -11.88 18.35 44.41
CA ARG A 37 -12.21 19.74 44.06
C ARG A 37 -10.98 20.50 43.61
N ASP A 38 -9.83 20.25 44.25
CA ASP A 38 -8.59 20.89 43.87
C ASP A 38 -8.18 20.47 42.46
N TYR A 39 -8.35 19.19 42.12
CA TYR A 39 -8.05 18.66 40.79
C TYR A 39 -8.90 19.36 39.74
N LEU A 40 -10.19 19.52 40.01
CA LEU A 40 -11.10 20.17 39.06
C LEU A 40 -10.75 21.64 38.89
N GLU A 41 -10.38 22.29 39.99
CA GLU A 41 -10.01 23.68 39.97
C GLU A 41 -8.74 23.87 39.13
N LYS A 42 -7.77 22.98 39.32
CA LYS A 42 -6.47 23.06 38.68
C LYS A 42 -6.50 22.74 37.21
N TYR A 43 -7.37 21.82 36.78
CA TYR A 43 -7.32 21.35 35.40
C TYR A 43 -8.56 21.60 34.53
N TYR A 44 -9.73 21.78 35.15
CA TYR A 44 -10.98 21.85 34.41
C TYR A 44 -11.82 23.08 34.61
N LYS A 45 -11.28 24.15 35.21
CA LYS A 45 -12.09 25.36 35.41
C LYS A 45 -12.46 26.02 34.04
N PHE A 46 -11.59 25.83 32.99
CA PHE A 46 -11.84 26.29 31.63
C PHE A 46 -11.94 27.80 31.57
N GLY A 47 -10.98 28.46 32.21
CA GLY A 47 -10.91 29.91 32.31
C GLY A 47 -10.60 30.60 31.00
N SER A 48 -10.96 31.89 30.93
CA SER A 48 -10.78 32.79 29.77
C SER A 48 -9.34 32.84 29.23
N ARG A 49 -8.37 32.55 30.11
CA ARG A 49 -6.97 32.51 29.75
C ARG A 49 -6.72 31.24 28.93
N HIS A 50 -5.98 31.38 27.82
CA HIS A 50 -5.67 30.27 26.91
C HIS A 50 -4.53 29.39 27.41
N SER A 51 -4.71 28.83 28.61
CA SER A 51 -3.76 27.99 29.31
C SER A 51 -3.52 26.69 28.60
N ALA A 52 -2.40 26.04 28.90
CA ALA A 52 -2.09 24.72 28.36
C ALA A 52 -3.18 23.71 28.74
N GLU A 53 -3.74 23.83 29.96
CA GLU A 53 -4.77 22.94 30.48
C GLU A 53 -6.06 23.06 29.68
N SER A 54 -6.45 24.29 29.35
CA SER A 54 -7.68 24.50 28.58
C SER A 54 -7.52 24.04 27.14
N GLN A 55 -6.30 24.17 26.57
CA GLN A 55 -6.02 23.73 25.21
C GLN A 55 -6.11 22.21 25.11
N ILE A 56 -5.64 21.52 26.16
CA ILE A 56 -5.72 20.07 26.21
C ILE A 56 -7.16 19.66 26.34
N LEU A 57 -7.91 20.31 27.22
CA LEU A 57 -9.33 20.01 27.43
C LEU A 57 -10.13 20.14 26.12
N LYS A 58 -9.89 21.21 25.38
CA LYS A 58 -10.52 21.41 24.08
C LYS A 58 -10.19 20.28 23.10
N HIS A 59 -8.90 19.92 22.99
CA HIS A 59 -8.53 18.82 22.09
C HIS A 59 -9.17 17.50 22.51
N LEU A 60 -9.23 17.21 23.83
CA LEU A 60 -9.88 15.99 24.31
C LEU A 60 -11.34 15.94 23.88
N LEU A 61 -12.04 17.07 24.07
CA LEU A 61 -13.44 17.20 23.72
C LEU A 61 -13.70 16.99 22.23
N LYS A 62 -12.81 17.52 21.39
CA LYS A 62 -12.96 17.36 19.94
C LYS A 62 -12.77 15.89 19.56
N ASN A 63 -11.76 15.24 20.16
CA ASN A 63 -11.53 13.83 19.90
C ASN A 63 -12.68 12.95 20.34
N LEU A 64 -13.24 13.23 21.53
CA LEU A 64 -14.40 12.51 22.05
C LEU A 64 -15.63 12.72 21.19
N PHE A 65 -15.82 13.94 20.68
CA PHE A 65 -16.94 14.21 19.76
C PHE A 65 -16.76 13.37 18.47
N LYS A 66 -15.53 13.36 17.92
CA LYS A 66 -15.21 12.60 16.72
C LYS A 66 -15.44 11.11 16.92
N ILE A 67 -15.08 10.57 18.08
CA ILE A 67 -15.24 9.14 18.35
C ILE A 67 -16.70 8.72 18.51
N PHE A 68 -17.46 9.47 19.29
CA PHE A 68 -18.82 9.08 19.64
C PHE A 68 -19.94 9.54 18.70
N CYS A 69 -19.88 10.78 18.24
CA CYS A 69 -20.95 11.31 17.41
C CYS A 69 -20.66 11.15 15.92
N LEU A 70 -19.43 11.46 15.53
CA LEU A 70 -19.01 11.33 14.14
C LEU A 70 -18.82 9.83 13.77
N ASP A 71 -17.97 9.09 14.54
CA ASP A 71 -17.72 7.67 14.32
C ASP A 71 -18.94 6.83 14.79
N GLY A 72 -18.94 5.54 14.44
CA GLY A 72 -20.01 4.64 14.85
C GLY A 72 -19.85 4.08 16.25
N VAL A 73 -19.05 4.74 17.15
CA VAL A 73 -18.88 4.20 18.51
C VAL A 73 -20.12 4.46 19.34
N LYS A 74 -20.94 3.41 19.48
CA LYS A 74 -22.21 3.47 20.18
C LYS A 74 -22.65 2.11 20.69
N GLY A 75 -23.69 2.09 21.50
CA GLY A 75 -24.24 0.85 22.03
C GLY A 75 -25.12 1.07 23.22
N ASP A 76 -25.41 -0.02 23.90
CA ASP A 76 -26.24 0.02 25.09
C ASP A 76 -25.44 0.45 26.33
N LEU A 77 -24.13 0.11 26.37
CA LEU A 77 -23.33 0.38 27.56
C LEU A 77 -21.89 0.81 27.27
N LEU A 78 -21.48 1.91 27.93
CA LEU A 78 -20.12 2.41 27.95
C LEU A 78 -19.69 2.42 29.41
N ILE A 79 -18.51 1.90 29.71
CA ILE A 79 -17.95 1.97 31.05
C ILE A 79 -16.79 2.95 30.96
N ASP A 80 -16.82 4.00 31.76
CA ASP A 80 -15.74 4.97 31.86
C ASP A 80 -14.87 4.53 33.05
N ILE A 81 -13.59 4.25 32.79
CA ILE A 81 -12.63 3.74 33.77
C ILE A 81 -11.73 4.84 34.34
N GLY A 82 -11.68 4.95 35.67
CA GLY A 82 -10.87 5.98 36.31
C GLY A 82 -11.39 7.36 36.01
N SER A 83 -12.71 7.51 36.10
CA SER A 83 -13.43 8.73 35.83
C SER A 83 -12.97 9.91 36.68
N GLY A 84 -12.51 9.64 37.88
CA GLY A 84 -12.17 10.68 38.84
C GLY A 84 -13.42 11.45 39.19
N PRO A 85 -13.30 12.75 39.41
CA PRO A 85 -14.49 13.55 39.67
C PRO A 85 -14.96 14.28 38.39
N THR A 86 -14.55 13.84 37.18
CA THR A 86 -14.87 14.57 35.97
C THR A 86 -16.00 13.98 35.15
N ILE A 87 -16.69 14.85 34.40
CA ILE A 87 -17.77 14.44 33.49
C ILE A 87 -17.50 14.83 32.04
N TYR A 88 -16.48 15.67 31.76
CA TYR A 88 -16.22 16.17 30.40
C TYR A 88 -16.09 15.05 29.37
N GLN A 89 -15.49 13.91 29.77
CA GLN A 89 -15.24 12.78 28.89
C GLN A 89 -16.50 11.99 28.53
N LEU A 90 -17.66 12.35 29.11
CA LEU A 90 -18.92 11.66 28.90
C LEU A 90 -19.95 12.49 28.12
N LEU A 91 -19.72 13.78 27.94
CA LEU A 91 -20.65 14.67 27.28
C LEU A 91 -21.07 14.24 25.87
N SER A 92 -20.14 13.87 25.01
CA SER A 92 -20.51 13.39 23.68
C SER A 92 -20.98 11.92 23.72
N ALA A 93 -20.42 11.13 24.65
CA ALA A 93 -20.76 9.72 24.79
C ALA A 93 -22.21 9.51 25.18
N CYS A 94 -22.81 10.45 25.95
CA CYS A 94 -24.20 10.29 26.35
C CYS A 94 -25.19 10.40 25.16
N GLU A 95 -24.75 10.96 24.03
CA GLU A 95 -25.57 11.01 22.83
C GLU A 95 -25.65 9.62 22.15
N SER A 96 -24.61 8.77 22.35
CA SER A 96 -24.47 7.49 21.69
C SER A 96 -24.68 6.24 22.53
N PHE A 97 -24.77 6.38 23.86
CA PHE A 97 -24.94 5.21 24.71
C PHE A 97 -26.17 5.32 25.60
N LYS A 98 -26.97 4.25 25.68
CA LYS A 98 -28.16 4.23 26.52
C LYS A 98 -27.74 4.39 27.98
N GLU A 99 -26.69 3.69 28.38
CA GLU A 99 -26.18 3.72 29.73
C GLU A 99 -24.69 3.96 29.75
N ILE A 100 -24.28 4.75 30.71
CA ILE A 100 -22.89 5.04 30.99
C ILE A 100 -22.65 4.67 32.46
N VAL A 101 -21.61 3.89 32.75
CA VAL A 101 -21.25 3.53 34.10
C VAL A 101 -19.95 4.25 34.39
N VAL A 102 -19.91 5.05 35.45
CA VAL A 102 -18.69 5.77 35.80
C VAL A 102 -18.00 5.03 36.95
N THR A 103 -16.68 4.89 36.87
CA THR A 103 -15.95 4.11 37.85
C THR A 103 -14.66 4.79 38.30
N ASP A 104 -14.22 4.54 39.52
CA ASP A 104 -12.95 5.07 39.99
C ASP A 104 -12.42 4.29 41.20
N TYR A 105 -11.11 4.34 41.42
CA TYR A 105 -10.52 3.74 42.60
C TYR A 105 -10.87 4.56 43.85
N SER A 106 -11.04 5.88 43.72
CA SER A 106 -11.29 6.74 44.86
C SER A 106 -12.74 7.02 45.16
N ASP A 107 -13.15 6.76 46.41
CA ASP A 107 -14.51 7.03 46.88
C ASP A 107 -14.77 8.53 46.94
N GLN A 108 -13.77 9.34 47.33
CA GLN A 108 -13.91 10.80 47.36
C GLN A 108 -14.22 11.34 45.96
N ASN A 109 -13.57 10.78 44.93
CA ASN A 109 -13.78 11.21 43.56
C ASN A 109 -15.19 10.88 43.11
N LEU A 110 -15.66 9.69 43.44
CA LEU A 110 -17.01 9.28 43.07
C LEU A 110 -18.08 10.11 43.80
N GLN A 111 -17.80 10.55 45.03
CA GLN A 111 -18.73 11.42 45.75
C GLN A 111 -18.84 12.79 45.05
N GLU A 112 -17.70 13.36 44.61
CA GLU A 112 -17.69 14.62 43.89
C GLU A 112 -18.44 14.49 42.54
N LEU A 113 -18.30 13.34 41.87
CA LEU A 113 -19.01 13.07 40.62
C LEU A 113 -20.52 13.01 40.91
N GLU A 114 -20.90 12.32 41.98
CA GLU A 114 -22.31 12.21 42.37
C GLU A 114 -22.92 13.54 42.75
N LYS A 115 -22.13 14.50 43.28
CA LYS A 115 -22.65 15.84 43.57
C LYS A 115 -23.14 16.49 42.27
N TRP A 116 -22.38 16.31 41.17
CA TRP A 116 -22.79 16.87 39.90
C TRP A 116 -24.00 16.13 39.34
N LEU A 117 -23.96 14.79 39.34
CA LEU A 117 -25.00 13.90 38.85
C LEU A 117 -26.36 14.18 39.53
N LYS A 118 -26.35 14.41 40.83
CA LYS A 118 -27.57 14.71 41.59
C LYS A 118 -27.92 16.22 41.60
N ALA A 119 -27.19 17.04 40.81
CA ALA A 119 -27.34 18.49 40.69
C ALA A 119 -27.36 19.18 42.04
N ALA A 120 -26.47 18.75 42.93
CA ALA A 120 -26.31 19.30 44.26
C ALA A 120 -25.75 20.75 44.19
N PRO A 121 -25.95 21.58 45.24
CA PRO A 121 -25.44 22.96 45.20
C PRO A 121 -23.91 23.11 45.12
N ALA A 122 -23.17 22.24 45.83
CA ALA A 122 -21.71 22.24 45.89
C ALA A 122 -21.04 21.61 44.67
N ALA A 123 -21.79 21.19 43.66
CA ALA A 123 -21.23 20.55 42.47
C ALA A 123 -20.33 21.50 41.67
N PHE A 124 -19.39 20.92 40.94
CA PHE A 124 -18.48 21.70 40.12
C PHE A 124 -19.24 22.32 38.95
N ASP A 125 -18.85 23.55 38.60
CA ASP A 125 -19.47 24.24 37.48
C ASP A 125 -18.89 23.77 36.14
N TRP A 126 -19.60 22.86 35.50
CA TRP A 126 -19.18 22.37 34.18
C TRP A 126 -19.79 23.17 33.02
N SER A 127 -20.62 24.19 33.29
CA SER A 127 -21.30 24.94 32.22
C SER A 127 -20.38 25.44 31.06
N PRO A 128 -19.14 25.99 31.23
CA PRO A 128 -18.34 26.39 30.06
C PRO A 128 -17.96 25.20 29.15
N VAL A 129 -17.69 24.05 29.76
CA VAL A 129 -17.33 22.85 29.00
C VAL A 129 -18.57 22.29 28.29
N VAL A 130 -19.73 22.26 29.01
CA VAL A 130 -21.01 21.79 28.46
C VAL A 130 -21.39 22.62 27.23
N THR A 131 -21.22 23.95 27.33
CA THR A 131 -21.52 24.87 26.24
C THR A 131 -20.62 24.58 25.05
N TYR A 132 -19.33 24.34 25.32
CA TYR A 132 -18.35 24.05 24.28
C TYR A 132 -18.74 22.77 23.54
N VAL A 133 -19.15 21.73 24.28
CA VAL A 133 -19.57 20.48 23.65
C VAL A 133 -20.82 20.70 22.77
N CYS A 134 -21.82 21.46 23.28
CA CYS A 134 -23.02 21.79 22.49
C CYS A 134 -22.69 22.46 21.17
N ASP A 135 -21.72 23.41 21.20
CA ASP A 135 -21.25 24.11 20.00
C ASP A 135 -20.68 23.11 19.00
N LEU A 136 -19.79 22.19 19.47
CA LEU A 136 -19.15 21.18 18.64
C LEU A 136 -20.17 20.33 17.92
N GLU A 137 -21.23 19.91 18.63
CA GLU A 137 -22.27 19.01 18.12
C GLU A 137 -23.26 19.64 17.14
N GLY A 138 -23.12 20.92 16.85
CA GLY A 138 -23.98 21.60 15.92
C GLY A 138 -25.03 22.50 16.52
N ASN A 139 -24.95 22.75 17.85
CA ASN A 139 -25.90 23.55 18.61
C ASN A 139 -27.33 23.00 18.49
N ARG A 140 -27.47 21.66 18.35
CA ARG A 140 -28.76 20.98 18.27
C ARG A 140 -29.55 21.19 19.54
N VAL A 141 -28.85 21.19 20.70
CA VAL A 141 -29.39 21.38 22.05
C VAL A 141 -28.58 22.45 22.81
N LYS A 142 -29.10 22.90 23.96
CA LYS A 142 -28.42 23.86 24.81
C LYS A 142 -27.98 23.14 26.10
N GLY A 143 -27.11 23.79 26.88
CA GLY A 143 -26.53 23.31 28.13
C GLY A 143 -27.41 22.47 29.04
N PRO A 144 -28.55 22.99 29.51
CA PRO A 144 -29.40 22.20 30.43
C PRO A 144 -29.91 20.89 29.85
N GLU A 145 -30.30 20.88 28.56
CA GLU A 145 -30.77 19.67 27.91
C GLU A 145 -29.63 18.64 27.81
N LYS A 146 -28.42 19.13 27.50
CA LYS A 146 -27.22 18.30 27.38
C LYS A 146 -26.90 17.67 28.74
N GLU A 147 -26.90 18.49 29.80
CA GLU A 147 -26.62 18.04 31.15
C GLU A 147 -27.62 17.01 31.61
N GLU A 148 -28.90 17.20 31.27
CA GLU A 148 -29.94 16.26 31.65
C GLU A 148 -29.79 14.92 30.92
N LYS A 149 -29.34 14.96 29.66
CA LYS A 149 -29.12 13.72 28.92
C LYS A 149 -27.99 12.90 29.57
N LEU A 150 -26.93 13.58 30.05
CA LEU A 150 -25.84 12.88 30.72
C LEU A 150 -26.31 12.29 32.06
N ARG A 151 -27.04 13.07 32.86
CA ARG A 151 -27.55 12.60 34.15
C ARG A 151 -28.46 11.37 34.00
N GLN A 152 -29.26 11.35 32.94
CA GLN A 152 -30.16 10.24 32.65
C GLN A 152 -29.39 8.97 32.25
N ALA A 153 -28.27 9.14 31.53
CA ALA A 153 -27.43 8.03 31.07
C ALA A 153 -26.64 7.35 32.19
N VAL A 154 -26.20 8.12 33.19
CA VAL A 154 -25.42 7.57 34.29
C VAL A 154 -26.31 6.94 35.34
N LYS A 155 -26.28 5.61 35.41
CA LYS A 155 -27.12 4.87 36.37
C LYS A 155 -26.31 4.30 37.53
N GLN A 156 -25.06 3.93 37.26
CA GLN A 156 -24.22 3.30 38.28
C GLN A 156 -22.89 4.04 38.43
N VAL A 157 -22.45 4.16 39.69
CA VAL A 157 -21.20 4.82 40.07
C VAL A 157 -20.46 3.78 40.85
N LEU A 158 -19.43 3.16 40.25
CA LEU A 158 -18.76 2.03 40.88
C LEU A 158 -17.29 2.17 41.19
N LYS A 159 -16.84 1.41 42.17
CA LYS A 159 -15.43 1.32 42.51
C LYS A 159 -14.74 0.45 41.43
N CYS A 160 -13.51 0.82 41.03
CA CYS A 160 -12.75 0.00 40.11
C CYS A 160 -11.25 0.00 40.41
N ASP A 161 -10.57 -1.07 40.07
CA ASP A 161 -9.13 -1.15 40.23
C ASP A 161 -8.62 -1.81 38.96
N VAL A 162 -8.08 -0.99 38.05
CA VAL A 162 -7.59 -1.45 36.74
C VAL A 162 -6.49 -2.52 36.86
N THR A 163 -5.80 -2.58 38.02
CA THR A 163 -4.76 -3.57 38.21
C THR A 163 -5.27 -4.95 38.56
N GLN A 164 -6.58 -5.11 38.78
CA GLN A 164 -7.15 -6.40 39.15
C GLN A 164 -7.77 -7.09 37.94
N SER A 165 -7.66 -8.46 37.87
CA SER A 165 -8.25 -9.19 36.75
C SER A 165 -9.78 -8.95 36.65
N GLN A 166 -10.44 -8.65 37.78
CA GLN A 166 -11.83 -8.22 37.78
C GLN A 166 -11.77 -6.77 38.28
N PRO A 167 -11.65 -5.78 37.38
CA PRO A 167 -11.55 -4.39 37.84
C PRO A 167 -12.74 -3.94 38.68
N LEU A 168 -13.93 -4.47 38.42
CA LEU A 168 -15.12 -4.04 39.18
C LEU A 168 -15.44 -4.91 40.41
N GLY A 169 -14.54 -5.83 40.75
CA GLY A 169 -14.67 -6.68 41.91
C GLY A 169 -15.82 -7.65 41.78
N ALA A 170 -16.61 -7.76 42.83
CA ALA A 170 -17.78 -8.65 42.86
C ALA A 170 -19.00 -8.07 42.13
N VAL A 171 -18.94 -6.82 41.64
CA VAL A 171 -20.07 -6.20 40.97
C VAL A 171 -20.17 -6.69 39.53
N PRO A 172 -21.30 -7.31 39.18
CA PRO A 172 -21.45 -7.80 37.81
C PRO A 172 -21.99 -6.73 36.89
N LEU A 173 -21.50 -6.73 35.67
CA LEU A 173 -21.98 -5.83 34.64
C LEU A 173 -22.08 -6.60 33.35
N PRO A 174 -23.08 -6.27 32.50
CA PRO A 174 -23.11 -6.90 31.17
C PRO A 174 -21.84 -6.52 30.40
N PRO A 175 -21.36 -7.34 29.45
CA PRO A 175 -20.20 -6.94 28.66
C PRO A 175 -20.53 -5.65 27.91
N ALA A 176 -19.65 -4.65 28.04
CA ALA A 176 -19.86 -3.33 27.51
C ALA A 176 -19.58 -3.24 26.00
N ASP A 177 -20.22 -2.29 25.37
CA ASP A 177 -19.97 -2.00 23.96
C ASP A 177 -18.69 -1.15 23.79
N CYS A 178 -18.34 -0.37 24.83
CA CYS A 178 -17.16 0.48 24.80
C CYS A 178 -16.60 0.64 26.21
N VAL A 179 -15.29 0.70 26.32
CA VAL A 179 -14.61 0.99 27.58
C VAL A 179 -13.80 2.25 27.29
N LEU A 180 -14.04 3.32 28.02
CA LEU A 180 -13.32 4.58 27.85
C LEU A 180 -12.44 4.85 29.08
N SER A 181 -11.22 5.36 28.90
CA SER A 181 -10.36 5.71 30.03
C SER A 181 -9.53 6.92 29.67
N THR A 182 -9.80 8.04 30.33
CA THR A 182 -9.03 9.25 30.06
C THR A 182 -8.13 9.57 31.25
N LEU A 183 -6.84 9.74 30.97
CA LEU A 183 -5.85 10.18 31.97
C LEU A 183 -5.79 9.33 33.21
N CYS A 184 -6.18 8.06 33.08
CA CYS A 184 -6.16 7.17 34.23
C CYS A 184 -4.99 6.19 34.21
N LEU A 185 -4.81 5.43 33.10
CA LEU A 185 -3.85 4.34 33.05
C LEU A 185 -2.38 4.71 33.32
N ASP A 186 -1.91 5.87 32.87
CA ASP A 186 -0.54 6.32 33.19
C ASP A 186 -0.37 6.51 34.70
N ALA A 187 -1.43 6.94 35.39
CA ALA A 187 -1.38 7.19 36.83
C ALA A 187 -1.54 5.91 37.66
N ALA A 188 -2.30 4.94 37.13
CA ALA A 188 -2.61 3.70 37.85
C ALA A 188 -1.63 2.57 37.65
N CYS A 189 -0.75 2.61 36.63
CA CYS A 189 0.19 1.52 36.30
C CYS A 189 1.63 1.86 36.57
N PRO A 190 2.27 1.16 37.55
CA PRO A 190 3.66 1.50 37.93
C PRO A 190 4.74 1.12 36.94
N ASP A 191 4.42 0.20 36.03
CA ASP A 191 5.37 -0.26 35.03
C ASP A 191 4.64 -0.75 33.77
N LEU A 192 5.40 -0.94 32.67
CA LEU A 192 4.86 -1.39 31.37
C LEU A 192 4.15 -2.76 31.46
N PRO A 193 4.67 -3.79 32.16
CA PRO A 193 3.91 -5.04 32.27
C PRO A 193 2.56 -4.84 32.95
N THR A 194 2.49 -3.98 33.98
CA THR A 194 1.21 -3.69 34.66
C THR A 194 0.25 -2.95 33.73
N TYR A 195 0.80 -2.05 32.92
CA TYR A 195 0.02 -1.30 31.95
C TYR A 195 -0.61 -2.26 30.93
N CYS A 196 0.17 -3.25 30.44
CA CYS A 196 -0.34 -4.26 29.53
C CYS A 196 -1.39 -5.13 30.21
N ARG A 197 -1.16 -5.55 31.46
CA ARG A 197 -2.18 -6.31 32.21
C ARG A 197 -3.42 -5.50 32.41
N ALA A 198 -3.31 -4.17 32.71
CA ALA A 198 -4.49 -3.34 32.93
C ALA A 198 -5.32 -3.27 31.66
N LEU A 199 -4.67 -3.22 30.49
CA LEU A 199 -5.39 -3.21 29.21
C LEU A 199 -6.14 -4.55 29.05
N ARG A 200 -5.51 -5.66 29.42
CA ARG A 200 -6.18 -6.98 29.38
C ARG A 200 -7.36 -7.01 30.34
N ASN A 201 -7.19 -6.43 31.54
CA ASN A 201 -8.23 -6.40 32.59
C ASN A 201 -9.42 -5.57 32.13
N LEU A 202 -9.17 -4.44 31.44
CA LEU A 202 -10.25 -3.64 30.89
C LEU A 202 -11.01 -4.43 29.81
N GLY A 203 -10.28 -5.24 29.04
CA GLY A 203 -10.81 -6.08 27.98
C GLY A 203 -11.80 -7.10 28.49
N SER A 204 -11.62 -7.54 29.75
CA SER A 204 -12.56 -8.48 30.39
C SER A 204 -13.96 -7.83 30.55
N LEU A 205 -14.05 -6.49 30.57
CA LEU A 205 -15.33 -5.81 30.69
C LEU A 205 -16.02 -5.57 29.34
N LEU A 206 -15.30 -5.81 28.24
CA LEU A 206 -15.76 -5.54 26.89
C LEU A 206 -16.29 -6.80 26.20
N LYS A 207 -17.30 -6.61 25.40
CA LYS A 207 -17.83 -7.70 24.59
C LYS A 207 -16.82 -7.94 23.45
N PRO A 208 -16.82 -9.15 22.83
CA PRO A 208 -15.93 -9.36 21.66
C PRO A 208 -16.19 -8.30 20.59
N GLY A 209 -15.14 -7.71 20.04
CA GLY A 209 -15.32 -6.66 19.04
C GLY A 209 -15.69 -5.29 19.59
N GLY A 210 -15.80 -5.18 20.90
CA GLY A 210 -16.14 -3.92 21.56
C GLY A 210 -14.99 -2.94 21.47
N PHE A 211 -15.32 -1.66 21.63
CA PHE A 211 -14.33 -0.61 21.50
C PHE A 211 -13.60 -0.21 22.78
N LEU A 212 -12.31 0.07 22.66
CA LEU A 212 -11.50 0.56 23.75
C LEU A 212 -11.06 1.97 23.34
N VAL A 213 -11.37 2.97 24.14
CA VAL A 213 -10.97 4.33 23.85
C VAL A 213 -10.05 4.80 24.96
N ILE A 214 -8.79 5.11 24.64
CA ILE A 214 -7.83 5.57 25.66
C ILE A 214 -7.26 6.92 25.24
N MET A 215 -7.23 7.89 26.16
CA MET A 215 -6.58 9.18 25.95
C MET A 215 -5.71 9.40 27.16
N ASP A 216 -4.42 9.71 27.00
CA ASP A 216 -3.53 9.90 28.16
C ASP A 216 -2.28 10.64 27.79
N ALA A 217 -1.44 10.98 28.79
CA ALA A 217 -0.21 11.74 28.56
C ALA A 217 0.90 10.88 27.99
N LEU A 218 1.73 11.46 27.15
CA LEU A 218 2.90 10.76 26.62
C LEU A 218 4.14 11.24 27.41
N LYS A 219 5.05 10.29 27.70
CA LYS A 219 6.35 10.50 28.31
C LYS A 219 6.28 11.33 29.57
N SER A 220 5.28 11.03 30.41
CA SER A 220 5.09 11.82 31.62
C SER A 220 5.42 10.97 32.83
N SER A 221 6.32 11.47 33.70
CA SER A 221 6.71 10.71 34.88
C SER A 221 6.06 11.22 36.18
N TYR A 222 5.32 12.36 36.13
CA TYR A 222 4.56 12.86 37.28
C TYR A 222 3.56 13.89 36.81
N TYR A 223 2.56 14.16 37.66
CA TYR A 223 1.62 15.25 37.55
C TYR A 223 1.32 15.74 38.97
N MET A 224 0.93 17.02 39.09
CA MET A 224 0.73 17.70 40.36
C MET A 224 -0.68 18.15 40.57
N ILE A 225 -1.13 18.19 41.82
CA ILE A 225 -2.39 18.79 42.20
C ILE A 225 -1.97 19.74 43.31
N GLY A 226 -1.62 20.97 42.95
CA GLY A 226 -1.04 21.93 43.89
C GLY A 226 0.35 21.43 44.26
N GLU A 227 0.64 21.27 45.58
CA GLU A 227 1.92 20.71 46.00
C GLU A 227 1.95 19.17 46.02
N GLN A 228 0.80 18.52 45.86
CA GLN A 228 0.74 17.05 45.86
C GLN A 228 1.27 16.46 44.56
N LYS A 229 2.32 15.66 44.65
CA LYS A 229 2.91 15.00 43.50
C LYS A 229 2.29 13.63 43.32
N PHE A 230 2.07 13.24 42.07
CA PHE A 230 1.55 11.91 41.77
C PHE A 230 2.41 11.32 40.66
N SER A 231 2.80 10.07 40.77
CA SER A 231 3.58 9.41 39.74
C SER A 231 2.77 9.18 38.44
N SER A 232 3.49 9.05 37.34
CA SER A 232 2.93 8.71 36.06
C SER A 232 3.94 7.79 35.38
N LEU A 233 3.45 6.81 34.63
CA LEU A 233 4.32 5.92 33.88
C LEU A 233 4.69 6.64 32.58
N PRO A 234 5.98 6.87 32.35
CA PRO A 234 6.38 7.62 31.15
C PRO A 234 6.40 6.73 29.93
N LEU A 235 5.35 6.82 29.09
CA LEU A 235 5.29 5.95 27.92
C LEU A 235 5.29 6.77 26.66
N GLY A 236 6.01 6.30 25.64
CA GLY A 236 5.95 6.91 24.33
C GLY A 236 4.89 6.21 23.47
N ARG A 237 4.57 6.77 22.30
CA ARG A 237 3.52 6.23 21.45
C ARG A 237 3.78 4.76 21.05
N GLU A 238 5.05 4.39 20.82
CA GLU A 238 5.35 3.03 20.39
C GLU A 238 5.02 2.01 21.48
N ALA A 239 5.31 2.34 22.75
CA ALA A 239 5.03 1.41 23.85
C ALA A 239 3.53 1.31 24.10
N VAL A 240 2.77 2.41 23.89
CA VAL A 240 1.32 2.37 24.08
C VAL A 240 0.71 1.46 23.01
N GLU A 241 1.07 1.67 21.74
CA GLU A 241 0.58 0.83 20.64
C GLU A 241 0.95 -0.63 20.85
N ALA A 242 2.19 -0.91 21.25
CA ALA A 242 2.63 -2.28 21.45
C ALA A 242 1.85 -2.96 22.58
N ALA A 243 1.61 -2.27 23.68
CA ALA A 243 0.88 -2.84 24.82
C ALA A 243 -0.55 -3.17 24.44
N VAL A 244 -1.21 -2.29 23.65
CA VAL A 244 -2.58 -2.49 23.19
C VAL A 244 -2.65 -3.74 22.28
N LYS A 245 -1.64 -3.91 21.40
CA LYS A 245 -1.63 -5.11 20.54
C LYS A 245 -1.34 -6.37 21.35
N GLU A 246 -0.42 -6.28 22.32
CA GLU A 246 -0.08 -7.38 23.21
C GLU A 246 -1.29 -7.82 24.05
N ALA A 247 -2.12 -6.85 24.45
CA ALA A 247 -3.31 -7.09 25.25
C ALA A 247 -4.49 -7.66 24.50
N GLY A 248 -4.37 -7.86 23.18
CA GLY A 248 -5.44 -8.48 22.42
C GLY A 248 -6.41 -7.56 21.71
N TYR A 249 -5.94 -6.36 21.29
CA TYR A 249 -6.76 -5.42 20.53
C TYR A 249 -6.18 -5.17 19.16
N THR A 250 -7.00 -4.57 18.30
CA THR A 250 -6.56 -4.12 17.00
C THR A 250 -6.81 -2.61 16.97
N ILE A 251 -5.80 -1.82 16.59
CA ILE A 251 -5.90 -0.36 16.60
C ILE A 251 -6.61 0.20 15.34
N GLU A 252 -7.61 1.05 15.54
CA GLU A 252 -8.35 1.67 14.44
C GLU A 252 -7.72 2.98 14.04
N TRP A 253 -7.39 3.78 15.03
CA TRP A 253 -6.67 5.01 14.80
C TRP A 253 -5.90 5.42 16.05
N PHE A 254 -4.80 6.16 15.83
CA PHE A 254 -3.91 6.62 16.87
C PHE A 254 -3.49 8.03 16.55
N GLU A 255 -3.73 8.96 17.46
CA GLU A 255 -3.35 10.35 17.26
C GLU A 255 -2.44 10.84 18.38
N VAL A 256 -1.42 11.60 18.03
CA VAL A 256 -0.56 12.23 19.01
C VAL A 256 -0.70 13.74 18.88
N ILE A 257 -0.92 14.47 19.98
CA ILE A 257 -0.94 15.93 19.95
C ILE A 257 0.31 16.41 20.66
N SER A 258 0.95 17.44 20.15
CA SER A 258 2.20 17.93 20.76
C SER A 258 1.97 18.77 22.03
N GLN A 259 0.78 19.34 22.19
CA GLN A 259 0.43 20.19 23.32
C GLN A 259 0.67 19.49 24.66
N SER A 260 1.48 20.12 25.52
CA SER A 260 1.78 19.57 26.85
C SER A 260 1.16 20.41 27.94
N TYR A 261 1.08 19.87 29.18
CA TYR A 261 0.56 20.62 30.30
C TYR A 261 1.56 21.68 30.68
N SER A 262 1.12 22.65 31.51
CA SER A 262 2.06 23.66 32.03
C SER A 262 3.17 22.97 32.83
N SER A 263 4.36 23.56 32.84
CA SER A 263 5.53 23.01 33.52
C SER A 263 5.27 22.70 34.99
N THR A 264 4.41 23.51 35.62
CA THR A 264 4.02 23.37 37.02
C THR A 264 3.02 22.21 37.26
N MET A 265 2.42 21.66 36.20
CA MET A 265 1.43 20.60 36.34
C MET A 265 2.00 19.22 36.04
N ALA A 266 2.78 19.07 34.96
CA ALA A 266 3.29 17.76 34.55
C ALA A 266 4.47 17.92 33.58
N ASN A 267 5.29 16.87 33.43
CA ASN A 267 6.44 16.92 32.53
C ASN A 267 6.16 16.11 31.24
N ASN A 268 4.89 16.06 30.79
CA ASN A 268 4.54 15.29 29.58
C ASN A 268 5.03 15.92 28.27
N GLU A 269 5.18 15.07 27.24
CA GLU A 269 5.54 15.48 25.92
C GLU A 269 4.33 15.16 25.05
N GLY A 270 3.27 15.92 25.24
CA GLY A 270 2.04 15.71 24.49
C GLY A 270 1.10 14.67 25.06
N LEU A 271 0.09 14.32 24.27
CA LEU A 271 -0.91 13.34 24.67
C LEU A 271 -1.25 12.49 23.46
N PHE A 272 -1.81 11.32 23.71
CA PHE A 272 -2.27 10.45 22.66
C PHE A 272 -3.77 10.16 22.87
N SER A 273 -4.44 9.74 21.78
CA SER A 273 -5.81 9.26 21.79
C SER A 273 -5.80 8.09 20.84
N LEU A 274 -6.46 7.03 21.24
CA LEU A 274 -6.59 5.87 20.38
C LEU A 274 -7.96 5.26 20.52
N VAL A 275 -8.38 4.57 19.46
CA VAL A 275 -9.58 3.77 19.41
C VAL A 275 -9.12 2.39 18.96
N ALA A 276 -9.44 1.35 19.73
CA ALA A 276 -9.07 -0.01 19.40
C ALA A 276 -10.27 -0.95 19.52
N ARG A 277 -10.19 -2.15 18.93
CA ARG A 277 -11.28 -3.13 19.06
C ARG A 277 -10.74 -4.38 19.65
N LYS A 278 -11.45 -4.96 20.63
CA LYS A 278 -11.02 -6.18 21.27
C LYS A 278 -11.17 -7.37 20.31
N LEU A 279 -10.12 -8.16 20.15
CA LEU A 279 -10.22 -9.37 19.32
C LEU A 279 -10.94 -10.38 20.25
N SER A 280 -12.22 -10.70 19.93
CA SER A 280 -13.12 -11.61 20.69
C SER A 280 -12.99 -11.49 22.24
N GLY B 23 12.27 4.10 -10.75
CA GLY B 23 11.32 4.64 -11.73
C GLY B 23 10.08 5.23 -11.10
N PHE B 24 9.60 6.40 -11.59
CA PHE B 24 8.45 7.08 -11.02
C PHE B 24 7.68 7.85 -12.08
N THR B 25 6.34 7.86 -12.01
CA THR B 25 5.47 8.61 -12.94
C THR B 25 5.95 10.07 -13.12
N SER B 26 6.17 10.52 -14.36
CA SER B 26 6.59 11.88 -14.65
C SER B 26 5.43 12.85 -14.52
N LYS B 27 5.68 14.14 -14.19
CA LYS B 27 4.61 15.16 -14.06
C LYS B 27 3.77 15.28 -15.30
N ASP B 28 4.39 15.23 -16.48
CA ASP B 28 3.68 15.31 -17.75
C ASP B 28 2.61 14.22 -17.90
N THR B 29 2.79 13.06 -17.19
CA THR B 29 1.80 11.98 -17.22
C THR B 29 0.48 12.44 -16.60
N TYR B 30 0.53 13.38 -15.62
CA TYR B 30 -0.70 13.90 -15.07
C TYR B 30 -1.49 14.72 -16.03
N LEU B 31 -0.84 15.48 -16.88
CA LEU B 31 -1.54 16.30 -17.87
C LEU B 31 -2.37 15.43 -18.86
N SER B 32 -1.80 14.31 -19.27
CA SER B 32 -2.37 13.48 -20.29
C SER B 32 -3.13 12.26 -19.86
N HIS B 33 -2.65 11.55 -18.83
CA HIS B 33 -3.18 10.25 -18.46
C HIS B 33 -4.02 10.20 -17.21
N PHE B 34 -4.15 11.32 -16.48
CA PHE B 34 -5.00 11.32 -15.30
C PHE B 34 -6.37 11.77 -15.78
N ASN B 35 -7.34 10.82 -15.85
CA ASN B 35 -8.70 11.12 -16.34
C ASN B 35 -9.51 11.59 -15.14
N PRO B 36 -9.90 12.87 -15.06
CA PRO B 36 -10.59 13.35 -13.87
C PRO B 36 -11.94 12.74 -13.62
N ARG B 37 -12.76 12.49 -14.67
CA ARG B 37 -14.08 11.89 -14.44
C ARG B 37 -13.95 10.45 -14.00
N ASP B 38 -12.99 9.72 -14.54
CA ASP B 38 -12.74 8.34 -14.13
C ASP B 38 -12.28 8.29 -12.68
N TYR B 39 -11.40 9.22 -12.27
CA TYR B 39 -10.90 9.32 -10.90
C TYR B 39 -12.06 9.54 -9.94
N LEU B 40 -12.96 10.45 -10.27
CA LEU B 40 -14.10 10.75 -9.42
C LEU B 40 -15.06 9.57 -9.34
N GLU B 41 -15.24 8.88 -10.44
CA GLU B 41 -16.11 7.72 -10.51
C GLU B 41 -15.55 6.60 -9.63
N LYS B 42 -14.24 6.39 -9.70
CA LYS B 42 -13.54 5.33 -8.98
C LYS B 42 -13.40 5.53 -7.49
N TYR B 43 -13.24 6.78 -7.06
CA TYR B 43 -12.98 7.03 -5.65
C TYR B 43 -14.02 7.80 -4.91
N TYR B 44 -14.80 8.65 -5.57
CA TYR B 44 -15.68 9.58 -4.89
C TYR B 44 -17.15 9.49 -5.21
N LYS B 45 -17.60 8.39 -5.85
CA LYS B 45 -19.03 8.28 -6.14
C LYS B 45 -19.84 8.14 -4.80
N PHE B 46 -19.22 7.56 -3.75
CA PHE B 46 -19.78 7.45 -2.40
C PHE B 46 -21.05 6.62 -2.40
N GLY B 47 -20.96 5.44 -3.02
CA GLY B 47 -22.08 4.52 -3.11
C GLY B 47 -22.45 3.91 -1.78
N SER B 48 -23.72 3.47 -1.66
CA SER B 48 -24.31 2.85 -0.46
C SER B 48 -23.52 1.62 0.05
N ARG B 49 -22.73 1.00 -0.83
CA ARG B 49 -21.89 -0.13 -0.48
C ARG B 49 -20.71 0.38 0.34
N HIS B 50 -20.42 -0.32 1.46
CA HIS B 50 -19.38 0.06 2.42
C HIS B 50 -17.97 -0.31 1.97
N SER B 51 -17.59 0.19 0.79
CA SER B 51 -16.28 -0.02 0.16
C SER B 51 -15.16 0.61 0.98
N ALA B 52 -13.91 0.13 0.79
CA ALA B 52 -12.75 0.72 1.44
C ALA B 52 -12.60 2.21 1.03
N GLU B 53 -12.97 2.55 -0.22
CA GLU B 53 -12.88 3.92 -0.75
C GLU B 53 -13.83 4.85 -0.04
N SER B 54 -15.06 4.41 0.21
CA SER B 54 -16.03 5.23 0.93
C SER B 54 -15.67 5.37 2.38
N GLN B 55 -15.04 4.36 2.99
CA GLN B 55 -14.62 4.41 4.38
C GLN B 55 -13.49 5.43 4.57
N ILE B 56 -12.57 5.46 3.60
CA ILE B 56 -11.47 6.42 3.65
C ILE B 56 -12.04 7.81 3.47
N LEU B 57 -12.95 8.00 2.48
CA LEU B 57 -13.60 9.30 2.25
C LEU B 57 -14.28 9.81 3.54
N LYS B 58 -15.03 8.95 4.23
CA LYS B 58 -15.67 9.32 5.49
C LYS B 58 -14.64 9.73 6.54
N HIS B 59 -13.55 8.94 6.73
CA HIS B 59 -12.53 9.34 7.69
C HIS B 59 -11.88 10.67 7.33
N LEU B 60 -11.59 10.92 6.03
CA LEU B 60 -11.01 12.19 5.60
C LEU B 60 -11.93 13.35 5.97
N LEU B 61 -13.24 13.18 5.68
CA LEU B 61 -14.25 14.20 5.95
C LEU B 61 -14.36 14.50 7.44
N LYS B 62 -14.29 13.47 8.27
CA LYS B 62 -14.36 13.66 9.73
C LYS B 62 -13.14 14.39 10.23
N ASN B 63 -11.95 14.03 9.71
CA ASN B 63 -10.72 14.72 10.07
C ASN B 63 -10.72 16.17 9.65
N LEU B 64 -11.21 16.45 8.43
CA LEU B 64 -11.31 17.82 7.92
C LEU B 64 -12.32 18.63 8.73
N PHE B 65 -13.42 17.99 9.15
CA PHE B 65 -14.41 18.69 9.99
C PHE B 65 -13.75 19.05 11.33
N LYS B 66 -13.03 18.08 11.94
CA LYS B 66 -12.32 18.30 13.19
C LYS B 66 -11.27 19.39 13.08
N ILE B 67 -10.53 19.46 11.99
CA ILE B 67 -9.50 20.50 11.80
C ILE B 67 -10.06 21.90 11.60
N PHE B 68 -11.08 22.04 10.76
CA PHE B 68 -11.59 23.35 10.38
C PHE B 68 -12.73 23.91 11.23
N CYS B 69 -13.70 23.09 11.59
CA CYS B 69 -14.84 23.60 12.34
C CYS B 69 -14.65 23.45 13.85
N LEU B 70 -14.17 22.28 14.27
CA LEU B 70 -13.90 22.02 15.68
C LEU B 70 -12.64 22.80 16.15
N ASP B 71 -11.48 22.58 15.48
CA ASP B 71 -10.23 23.28 15.81
C ASP B 71 -10.29 24.77 15.35
N GLY B 72 -9.31 25.56 15.78
CA GLY B 72 -9.24 26.96 15.41
C GLY B 72 -8.60 27.22 14.07
N VAL B 73 -8.54 26.19 13.14
CA VAL B 73 -7.92 26.44 11.83
C VAL B 73 -8.85 27.26 10.95
N LYS B 74 -8.59 28.56 10.89
CA LYS B 74 -9.40 29.51 10.12
C LYS B 74 -8.56 30.74 9.69
N GLY B 75 -9.16 31.58 8.84
CA GLY B 75 -8.49 32.77 8.37
C GLY B 75 -9.13 33.35 7.14
N ASP B 76 -8.43 34.26 6.52
CA ASP B 76 -8.90 34.92 5.31
C ASP B 76 -8.64 34.07 4.06
N LEU B 77 -7.56 33.26 4.06
CA LEU B 77 -7.19 32.52 2.87
C LEU B 77 -6.62 31.12 3.15
N LEU B 78 -7.17 30.13 2.43
CA LEU B 78 -6.70 28.75 2.42
C LEU B 78 -6.33 28.44 0.96
N ILE B 79 -5.17 27.83 0.74
CA ILE B 79 -4.77 27.39 -0.59
C ILE B 79 -4.78 25.87 -0.54
N ASP B 80 -5.58 25.26 -1.40
CA ASP B 80 -5.65 23.79 -1.50
C ASP B 80 -4.68 23.41 -2.64
N ILE B 81 -3.70 22.56 -2.32
CA ILE B 81 -2.63 22.16 -3.23
C ILE B 81 -2.90 20.77 -3.82
N GLY B 82 -2.86 20.68 -5.15
CA GLY B 82 -3.09 19.39 -5.81
C GLY B 82 -4.52 18.94 -5.63
N SER B 83 -5.45 19.90 -5.74
CA SER B 83 -6.87 19.70 -5.57
C SER B 83 -7.44 18.60 -6.47
N GLY B 84 -6.83 18.43 -7.64
CA GLY B 84 -7.35 17.52 -8.66
C GLY B 84 -8.70 18.02 -9.11
N PRO B 85 -9.64 17.10 -9.41
CA PRO B 85 -10.99 17.53 -9.76
C PRO B 85 -11.92 17.43 -8.57
N THR B 86 -11.38 17.40 -7.30
CA THR B 86 -12.23 17.17 -6.13
C THR B 86 -12.51 18.39 -5.30
N ILE B 87 -13.72 18.39 -4.67
CA ILE B 87 -14.13 19.47 -3.78
C ILE B 87 -14.39 18.98 -2.34
N TYR B 88 -14.43 17.67 -2.09
CA TYR B 88 -14.74 17.14 -0.75
C TYR B 88 -13.87 17.73 0.36
N GLN B 89 -12.59 17.96 0.05
CA GLN B 89 -11.62 18.46 1.02
C GLN B 89 -11.81 19.94 1.37
N LEU B 90 -12.76 20.61 0.73
CA LEU B 90 -13.04 22.03 0.93
C LEU B 90 -14.39 22.29 1.63
N LEU B 91 -15.25 21.27 1.76
CA LEU B 91 -16.59 21.43 2.31
C LEU B 91 -16.62 21.99 3.71
N SER B 92 -15.82 21.46 4.65
CA SER B 92 -15.76 22.04 5.99
C SER B 92 -14.91 23.33 6.01
N ALA B 93 -13.88 23.39 5.18
CA ALA B 93 -12.99 24.55 5.13
C ALA B 93 -13.71 25.81 4.71
N CYS B 94 -14.74 25.72 3.85
CA CYS B 94 -15.47 26.92 3.41
C CYS B 94 -16.26 27.59 4.54
N GLU B 95 -16.50 26.87 5.65
CA GLU B 95 -17.15 27.47 6.81
C GLU B 95 -16.17 28.37 7.57
N SER B 96 -14.85 28.11 7.46
CA SER B 96 -13.80 28.79 8.22
C SER B 96 -12.91 29.74 7.46
N PHE B 97 -12.98 29.76 6.12
CA PHE B 97 -12.11 30.65 5.34
C PHE B 97 -12.90 31.54 4.40
N LYS B 98 -12.56 32.84 4.38
CA LYS B 98 -13.24 33.80 3.50
C LYS B 98 -13.01 33.39 2.04
N GLU B 99 -11.75 33.04 1.71
CA GLU B 99 -11.37 32.66 0.37
C GLU B 99 -10.62 31.37 0.37
N ILE B 100 -10.89 30.58 -0.63
CA ILE B 100 -10.23 29.31 -0.88
C ILE B 100 -9.69 29.40 -2.31
N VAL B 101 -8.41 29.07 -2.51
CA VAL B 101 -7.80 29.03 -3.84
C VAL B 101 -7.53 27.57 -4.14
N VAL B 102 -8.05 27.05 -5.26
CA VAL B 102 -7.82 25.65 -5.60
C VAL B 102 -6.74 25.58 -6.66
N THR B 103 -5.83 24.61 -6.54
CA THR B 103 -4.70 24.54 -7.47
C THR B 103 -4.40 23.12 -7.90
N ASP B 104 -3.82 22.93 -9.09
CA ASP B 104 -3.41 21.60 -9.52
C ASP B 104 -2.42 21.68 -10.65
N TYR B 105 -1.61 20.64 -10.82
CA TYR B 105 -0.67 20.59 -11.93
C TYR B 105 -1.44 20.33 -13.27
N SER B 106 -2.57 19.63 -13.22
CA SER B 106 -3.31 19.27 -14.41
C SER B 106 -4.41 20.25 -14.79
N ASP B 107 -4.37 20.72 -16.04
CA ASP B 107 -5.39 21.62 -16.60
C ASP B 107 -6.72 20.88 -16.74
N GLN B 108 -6.70 19.60 -17.13
CA GLN B 108 -7.93 18.80 -17.25
C GLN B 108 -8.63 18.70 -15.89
N ASN B 109 -7.85 18.54 -14.81
CA ASN B 109 -8.43 18.47 -13.47
C ASN B 109 -9.09 19.76 -13.08
N LEU B 110 -8.42 20.87 -13.34
CA LEU B 110 -8.98 22.18 -13.02
C LEU B 110 -10.23 22.49 -13.85
N GLN B 111 -10.29 22.02 -15.09
CA GLN B 111 -11.50 22.21 -15.91
C GLN B 111 -12.67 21.43 -15.30
N GLU B 112 -12.44 20.19 -14.84
CA GLU B 112 -13.49 19.39 -14.20
C GLU B 112 -13.95 20.04 -12.89
N LEU B 113 -13.02 20.65 -12.14
CA LEU B 113 -13.34 21.36 -10.90
C LEU B 113 -14.22 22.59 -11.26
N GLU B 114 -13.84 23.32 -12.29
CA GLU B 114 -14.57 24.50 -12.72
C GLU B 114 -15.96 24.17 -13.23
N LYS B 115 -16.18 22.96 -13.78
CA LYS B 115 -17.52 22.53 -14.18
C LYS B 115 -18.44 22.50 -12.94
N TRP B 116 -17.93 22.00 -11.81
CA TRP B 116 -18.72 21.97 -10.59
C TRP B 116 -18.92 23.37 -10.02
N LEU B 117 -17.85 24.16 -9.93
CA LEU B 117 -17.83 25.52 -9.41
C LEU B 117 -18.85 26.42 -10.15
N LYS B 118 -18.90 26.29 -11.48
CA LYS B 118 -19.81 27.08 -12.31
C LYS B 118 -21.17 26.41 -12.51
N ALA B 119 -21.48 25.30 -11.82
CA ALA B 119 -22.75 24.60 -11.99
C ALA B 119 -23.07 24.31 -13.48
N ALA B 120 -22.07 23.76 -14.17
CA ALA B 120 -22.16 23.38 -15.57
C ALA B 120 -22.91 22.05 -15.70
N PRO B 121 -23.43 21.73 -16.91
CA PRO B 121 -24.22 20.49 -17.04
C PRO B 121 -23.50 19.18 -16.75
N ALA B 122 -22.25 19.09 -17.17
CA ALA B 122 -21.49 17.86 -17.00
C ALA B 122 -20.78 17.73 -15.65
N ALA B 123 -21.11 18.57 -14.66
CA ALA B 123 -20.45 18.54 -13.35
C ALA B 123 -20.67 17.25 -12.59
N PHE B 124 -19.68 16.85 -11.75
CA PHE B 124 -19.78 15.65 -10.94
C PHE B 124 -20.84 15.83 -9.85
N ASP B 125 -21.56 14.75 -9.53
CA ASP B 125 -22.56 14.80 -8.49
C ASP B 125 -21.92 14.61 -7.12
N TRP B 126 -21.70 15.71 -6.42
CA TRP B 126 -21.14 15.65 -5.07
C TRP B 126 -22.21 15.61 -3.98
N SER B 127 -23.51 15.64 -4.33
CA SER B 127 -24.59 15.65 -3.33
C SER B 127 -24.49 14.59 -2.19
N PRO B 128 -24.10 13.29 -2.38
CA PRO B 128 -24.01 12.40 -1.20
C PRO B 128 -22.93 12.82 -0.19
N VAL B 129 -21.80 13.35 -0.71
CA VAL B 129 -20.71 13.80 0.14
C VAL B 129 -21.12 15.10 0.85
N VAL B 130 -21.77 16.02 0.11
CA VAL B 130 -22.25 17.29 0.63
C VAL B 130 -23.24 17.05 1.78
N THR B 131 -24.14 16.08 1.60
CA THR B 131 -25.14 15.71 2.60
C THR B 131 -24.44 15.16 3.83
N TYR B 132 -23.42 14.31 3.64
CA TYR B 132 -22.65 13.72 4.73
C TYR B 132 -21.96 14.81 5.54
N VAL B 133 -21.36 15.81 4.86
CA VAL B 133 -20.71 16.91 5.56
C VAL B 133 -21.73 17.73 6.36
N CYS B 134 -22.89 18.03 5.76
CA CYS B 134 -23.97 18.75 6.46
C CYS B 134 -24.39 18.03 7.75
N ASP B 135 -24.51 16.68 7.72
CA ASP B 135 -24.86 15.85 8.87
C ASP B 135 -23.80 16.03 9.95
N LEU B 136 -22.49 15.93 9.57
CA LEU B 136 -21.37 16.07 10.51
C LEU B 136 -21.42 17.38 11.25
N GLU B 137 -21.71 18.47 10.51
CA GLU B 137 -21.70 19.82 11.06
C GLU B 137 -22.90 20.21 11.92
N GLY B 138 -23.84 19.27 12.11
CA GLY B 138 -25.00 19.50 12.96
C GLY B 138 -26.31 19.74 12.24
N ASN B 139 -26.33 19.52 10.91
CA ASN B 139 -27.49 19.76 10.05
C ASN B 139 -27.96 21.22 10.13
N ARG B 140 -27.02 22.16 10.35
CA ARG B 140 -27.32 23.58 10.44
C ARG B 140 -27.89 24.09 9.12
N VAL B 141 -27.34 23.57 8.00
CA VAL B 141 -27.71 23.92 6.64
C VAL B 141 -27.97 22.62 5.83
N LYS B 142 -28.58 22.78 4.65
CA LYS B 142 -28.79 21.68 3.74
C LYS B 142 -27.84 21.81 2.53
N GLY B 143 -27.72 20.73 1.76
CA GLY B 143 -26.88 20.62 0.57
C GLY B 143 -26.70 21.84 -0.32
N PRO B 144 -27.80 22.40 -0.87
CA PRO B 144 -27.64 23.58 -1.75
C PRO B 144 -27.00 24.80 -1.08
N GLU B 145 -27.34 25.07 0.18
CA GLU B 145 -26.74 26.20 0.90
C GLU B 145 -25.24 25.94 1.12
N LYS B 146 -24.88 24.68 1.45
CA LYS B 146 -23.50 24.27 1.68
C LYS B 146 -22.70 24.45 0.38
N GLU B 147 -23.25 23.96 -0.74
CA GLU B 147 -22.61 24.05 -2.05
C GLU B 147 -22.40 25.49 -2.46
N GLU B 148 -23.37 26.35 -2.19
CA GLU B 148 -23.28 27.75 -2.55
C GLU B 148 -22.21 28.46 -1.70
N LYS B 149 -22.07 28.07 -0.42
CA LYS B 149 -21.03 28.65 0.42
C LYS B 149 -19.64 28.30 -0.13
N LEU B 150 -19.45 27.06 -0.62
CA LEU B 150 -18.18 26.67 -1.21
C LEU B 150 -17.91 27.43 -2.51
N ARG B 151 -18.91 27.53 -3.40
CA ARG B 151 -18.76 28.24 -4.67
C ARG B 151 -18.39 29.70 -4.46
N GLN B 152 -18.97 30.32 -3.44
CA GLN B 152 -18.68 31.72 -3.12
C GLN B 152 -17.25 31.90 -2.61
N ALA B 153 -16.74 30.91 -1.86
CA ALA B 153 -15.39 30.96 -1.28
C ALA B 153 -14.29 30.79 -2.34
N VAL B 154 -14.54 29.97 -3.36
CA VAL B 154 -13.53 29.72 -4.40
C VAL B 154 -13.53 30.83 -5.44
N LYS B 155 -12.48 31.66 -5.42
CA LYS B 155 -12.36 32.79 -6.34
C LYS B 155 -11.33 32.53 -7.43
N GLN B 156 -10.26 31.78 -7.12
CA GLN B 156 -9.21 31.53 -8.09
C GLN B 156 -8.93 30.04 -8.26
N VAL B 157 -8.67 29.62 -9.50
CA VAL B 157 -8.37 28.23 -9.85
C VAL B 157 -7.05 28.31 -10.57
N LEU B 158 -5.96 27.88 -9.91
CA LEU B 158 -4.63 28.08 -10.45
C LEU B 158 -3.80 26.85 -10.74
N LYS B 159 -2.90 26.97 -11.71
CA LYS B 159 -1.92 25.95 -11.99
C LYS B 159 -0.88 25.97 -10.88
N CYS B 160 -0.43 24.79 -10.46
CA CYS B 160 0.61 24.74 -9.45
C CYS B 160 1.54 23.56 -9.69
N ASP B 161 2.76 23.67 -9.22
CA ASP B 161 3.72 22.60 -9.33
C ASP B 161 4.48 22.63 -8.03
N VAL B 162 4.22 21.64 -7.17
CA VAL B 162 4.82 21.57 -5.85
C VAL B 162 6.33 21.36 -5.87
N THR B 163 6.90 20.89 -6.98
CA THR B 163 8.35 20.71 -7.06
C THR B 163 9.08 22.07 -7.30
N GLN B 164 8.34 23.13 -7.66
CA GLN B 164 8.97 24.41 -7.95
C GLN B 164 9.05 25.30 -6.74
N SER B 165 10.17 26.04 -6.58
CA SER B 165 10.30 26.95 -5.42
C SER B 165 9.17 27.99 -5.36
N GLN B 166 8.59 28.35 -6.51
CA GLN B 166 7.39 29.16 -6.58
C GLN B 166 6.33 28.22 -7.18
N PRO B 167 5.57 27.49 -6.35
CA PRO B 167 4.60 26.54 -6.90
C PRO B 167 3.57 27.19 -7.80
N LEU B 168 3.21 28.45 -7.55
CA LEU B 168 2.19 29.12 -8.34
C LEU B 168 2.74 29.94 -9.52
N GLY B 169 4.03 29.76 -9.83
CA GLY B 169 4.70 30.42 -10.93
C GLY B 169 4.75 31.92 -10.78
N ALA B 170 4.40 32.64 -11.83
CA ALA B 170 4.42 34.10 -11.79
C ALA B 170 3.21 34.73 -11.08
N VAL B 171 2.21 33.92 -10.70
CA VAL B 171 1.01 34.42 -10.03
C VAL B 171 1.27 34.76 -8.58
N PRO B 172 1.09 36.05 -8.20
CA PRO B 172 1.28 36.41 -6.81
C PRO B 172 -0.01 36.22 -6.01
N LEU B 173 0.14 35.75 -4.79
CA LEU B 173 -0.96 35.55 -3.90
C LEU B 173 -0.52 36.07 -2.56
N PRO B 174 -1.45 36.64 -1.78
CA PRO B 174 -1.11 37.02 -0.39
C PRO B 174 -0.69 35.76 0.38
N PRO B 175 0.17 35.87 1.41
CA PRO B 175 0.52 34.69 2.22
C PRO B 175 -0.75 34.12 2.85
N ALA B 176 -0.94 32.81 2.73
CA ALA B 176 -2.14 32.16 3.20
C ALA B 176 -2.13 31.88 4.69
N ASP B 177 -3.31 31.76 5.28
CA ASP B 177 -3.46 31.35 6.68
C ASP B 177 -3.33 29.82 6.81
N CYS B 178 -3.64 29.07 5.74
CA CYS B 178 -3.56 27.63 5.78
C CYS B 178 -3.23 27.11 4.37
N VAL B 179 -2.43 26.05 4.29
CA VAL B 179 -2.15 25.36 3.04
C VAL B 179 -2.64 23.94 3.28
N LEU B 180 -3.56 23.46 2.46
CA LEU B 180 -4.10 22.11 2.59
C LEU B 180 -3.68 21.27 1.40
N SER B 181 -3.33 20.01 1.62
CA SER B 181 -3.00 19.12 0.50
C SER B 181 -3.47 17.73 0.84
N THR B 182 -4.42 17.17 0.03
CA THR B 182 -4.88 15.80 0.29
C THR B 182 -4.45 14.85 -0.84
N LEU B 183 -3.92 13.70 -0.51
CA LEU B 183 -3.56 12.67 -1.53
C LEU B 183 -2.84 13.22 -2.74
N CYS B 184 -1.90 14.15 -2.57
CA CYS B 184 -1.13 14.79 -3.64
C CYS B 184 0.34 14.54 -3.50
N LEU B 185 0.94 14.88 -2.34
CA LEU B 185 2.38 14.88 -2.18
C LEU B 185 3.04 13.50 -2.37
N ASP B 186 2.38 12.35 -1.97
CA ASP B 186 3.05 11.05 -2.25
C ASP B 186 3.11 10.81 -3.73
N ALA B 187 2.18 11.35 -4.49
CA ALA B 187 2.06 11.17 -5.92
C ALA B 187 2.97 12.12 -6.68
N ALA B 188 3.21 13.31 -6.14
CA ALA B 188 3.99 14.32 -6.85
C ALA B 188 5.48 14.20 -6.60
N CYS B 189 5.91 13.50 -5.54
CA CYS B 189 7.33 13.46 -5.14
C CYS B 189 7.95 12.12 -5.35
N PRO B 190 9.00 12.05 -6.21
CA PRO B 190 9.61 10.74 -6.52
C PRO B 190 10.51 10.17 -5.45
N ASP B 191 10.98 11.00 -4.53
CA ASP B 191 11.85 10.58 -3.45
C ASP B 191 11.67 11.49 -2.22
N LEU B 192 12.20 11.03 -1.07
CA LEU B 192 12.14 11.72 0.20
C LEU B 192 12.75 13.15 0.16
N PRO B 193 13.93 13.38 -0.47
CA PRO B 193 14.43 14.76 -0.57
C PRO B 193 13.48 15.68 -1.33
N THR B 194 12.86 15.18 -2.40
CA THR B 194 11.88 15.98 -3.16
C THR B 194 10.64 16.26 -2.33
N TYR B 195 10.23 15.30 -1.52
CA TYR B 195 9.07 15.44 -0.64
C TYR B 195 9.36 16.55 0.38
N CYS B 196 10.58 16.58 0.94
CA CYS B 196 10.98 17.62 1.85
C CYS B 196 11.03 18.98 1.14
N ARG B 197 11.57 19.06 -0.10
CA ARG B 197 11.58 20.32 -0.85
C ARG B 197 10.18 20.75 -1.17
N ALA B 198 9.25 19.83 -1.51
CA ALA B 198 7.87 20.22 -1.82
C ALA B 198 7.22 20.84 -0.59
N LEU B 199 7.49 20.29 0.60
CA LEU B 199 6.96 20.84 1.87
C LEU B 199 7.50 22.27 2.06
N ARG B 200 8.79 22.50 1.78
CA ARG B 200 9.38 23.83 1.87
C ARG B 200 8.72 24.76 0.86
N ASN B 201 8.45 24.28 -0.38
CA ASN B 201 7.87 25.08 -1.44
C ASN B 201 6.46 25.51 -1.08
N LEU B 202 5.68 24.60 -0.47
CA LEU B 202 4.34 24.92 0.03
C LEU B 202 4.41 25.99 1.12
N GLY B 203 5.44 25.92 1.97
CA GLY B 203 5.68 26.84 3.06
C GLY B 203 5.90 28.25 2.58
N SER B 204 6.44 28.44 1.35
CA SER B 204 6.62 29.76 0.74
C SER B 204 5.25 30.46 0.52
N LEU B 205 4.15 29.68 0.43
CA LEU B 205 2.83 30.26 0.24
C LEU B 205 2.12 30.60 1.57
N LEU B 206 2.69 30.19 2.70
CA LEU B 206 2.09 30.31 4.01
C LEU B 206 2.69 31.49 4.77
N LYS B 207 1.84 32.15 5.54
CA LYS B 207 2.33 33.25 6.38
C LYS B 207 3.08 32.61 7.56
N PRO B 208 4.00 33.35 8.22
CA PRO B 208 4.65 32.81 9.42
C PRO B 208 3.61 32.38 10.45
N GLY B 209 3.76 31.17 11.00
CA GLY B 209 2.80 30.65 11.94
C GLY B 209 1.52 30.09 11.32
N GLY B 210 1.43 30.13 10.00
CA GLY B 210 0.28 29.58 9.28
C GLY B 210 0.24 28.07 9.35
N PHE B 211 -0.93 27.51 9.14
CA PHE B 211 -1.12 26.06 9.25
C PHE B 211 -0.88 25.28 7.94
N LEU B 212 -0.29 24.11 8.08
CA LEU B 212 -0.09 23.17 6.98
C LEU B 212 -0.92 21.95 7.34
N VAL B 213 -1.85 21.57 6.46
CA VAL B 213 -2.68 20.39 6.71
C VAL B 213 -2.42 19.42 5.60
N ILE B 214 -1.85 18.25 5.92
CA ILE B 214 -1.58 17.22 4.91
C ILE B 214 -2.31 15.93 5.28
N MET B 215 -2.97 15.30 4.33
CA MET B 215 -3.58 13.98 4.54
C MET B 215 -3.13 13.15 3.34
N ASP B 216 -2.58 11.95 3.58
CA ASP B 216 -2.08 11.16 2.45
C ASP B 216 -1.92 9.70 2.81
N ALA B 217 -1.57 8.83 1.83
CA ALA B 217 -1.44 7.41 2.09
C ALA B 217 -0.10 7.08 2.75
N LEU B 218 -0.10 6.06 3.61
CA LEU B 218 1.15 5.60 4.21
C LEU B 218 1.60 4.34 3.47
N LYS B 219 2.93 4.22 3.27
CA LYS B 219 3.61 3.08 2.69
C LYS B 219 2.99 2.61 1.38
N SER B 220 2.66 3.54 0.51
CA SER B 220 2.02 3.21 -0.75
C SER B 220 2.94 3.50 -1.89
N SER B 221 3.19 2.49 -2.75
CA SER B 221 4.06 2.69 -3.90
C SER B 221 3.31 2.83 -5.22
N TYR B 222 1.97 2.74 -5.21
CA TYR B 222 1.17 3.02 -6.36
C TYR B 222 -0.28 3.14 -6.03
N TYR B 223 -1.00 3.77 -6.92
CA TYR B 223 -2.46 3.82 -6.93
C TYR B 223 -2.95 3.78 -8.38
N MET B 224 -4.19 3.29 -8.58
CA MET B 224 -4.77 3.02 -9.87
C MET B 224 -5.97 3.86 -10.13
N ILE B 225 -6.21 4.21 -11.37
CA ILE B 225 -7.45 4.83 -11.82
C ILE B 225 -7.83 3.90 -12.97
N GLY B 226 -8.63 2.87 -12.66
CA GLY B 226 -8.95 1.83 -13.63
C GLY B 226 -7.69 1.02 -13.87
N GLU B 227 -7.32 0.83 -15.14
CA GLU B 227 -6.09 0.13 -15.47
C GLU B 227 -4.86 1.05 -15.48
N GLN B 228 -5.03 2.38 -15.34
CA GLN B 228 -3.86 3.28 -15.34
C GLN B 228 -3.20 3.25 -13.99
N LYS B 229 -1.91 2.94 -13.97
CA LYS B 229 -1.14 2.97 -12.74
C LYS B 229 -0.40 4.31 -12.62
N PHE B 230 -0.34 4.82 -11.38
CA PHE B 230 0.41 6.03 -11.02
C PHE B 230 1.29 5.69 -9.85
N SER B 231 2.55 6.15 -9.89
CA SER B 231 3.48 5.93 -8.79
C SER B 231 3.06 6.69 -7.52
N SER B 232 3.56 6.22 -6.41
CA SER B 232 3.40 6.89 -5.13
C SER B 232 4.68 6.64 -4.33
N LEU B 233 5.10 7.60 -3.52
CA LEU B 233 6.29 7.49 -2.70
C LEU B 233 5.89 6.77 -1.44
N PRO B 234 6.48 5.60 -1.16
CA PRO B 234 6.04 4.83 0.00
C PRO B 234 6.67 5.39 1.26
N LEU B 235 5.90 6.13 2.05
CA LEU B 235 6.45 6.74 3.26
C LEU B 235 5.74 6.25 4.47
N GLY B 236 6.48 5.96 5.54
CA GLY B 236 5.91 5.60 6.83
C GLY B 236 5.73 6.85 7.68
N ARG B 237 5.01 6.73 8.80
CA ARG B 237 4.73 7.91 9.62
C ARG B 237 5.99 8.64 10.11
N GLU B 238 7.05 7.91 10.45
CA GLU B 238 8.26 8.55 10.97
C GLU B 238 8.94 9.44 9.90
N ALA B 239 8.96 8.97 8.63
CA ALA B 239 9.58 9.77 7.56
C ALA B 239 8.73 10.98 7.22
N VAL B 240 7.39 10.87 7.32
CA VAL B 240 6.52 12.03 7.05
C VAL B 240 6.76 13.11 8.12
N GLU B 241 6.73 12.71 9.40
CA GLU B 241 6.98 13.63 10.50
C GLU B 241 8.36 14.27 10.38
N ALA B 242 9.38 13.47 10.08
CA ALA B 242 10.73 14.01 9.98
C ALA B 242 10.87 15.00 8.82
N ALA B 243 10.24 14.73 7.67
CA ALA B 243 10.32 15.67 6.52
C ALA B 243 9.65 17.00 6.83
N VAL B 244 8.51 16.97 7.55
CA VAL B 244 7.79 18.18 7.95
C VAL B 244 8.65 19.01 8.89
N LYS B 245 9.35 18.34 9.84
CA LYS B 245 10.24 19.09 10.76
C LYS B 245 11.45 19.65 10.00
N GLU B 246 12.01 18.87 9.06
CA GLU B 246 13.14 19.29 8.24
C GLU B 246 12.78 20.48 7.36
N ALA B 247 11.54 20.54 6.91
CA ALA B 247 11.04 21.63 6.07
C ALA B 247 10.69 22.92 6.82
N GLY B 248 10.86 22.94 8.14
CA GLY B 248 10.65 24.18 8.89
C GLY B 248 9.29 24.37 9.52
N TYR B 249 8.64 23.25 9.92
CA TYR B 249 7.35 23.31 10.58
C TYR B 249 7.43 22.68 11.96
N THR B 250 6.46 22.97 12.79
CA THR B 250 6.33 22.34 14.09
C THR B 250 5.02 21.52 14.02
N ILE B 251 5.04 20.27 14.44
CA ILE B 251 3.86 19.41 14.37
C ILE B 251 2.89 19.68 15.53
N GLU B 252 1.64 19.94 15.19
CA GLU B 252 0.59 20.19 16.19
C GLU B 252 -0.02 18.84 16.52
N TRP B 253 -0.40 18.09 15.49
CA TRP B 253 -0.92 16.75 15.72
C TRP B 253 -0.75 15.88 14.50
N PHE B 254 -0.68 14.57 14.79
CA PHE B 254 -0.44 13.58 13.77
C PHE B 254 -1.32 12.37 14.07
N GLU B 255 -2.13 11.93 13.11
CA GLU B 255 -3.00 10.78 13.28
C GLU B 255 -2.76 9.76 12.19
N VAL B 256 -2.74 8.48 12.55
CA VAL B 256 -2.62 7.41 11.59
C VAL B 256 -3.91 6.57 11.67
N ILE B 257 -4.53 6.27 10.52
CA ILE B 257 -5.68 5.41 10.47
C ILE B 257 -5.25 4.11 9.79
N SER B 258 -5.71 2.98 10.29
CA SER B 258 -5.29 1.69 9.73
C SER B 258 -5.98 1.33 8.39
N GLN B 259 -7.16 1.93 8.13
CA GLN B 259 -7.94 1.67 6.91
C GLN B 259 -7.13 1.90 5.63
N SER B 260 -7.08 0.90 4.75
CA SER B 260 -6.38 0.98 3.48
C SER B 260 -7.36 0.96 2.31
N TYR B 261 -6.92 1.37 1.10
CA TYR B 261 -7.77 1.33 -0.08
C TYR B 261 -7.93 -0.14 -0.47
N SER B 262 -8.88 -0.45 -1.38
CA SER B 262 -9.01 -1.82 -1.86
C SER B 262 -7.71 -2.26 -2.55
N SER B 263 -7.38 -3.55 -2.47
CA SER B 263 -6.14 -4.11 -3.04
C SER B 263 -6.00 -3.77 -4.55
N THR B 264 -7.12 -3.63 -5.24
CA THR B 264 -7.17 -3.29 -6.66
C THR B 264 -6.90 -1.79 -6.94
N MET B 265 -6.97 -0.93 -5.91
CA MET B 265 -6.78 0.50 -6.07
C MET B 265 -5.37 0.96 -5.66
N ALA B 266 -4.82 0.48 -4.54
CA ALA B 266 -3.52 0.93 -4.05
C ALA B 266 -2.94 -0.08 -3.07
N ASN B 267 -1.63 -0.04 -2.83
CA ASN B 267 -1.01 -0.98 -1.91
C ASN B 267 -0.66 -0.31 -0.56
N ASN B 268 -1.45 0.67 -0.15
CA ASN B 268 -1.15 1.43 1.08
C ASN B 268 -1.42 0.67 2.37
N GLU B 269 -0.77 1.12 3.44
CA GLU B 269 -0.92 0.57 4.78
C GLU B 269 -1.48 1.73 5.63
N GLY B 270 -2.72 2.09 5.38
CA GLY B 270 -3.35 3.17 6.09
C GLY B 270 -3.09 4.56 5.53
N LEU B 271 -3.52 5.57 6.27
CA LEU B 271 -3.38 6.96 5.87
C LEU B 271 -3.01 7.78 7.10
N PHE B 272 -2.45 8.94 6.87
CA PHE B 272 -2.12 9.85 7.96
C PHE B 272 -2.80 11.20 7.69
N SER B 273 -2.98 11.98 8.77
CA SER B 273 -3.46 13.34 8.72
C SER B 273 -2.57 14.08 9.71
N LEU B 274 -2.14 15.26 9.31
CA LEU B 274 -1.33 16.06 10.19
C LEU B 274 -1.67 17.48 10.07
N VAL B 275 -1.44 18.21 11.17
CA VAL B 275 -1.58 19.66 11.25
C VAL B 275 -0.24 20.15 11.78
N ALA B 276 0.41 21.06 11.05
CA ALA B 276 1.70 21.60 11.45
C ALA B 276 1.63 23.12 11.35
N ARG B 277 2.59 23.84 11.94
CA ARG B 277 2.63 25.29 11.82
C ARG B 277 4.00 25.69 11.30
N LYS B 278 4.04 26.63 10.37
CA LYS B 278 5.29 27.07 9.79
C LYS B 278 6.07 27.92 10.81
N LEU B 279 7.34 27.64 11.02
CA LEU B 279 8.18 28.48 11.87
C LEU B 279 8.55 29.67 10.97
N SER B 280 7.98 30.86 11.29
CA SER B 280 8.17 32.11 10.51
C SER B 280 8.21 31.91 8.97
N GLY C 23 4.87 29.64 17.63
CA GLY C 23 5.46 28.34 17.26
C GLY C 23 6.96 28.27 17.57
N PHE C 24 7.43 27.13 18.11
CA PHE C 24 8.84 26.98 18.50
C PHE C 24 9.29 25.54 18.34
N THR C 25 10.52 25.31 17.88
CA THR C 25 11.12 23.96 17.71
C THR C 25 10.93 23.11 19.00
N SER C 26 10.35 21.89 18.85
CA SER C 26 10.14 20.99 19.97
C SER C 26 11.43 20.31 20.38
N LYS C 27 11.61 19.92 21.67
CA LYS C 27 12.83 19.23 22.16
C LYS C 27 13.15 17.99 21.35
N ASP C 28 12.14 17.21 21.00
CA ASP C 28 12.33 15.99 20.22
C ASP C 28 13.01 16.26 18.88
N THR C 29 12.88 17.51 18.33
CA THR C 29 13.54 17.87 17.08
C THR C 29 15.05 17.85 17.23
N TYR C 30 15.58 18.12 18.46
CA TYR C 30 17.02 18.05 18.68
C TYR C 30 17.55 16.64 18.63
N LEU C 31 16.77 15.66 19.04
CA LEU C 31 17.20 14.26 18.98
C LEU C 31 17.40 13.76 17.52
N SER C 32 16.50 14.18 16.64
CA SER C 32 16.45 13.71 15.28
C SER C 32 17.05 14.59 14.22
N HIS C 33 16.85 15.91 14.30
CA HIS C 33 17.20 16.83 13.23
C HIS C 33 18.42 17.69 13.45
N PHE C 34 19.05 17.60 14.63
CA PHE C 34 20.26 18.38 14.87
C PHE C 34 21.40 17.47 14.48
N ASN C 35 22.06 17.74 13.33
CA ASN C 35 23.17 16.91 12.83
C ASN C 35 24.45 17.44 13.46
N PRO C 36 25.09 16.70 14.39
CA PRO C 36 26.26 17.25 15.08
C PRO C 36 27.46 17.51 14.17
N ARG C 37 27.75 16.64 13.20
CA ARG C 37 28.90 16.88 12.31
C ARG C 37 28.66 18.08 11.41
N ASP C 38 27.43 18.24 10.94
CA ASP C 38 27.07 19.38 10.11
C ASP C 38 27.19 20.68 10.92
N TYR C 39 26.74 20.66 12.18
CA TYR C 39 26.84 21.82 13.09
C TYR C 39 28.28 22.23 13.27
N LEU C 40 29.16 21.27 13.50
CA LEU C 40 30.57 21.55 13.71
C LEU C 40 31.23 22.08 12.45
N GLU C 41 30.84 21.53 11.30
CA GLU C 41 31.36 21.94 10.02
C GLU C 41 30.95 23.39 9.72
N LYS C 42 29.70 23.73 10.02
CA LYS C 42 29.12 25.04 9.77
C LYS C 42 29.59 26.15 10.66
N TYR C 43 29.86 25.84 11.93
CA TYR C 43 30.20 26.88 12.88
C TYR C 43 31.59 26.84 13.45
N TYR C 44 32.21 25.67 13.54
CA TYR C 44 33.46 25.52 14.27
C TYR C 44 34.65 25.01 13.50
N LYS C 45 34.60 25.01 12.15
CA LYS C 45 35.76 24.55 11.38
C LYS C 45 36.96 25.53 11.59
N PHE C 46 36.68 26.83 11.84
CA PHE C 46 37.66 27.86 12.17
C PHE C 46 38.64 28.06 11.02
N GLY C 47 38.08 28.23 9.82
CA GLY C 47 38.87 28.44 8.61
C GLY C 47 39.58 29.77 8.59
N SER C 48 40.68 29.86 7.83
CA SER C 48 41.52 31.06 7.65
C SER C 48 40.76 32.31 7.20
N ARG C 49 39.58 32.11 6.59
CA ARG C 49 38.71 33.20 6.16
C ARG C 49 38.08 33.82 7.40
N HIS C 50 38.09 35.17 7.46
CA HIS C 50 37.58 35.93 8.61
C HIS C 50 36.07 36.07 8.63
N SER C 51 35.38 34.92 8.63
CA SER C 51 33.92 34.81 8.66
C SER C 51 33.33 35.35 9.96
N ALA C 52 32.05 35.72 9.95
CA ALA C 52 31.37 36.15 11.17
C ALA C 52 31.39 35.02 12.23
N GLU C 53 31.31 33.75 11.78
CA GLU C 53 31.31 32.58 12.68
C GLU C 53 32.63 32.43 13.41
N SER C 54 33.75 32.63 12.70
CA SER C 54 35.06 32.55 13.33
C SER C 54 35.31 33.72 14.24
N GLN C 55 34.77 34.90 13.94
CA GLN C 55 34.91 36.08 14.80
C GLN C 55 34.17 35.89 16.11
N ILE C 56 32.99 35.28 16.04
CA ILE C 56 32.22 35.02 17.25
C ILE C 56 32.94 33.98 18.07
N LEU C 57 33.44 32.89 17.42
CA LEU C 57 34.20 31.84 18.11
C LEU C 57 35.41 32.44 18.86
N LYS C 58 36.18 33.32 18.21
CA LYS C 58 37.29 34.00 18.85
C LYS C 58 36.85 34.83 20.05
N HIS C 59 35.77 35.66 19.92
CA HIS C 59 35.28 36.41 21.07
C HIS C 59 34.84 35.52 22.21
N LEU C 60 34.14 34.39 21.91
CA LEU C 60 33.72 33.46 22.96
C LEU C 60 34.92 32.92 23.70
N LEU C 61 35.96 32.51 22.95
CA LEU C 61 37.20 31.96 23.51
C LEU C 61 37.91 32.96 24.40
N LYS C 62 37.95 34.22 23.99
CA LYS C 62 38.60 35.26 24.79
C LYS C 62 37.84 35.51 26.06
N ASN C 63 36.49 35.54 25.98
CA ASN C 63 35.67 35.69 27.17
C ASN C 63 35.80 34.55 28.13
N LEU C 64 35.84 33.31 27.63
CA LEU C 64 36.03 32.13 28.44
C LEU C 64 37.41 32.11 29.08
N PHE C 65 38.45 32.58 28.35
CA PHE C 65 39.79 32.66 28.93
C PHE C 65 39.76 33.68 30.09
N LYS C 66 39.14 34.85 29.86
CA LYS C 66 39.02 35.88 30.88
C LYS C 66 38.26 35.40 32.10
N ILE C 67 37.18 34.64 31.93
CA ILE C 67 36.40 34.12 33.06
C ILE C 67 37.13 33.06 33.89
N PHE C 68 37.76 32.10 33.23
CA PHE C 68 38.35 30.95 33.91
C PHE C 68 39.81 31.09 34.33
N CYS C 69 40.65 31.64 33.47
CA CYS C 69 42.07 31.72 33.79
C CYS C 69 42.44 33.05 34.44
N LEU C 70 41.92 34.14 33.88
CA LEU C 70 42.15 35.48 34.42
C LEU C 70 41.36 35.68 35.74
N ASP C 71 40.01 35.50 35.69
CA ASP C 71 39.14 35.63 36.87
C ASP C 71 39.34 34.43 37.83
N GLY C 72 38.78 34.54 39.04
CA GLY C 72 38.87 33.47 40.02
C GLY C 72 37.83 32.37 39.84
N VAL C 73 37.22 32.22 38.62
CA VAL C 73 36.22 31.15 38.45
C VAL C 73 36.90 29.79 38.35
N LYS C 74 36.91 29.07 39.46
CA LYS C 74 37.55 27.76 39.58
C LYS C 74 36.88 26.90 40.66
N GLY C 75 37.27 25.62 40.73
CA GLY C 75 36.74 24.72 41.72
C GLY C 75 36.98 23.27 41.38
N ASP C 76 36.30 22.41 42.09
CA ASP C 76 36.40 20.97 41.88
C ASP C 76 35.53 20.50 40.72
N LEU C 77 34.38 21.17 40.48
CA LEU C 77 33.44 20.72 39.47
C LEU C 77 32.75 21.83 38.69
N LEU C 78 32.76 21.70 37.37
CA LEU C 78 32.05 22.56 36.42
C LEU C 78 31.10 21.63 35.63
N ILE C 79 29.85 22.03 35.48
CA ILE C 79 28.89 21.30 34.67
C ILE C 79 28.61 22.18 33.46
N ASP C 80 28.89 21.67 32.27
CA ASP C 80 28.60 22.38 31.03
C ASP C 80 27.22 21.89 30.55
N ILE C 81 26.27 22.81 30.40
CA ILE C 81 24.89 22.54 30.05
C ILE C 81 24.62 22.79 28.55
N GLY C 82 24.05 21.78 27.88
CA GLY C 82 23.74 21.91 26.47
C GLY C 82 25.01 22.02 25.65
N SER C 83 26.00 21.21 26.00
CA SER C 83 27.31 21.17 25.38
C SER C 83 27.25 20.93 23.88
N GLY C 84 26.24 20.21 23.41
CA GLY C 84 26.15 19.79 22.02
C GLY C 84 27.30 18.86 21.72
N PRO C 85 27.85 18.94 20.50
CA PRO C 85 29.02 18.13 20.18
C PRO C 85 30.30 18.96 20.29
N THR C 86 30.30 20.11 21.05
CA THR C 86 31.47 20.98 21.07
C THR C 86 32.29 20.90 22.33
N ILE C 87 33.60 21.19 22.19
CA ILE C 87 34.53 21.21 23.31
C ILE C 87 35.20 22.58 23.49
N TYR C 88 35.06 23.51 22.53
CA TYR C 88 35.75 24.81 22.60
C TYR C 88 35.49 25.56 23.91
N GLN C 89 34.26 25.46 24.44
CA GLN C 89 33.86 26.15 25.65
C GLN C 89 34.46 25.58 26.93
N LEU C 90 35.22 24.47 26.83
CA LEU C 90 35.84 23.80 27.96
C LEU C 90 37.37 23.94 27.98
N LEU C 91 37.98 24.43 26.90
CA LEU C 91 39.43 24.51 26.77
C LEU C 91 40.10 25.32 27.86
N SER C 92 39.62 26.53 28.16
CA SER C 92 40.19 27.30 29.26
C SER C 92 39.70 26.77 30.64
N ALA C 93 38.46 26.28 30.70
CA ALA C 93 37.89 25.77 31.93
C ALA C 93 38.64 24.57 32.48
N CYS C 94 39.22 23.72 31.62
CA CYS C 94 39.97 22.56 32.11
C CYS C 94 41.26 22.94 32.86
N GLU C 95 41.74 24.17 32.70
CA GLU C 95 42.88 24.64 33.48
C GLU C 95 42.46 24.95 34.93
N SER C 96 41.19 25.28 35.17
CA SER C 96 40.66 25.73 36.46
C SER C 96 39.76 24.76 37.21
N PHE C 97 39.33 23.66 36.57
CA PHE C 97 38.43 22.72 37.26
C PHE C 97 38.98 21.31 37.26
N LYS C 98 38.94 20.63 38.40
CA LYS C 98 39.41 19.24 38.52
C LYS C 98 38.57 18.34 37.60
N GLU C 99 37.24 18.54 37.64
CA GLU C 99 36.30 17.75 36.86
C GLU C 99 35.36 18.63 36.10
N ILE C 100 35.07 18.22 34.91
CA ILE C 100 34.11 18.86 34.02
C ILE C 100 33.10 17.78 33.63
N VAL C 101 31.81 18.05 33.76
CA VAL C 101 30.74 17.13 33.35
C VAL C 101 30.10 17.77 32.13
N VAL C 102 30.03 17.05 31.00
CA VAL C 102 29.41 17.61 29.80
C VAL C 102 28.02 17.01 29.67
N THR C 103 27.05 17.84 29.28
CA THR C 103 25.66 17.38 29.22
C THR C 103 24.94 17.89 28.00
N ASP C 104 23.91 17.15 27.52
CA ASP C 104 23.11 17.62 26.41
C ASP C 104 21.80 16.89 26.32
N TYR C 105 20.79 17.50 25.71
CA TYR C 105 19.53 16.82 25.49
C TYR C 105 19.67 15.74 24.39
N SER C 106 20.56 15.94 23.42
CA SER C 106 20.71 15.02 22.30
C SER C 106 21.76 13.94 22.50
N ASP C 107 21.35 12.68 22.33
CA ASP C 107 22.24 11.53 22.41
C ASP C 107 23.24 11.54 21.26
N GLN C 108 22.81 11.95 20.05
CA GLN C 108 23.70 12.05 18.89
C GLN C 108 24.84 13.05 19.17
N ASN C 109 24.51 14.17 19.83
CA ASN C 109 25.52 15.16 20.17
C ASN C 109 26.53 14.62 21.15
N LEU C 110 26.06 13.93 22.18
CA LEU C 110 26.94 13.34 23.16
C LEU C 110 27.83 12.24 22.57
N GLN C 111 27.32 11.49 21.58
CA GLN C 111 28.14 10.48 20.91
C GLN C 111 29.28 11.17 20.12
N GLU C 112 28.99 12.27 19.42
CA GLU C 112 30.01 13.02 18.68
C GLU C 112 31.05 13.61 19.64
N LEU C 113 30.61 14.06 20.83
CA LEU C 113 31.52 14.60 21.84
C LEU C 113 32.43 13.46 22.33
N GLU C 114 31.85 12.29 22.59
CA GLU C 114 32.59 11.13 23.06
C GLU C 114 33.59 10.62 22.05
N LYS C 115 33.33 10.81 20.74
CA LYS C 115 34.30 10.44 19.69
C LYS C 115 35.59 11.26 19.90
N TRP C 116 35.45 12.57 20.21
CA TRP C 116 36.61 13.40 20.45
C TRP C 116 37.31 13.02 21.76
N LEU C 117 36.54 12.88 22.84
CA LEU C 117 37.00 12.55 24.20
C LEU C 117 37.82 11.24 24.18
N LYS C 118 37.35 10.23 23.45
CA LYS C 118 38.02 8.94 23.36
C LYS C 118 39.04 8.86 22.21
N ALA C 119 39.35 9.98 21.54
CA ALA C 119 40.28 9.98 20.41
C ALA C 119 39.95 8.87 19.37
N ALA C 120 38.67 8.82 18.99
CA ALA C 120 38.15 7.88 18.01
C ALA C 120 38.49 8.37 16.60
N PRO C 121 38.45 7.47 15.58
CA PRO C 121 38.87 7.89 14.23
C PRO C 121 38.05 9.01 13.57
N ALA C 122 36.74 8.99 13.78
CA ALA C 122 35.87 9.96 13.15
C ALA C 122 35.72 11.26 13.94
N ALA C 123 36.55 11.52 14.94
CA ALA C 123 36.44 12.73 15.77
C ALA C 123 36.67 14.01 15.00
N PHE C 124 36.00 15.11 15.43
CA PHE C 124 36.15 16.42 14.81
C PHE C 124 37.55 16.98 15.06
N ASP C 125 38.10 17.69 14.08
CA ASP C 125 39.40 18.29 14.22
C ASP C 125 39.31 19.63 14.94
N TRP C 126 39.59 19.62 16.23
CA TRP C 126 39.57 20.86 17.02
C TRP C 126 40.94 21.54 17.09
N SER C 127 41.99 20.97 16.44
CA SER C 127 43.34 21.54 16.52
C SER C 127 43.46 23.06 16.23
N PRO C 128 42.79 23.72 15.25
CA PRO C 128 42.96 25.19 15.11
C PRO C 128 42.45 25.99 16.31
N VAL C 129 41.34 25.51 16.92
CA VAL C 129 40.76 26.17 18.09
C VAL C 129 41.67 25.93 19.31
N VAL C 130 42.17 24.68 19.47
CA VAL C 130 43.06 24.30 20.55
C VAL C 130 44.33 25.15 20.51
N THR C 131 44.89 25.35 19.30
CA THR C 131 46.08 26.16 19.10
C THR C 131 45.81 27.61 19.48
N TYR C 132 44.63 28.14 19.10
CA TYR C 132 44.23 29.50 19.41
C TYR C 132 44.13 29.68 20.93
N VAL C 133 43.53 28.71 21.64
CA VAL C 133 43.43 28.79 23.08
C VAL C 133 44.83 28.76 23.73
N CYS C 134 45.72 27.88 23.26
CA CYS C 134 47.10 27.82 23.76
C CYS C 134 47.82 29.16 23.61
N ASP C 135 47.63 29.85 22.47
CA ASP C 135 48.21 31.18 22.22
C ASP C 135 47.70 32.17 23.25
N LEU C 136 46.36 32.19 23.48
CA LEU C 136 45.72 33.10 24.44
C LEU C 136 46.32 32.94 25.82
N GLU C 137 46.53 31.69 26.26
CA GLU C 137 47.01 31.37 27.60
C GLU C 137 48.49 31.61 27.85
N GLY C 138 49.22 32.08 26.83
CA GLY C 138 50.63 32.41 26.96
C GLY C 138 51.59 31.42 26.33
N ASN C 139 51.07 30.46 25.55
CA ASN C 139 51.85 29.40 24.90
C ASN C 139 52.60 28.56 25.94
N ARG C 140 52.02 28.42 27.15
CA ARG C 140 52.63 27.63 28.23
C ARG C 140 52.75 26.16 27.81
N VAL C 141 51.73 25.66 27.08
CA VAL C 141 51.62 24.30 26.59
C VAL C 141 51.28 24.32 25.08
N LYS C 142 51.43 23.16 24.43
CA LYS C 142 51.05 22.99 23.04
C LYS C 142 49.75 22.15 22.96
N GLY C 143 49.14 22.15 21.77
CA GLY C 143 47.91 21.43 21.45
C GLY C 143 47.67 20.09 22.09
N PRO C 144 48.56 19.10 21.88
CA PRO C 144 48.34 17.77 22.47
C PRO C 144 48.25 17.75 24.00
N GLU C 145 49.09 18.54 24.67
CA GLU C 145 49.06 18.62 26.13
C GLU C 145 47.74 19.25 26.61
N LYS C 146 47.28 20.28 25.87
CA LYS C 146 46.03 20.98 26.17
C LYS C 146 44.85 20.00 26.01
N GLU C 147 44.83 19.26 24.90
CA GLU C 147 43.78 18.30 24.61
C GLU C 147 43.74 17.21 25.64
N GLU C 148 44.89 16.75 26.10
CA GLU C 148 44.95 15.69 27.10
C GLU C 148 44.46 16.20 28.46
N LYS C 149 44.74 17.47 28.80
CA LYS C 149 44.22 18.05 30.04
C LYS C 149 42.69 18.08 30.03
N LEU C 150 42.09 18.42 28.88
CA LEU C 150 40.62 18.42 28.76
C LEU C 150 40.05 17.01 28.87
N ARG C 151 40.64 16.04 28.17
CA ARG C 151 40.18 14.64 28.20
C ARG C 151 40.23 14.08 29.61
N GLN C 152 41.27 14.43 30.38
CA GLN C 152 41.42 13.98 31.75
C GLN C 152 40.35 14.58 32.66
N ALA C 153 39.96 15.84 32.42
CA ALA C 153 38.97 16.56 33.22
C ALA C 153 37.55 16.03 33.02
N VAL C 154 37.21 15.61 31.78
CA VAL C 154 35.86 15.11 31.49
C VAL C 154 35.70 13.67 31.90
N LYS C 155 34.93 13.43 32.97
CA LYS C 155 34.71 12.08 33.50
C LYS C 155 33.32 11.57 33.17
N GLN C 156 32.32 12.46 33.12
CA GLN C 156 30.94 12.04 32.87
C GLN C 156 30.32 12.79 31.69
N VAL C 157 29.53 12.08 30.89
CA VAL C 157 28.84 12.63 29.71
C VAL C 157 27.40 12.29 29.95
N LEU C 158 26.57 13.29 30.32
CA LEU C 158 25.21 13.01 30.73
C LEU C 158 24.09 13.64 29.91
N LYS C 159 22.94 12.99 29.91
CA LYS C 159 21.73 13.53 29.32
C LYS C 159 21.22 14.63 30.25
N CYS C 160 20.72 15.72 29.66
CA CYS C 160 20.15 16.77 30.47
C CYS C 160 18.97 17.43 29.76
N ASP C 161 18.07 17.99 30.52
CA ASP C 161 16.93 18.71 29.96
C ASP C 161 16.75 19.89 30.87
N VAL C 162 17.11 21.07 30.38
CA VAL C 162 17.05 22.30 31.17
C VAL C 162 15.64 22.71 31.55
N THR C 163 14.60 22.20 30.87
CA THR C 163 13.22 22.54 31.25
C THR C 163 12.75 21.74 32.50
N GLN C 164 13.51 20.70 32.91
CA GLN C 164 13.10 19.88 34.04
C GLN C 164 13.67 20.37 35.34
N SER C 165 12.87 20.32 36.43
CA SER C 165 13.36 20.77 37.74
C SER C 165 14.63 20.01 38.18
N GLN C 166 14.80 18.75 37.72
CA GLN C 166 16.03 18.01 37.89
C GLN C 166 16.55 17.83 36.46
N PRO C 167 17.40 18.76 35.97
CA PRO C 167 17.88 18.64 34.59
C PRO C 167 18.60 17.34 34.30
N LEU C 168 19.28 16.77 35.31
CA LEU C 168 20.04 15.54 35.09
C LEU C 168 19.27 14.25 35.41
N GLY C 169 17.96 14.37 35.61
CA GLY C 169 17.07 13.24 35.90
C GLY C 169 17.41 12.56 37.19
N ALA C 170 17.48 11.23 37.15
CA ALA C 170 17.78 10.45 38.35
C ALA C 170 19.26 10.43 38.72
N VAL C 171 20.14 10.98 37.87
CA VAL C 171 21.58 10.98 38.13
C VAL C 171 21.96 12.01 39.18
N PRO C 172 22.53 11.56 40.31
CA PRO C 172 22.96 12.52 41.32
C PRO C 172 24.39 13.00 41.05
N LEU C 173 24.60 14.27 41.29
CA LEU C 173 25.91 14.87 41.13
C LEU C 173 26.13 15.75 42.33
N PRO C 174 27.37 15.86 42.80
CA PRO C 174 27.66 16.84 43.87
C PRO C 174 27.32 18.25 43.38
N PRO C 175 26.94 19.19 44.27
CA PRO C 175 26.68 20.56 43.81
C PRO C 175 27.95 21.13 43.17
N ALA C 176 27.80 21.72 41.99
CA ALA C 176 28.94 22.21 41.23
C ALA C 176 29.43 23.58 41.71
N ASP C 177 30.69 23.87 41.43
CA ASP C 177 31.27 25.19 41.69
C ASP C 177 30.88 26.19 40.57
N CYS C 178 30.61 25.68 39.37
CA CYS C 178 30.25 26.53 38.25
C CYS C 178 29.32 25.75 37.30
N VAL C 179 28.35 26.44 36.72
CA VAL C 179 27.48 25.88 35.69
C VAL C 179 27.72 26.77 34.47
N LEU C 180 28.14 26.18 33.37
CA LEU C 180 28.40 26.93 32.14
C LEU C 180 27.39 26.53 31.07
N SER C 181 26.88 27.48 30.28
CA SER C 181 25.96 27.13 29.19
C SER C 181 26.19 28.10 28.04
N THR C 182 26.72 27.58 26.91
CA THR C 182 26.98 28.42 25.77
C THR C 182 26.04 28.06 24.64
N LEU C 183 25.33 29.08 24.11
CA LEU C 183 24.45 29.02 22.94
C LEU C 183 23.28 28.01 23.05
N CYS C 184 22.98 27.56 24.29
CA CYS C 184 21.93 26.59 24.55
C CYS C 184 20.59 27.19 24.94
N LEU C 185 20.51 28.01 26.01
CA LEU C 185 19.26 28.44 26.60
C LEU C 185 18.31 29.19 25.67
N ASP C 186 18.85 29.99 24.70
CA ASP C 186 17.95 30.66 23.75
C ASP C 186 17.25 29.60 22.89
N ALA C 187 17.94 28.50 22.59
CA ALA C 187 17.43 27.44 21.74
C ALA C 187 16.49 26.51 22.48
N ALA C 188 16.71 26.33 23.79
CA ALA C 188 15.95 25.36 24.55
C ALA C 188 14.66 25.94 25.15
N CYS C 189 14.53 27.27 25.23
CA CYS C 189 13.39 27.92 25.93
C CYS C 189 12.45 28.63 25.00
N PRO C 190 11.18 28.18 24.92
CA PRO C 190 10.23 28.78 23.95
C PRO C 190 9.71 30.15 24.32
N ASP C 191 9.81 30.52 25.59
CA ASP C 191 9.35 31.81 26.08
C ASP C 191 10.14 32.26 27.31
N LEU C 192 10.01 33.53 27.66
CA LEU C 192 10.69 34.17 28.79
C LEU C 192 10.41 33.46 30.15
N PRO C 193 9.16 33.07 30.48
CA PRO C 193 8.95 32.33 31.74
C PRO C 193 9.71 31.01 31.77
N THR C 194 9.78 30.29 30.64
CA THR C 194 10.53 29.04 30.56
C THR C 194 12.02 29.28 30.70
N TYR C 195 12.50 30.38 30.15
CA TYR C 195 13.90 30.78 30.24
C TYR C 195 14.26 31.04 31.70
N CYS C 196 13.37 31.73 32.45
CA CYS C 196 13.57 31.95 33.85
C CYS C 196 13.54 30.64 34.63
N ARG C 197 12.60 29.73 34.34
CA ARG C 197 12.57 28.42 35.00
C ARG C 197 13.81 27.62 34.68
N ALA C 198 14.32 27.67 33.44
CA ALA C 198 15.53 26.91 33.08
C ALA C 198 16.72 27.43 33.90
N LEU C 199 16.81 28.76 34.11
CA LEU C 199 17.86 29.34 34.95
C LEU C 199 17.75 28.81 36.39
N ARG C 200 16.52 28.73 36.91
CA ARG C 200 16.31 28.17 38.25
C ARG C 200 16.71 26.71 38.29
N ASN C 201 16.39 25.93 37.23
CA ASN C 201 16.69 24.50 37.16
C ASN C 201 18.19 24.27 37.15
N LEU C 202 18.92 25.11 36.40
CA LEU C 202 20.39 25.05 36.39
C LEU C 202 20.97 25.35 37.77
N GLY C 203 20.33 26.28 38.50
CA GLY C 203 20.71 26.68 39.84
C GLY C 203 20.64 25.56 40.83
N SER C 204 19.71 24.59 40.61
CA SER C 204 19.61 23.40 41.46
C SER C 204 20.90 22.55 41.41
N LEU C 205 21.70 22.68 40.33
CA LEU C 205 22.94 21.93 40.20
C LEU C 205 24.15 22.66 40.83
N LEU C 206 23.97 23.91 41.23
CA LEU C 206 25.03 24.79 41.72
C LEU C 206 25.02 24.85 43.23
N LYS C 207 26.22 24.93 43.81
CA LYS C 207 26.32 25.09 45.25
C LYS C 207 25.95 26.55 45.57
N PRO C 208 25.52 26.86 46.81
CA PRO C 208 25.27 28.26 47.18
C PRO C 208 26.51 29.11 46.91
N GLY C 209 26.33 30.26 46.26
CA GLY C 209 27.45 31.11 45.91
C GLY C 209 28.26 30.67 44.69
N GLY C 210 27.85 29.56 44.08
CA GLY C 210 28.51 29.05 42.88
C GLY C 210 28.25 29.94 41.68
N PHE C 211 29.12 29.84 40.69
CA PHE C 211 29.02 30.70 39.51
C PHE C 211 28.17 30.13 38.37
N LEU C 212 27.43 31.01 37.72
CA LEU C 212 26.65 30.70 36.52
C LEU C 212 27.29 31.51 35.39
N VAL C 213 27.71 30.81 34.34
CA VAL C 213 28.31 31.49 33.19
C VAL C 213 27.45 31.20 31.99
N ILE C 214 26.83 32.23 31.42
CA ILE C 214 25.98 32.06 30.23
C ILE C 214 26.51 32.93 29.09
N MET C 215 26.63 32.37 27.89
CA MET C 215 26.99 33.14 26.70
C MET C 215 25.96 32.72 25.66
N ASP C 216 25.29 33.69 24.99
CA ASP C 216 24.25 33.33 24.02
C ASP C 216 23.94 34.48 23.09
N ALA C 217 23.10 34.23 22.06
CA ALA C 217 22.77 35.27 21.08
C ALA C 217 21.74 36.27 21.63
N LEU C 218 21.85 37.53 21.21
CA LEU C 218 20.86 38.53 21.58
C LEU C 218 19.91 38.72 20.40
N LYS C 219 18.61 38.90 20.72
CA LYS C 219 17.55 39.21 19.78
C LYS C 219 17.51 38.30 18.56
N SER C 220 17.69 37.00 18.77
CA SER C 220 17.73 36.04 17.69
C SER C 220 16.51 35.17 17.76
N SER C 221 15.76 35.08 16.66
CA SER C 221 14.57 34.25 16.61
C SER C 221 14.78 32.93 15.85
N TYR C 222 15.97 32.71 15.26
CA TYR C 222 16.31 31.46 14.64
C TYR C 222 17.77 31.37 14.35
N TYR C 223 18.23 30.14 14.16
CA TYR C 223 19.57 29.82 13.67
C TYR C 223 19.46 28.56 12.78
N MET C 224 20.39 28.44 11.84
CA MET C 224 20.37 27.43 10.79
C MET C 224 21.53 26.50 10.90
N ILE C 225 21.35 25.27 10.50
CA ILE C 225 22.43 24.30 10.34
C ILE C 225 22.15 23.82 8.91
N GLY C 226 22.78 24.47 7.93
CA GLY C 226 22.48 24.22 6.53
C GLY C 226 21.09 24.74 6.24
N GLU C 227 20.25 23.90 5.65
CA GLU C 227 18.86 24.27 5.39
C GLU C 227 17.92 24.00 6.58
N GLN C 228 18.41 23.34 7.66
CA GLN C 228 17.55 23.08 8.83
C GLN C 228 17.45 24.32 9.67
N LYS C 229 16.22 24.76 9.92
CA LYS C 229 15.99 25.89 10.79
C LYS C 229 15.64 25.42 12.21
N PHE C 230 16.17 26.12 13.21
CA PHE C 230 15.88 25.90 14.64
C PHE C 230 15.45 27.21 15.23
N SER C 231 14.42 27.18 16.06
CA SER C 231 13.94 28.38 16.75
C SER C 231 14.95 28.90 17.78
N SER C 232 14.85 30.15 18.10
CA SER C 232 15.61 30.79 19.16
C SER C 232 14.70 31.81 19.82
N LEU C 233 14.83 31.99 21.13
CA LEU C 233 14.03 32.96 21.86
C LEU C 233 14.73 34.30 21.71
N PRO C 234 14.05 35.29 21.12
CA PRO C 234 14.71 36.57 20.88
C PRO C 234 14.71 37.41 22.14
N LEU C 235 15.86 37.49 22.81
CA LEU C 235 15.94 38.23 24.06
C LEU C 235 16.93 39.34 23.96
N GLY C 236 16.59 40.51 24.50
CA GLY C 236 17.53 41.62 24.59
C GLY C 236 18.27 41.57 25.91
N ARG C 237 19.32 42.38 26.06
CA ARG C 237 20.13 42.33 27.29
C ARG C 237 19.32 42.57 28.57
N GLU C 238 18.34 43.48 28.54
CA GLU C 238 17.57 43.78 29.75
C GLU C 238 16.74 42.57 30.22
N ALA C 239 16.15 41.81 29.27
CA ALA C 239 15.36 40.63 29.65
C ALA C 239 16.24 39.52 30.15
N VAL C 240 17.47 39.37 29.60
CA VAL C 240 18.39 38.34 30.08
C VAL C 240 18.80 38.64 31.53
N GLU C 241 19.23 39.89 31.79
CA GLU C 241 19.60 40.31 33.14
C GLU C 241 18.45 40.13 34.12
N ALA C 242 17.24 40.55 33.72
CA ALA C 242 16.10 40.46 34.62
C ALA C 242 15.75 39.00 34.92
N ALA C 243 15.82 38.09 33.94
CA ALA C 243 15.51 36.67 34.20
C ALA C 243 16.51 36.03 35.16
N VAL C 244 17.81 36.40 35.03
CA VAL C 244 18.86 35.88 35.91
C VAL C 244 18.61 36.37 37.35
N LYS C 245 18.19 37.64 37.50
CA LYS C 245 17.88 38.14 38.86
C LYS C 245 16.63 37.47 39.43
N GLU C 246 15.61 37.27 38.58
CA GLU C 246 14.37 36.61 38.96
C GLU C 246 14.61 35.15 39.37
N ALA C 247 15.57 34.50 38.74
CA ALA C 247 15.93 33.13 39.04
C ALA C 247 16.79 32.93 40.30
N GLY C 248 17.14 34.02 40.99
CA GLY C 248 17.87 33.88 42.25
C GLY C 248 19.38 34.01 42.18
N TYR C 249 19.88 34.81 41.22
CA TYR C 249 21.32 35.06 41.09
C TYR C 249 21.62 36.53 41.25
N THR C 250 22.87 36.83 41.50
CA THR C 250 23.36 38.21 41.55
C THR C 250 24.34 38.34 40.36
N ILE C 251 24.21 39.38 39.56
CA ILE C 251 25.08 39.55 38.39
C ILE C 251 26.44 40.12 38.77
N GLU C 252 27.50 39.46 38.36
CA GLU C 252 28.88 39.90 38.62
C GLU C 252 29.27 40.79 37.48
N TRP C 253 29.07 40.32 36.24
CA TRP C 253 29.34 41.13 35.08
C TRP C 253 28.55 40.67 33.88
N PHE C 254 28.34 41.65 32.98
CA PHE C 254 27.53 41.44 31.82
C PHE C 254 28.18 42.18 30.64
N GLU C 255 28.47 41.47 29.55
CA GLU C 255 29.08 42.08 28.38
C GLU C 255 28.23 41.81 27.14
N VAL C 256 28.09 42.83 26.29
CA VAL C 256 27.40 42.68 25.02
C VAL C 256 28.42 42.94 23.92
N ILE C 257 28.49 42.06 22.90
CA ILE C 257 29.33 42.26 21.75
C ILE C 257 28.42 42.52 20.56
N SER C 258 28.79 43.46 19.70
CA SER C 258 27.94 43.81 18.58
C SER C 258 27.98 42.79 17.41
N GLN C 259 29.07 42.01 17.33
CA GLN C 259 29.27 41.01 16.26
C GLN C 259 28.10 40.02 16.15
N SER C 260 27.53 39.88 14.96
CA SER C 260 26.43 38.96 14.71
C SER C 260 26.87 37.82 13.79
N TYR C 261 26.09 36.72 13.73
CA TYR C 261 26.41 35.63 12.82
C TYR C 261 26.10 36.10 11.41
N SER C 262 26.56 35.34 10.38
CA SER C 262 26.22 35.69 9.01
C SER C 262 24.68 35.66 8.82
N SER C 263 24.15 36.50 7.96
CA SER C 263 22.71 36.60 7.71
C SER C 263 22.09 35.24 7.33
N THR C 264 22.87 34.37 6.70
CA THR C 264 22.45 33.03 6.30
C THR C 264 22.41 32.02 7.49
N MET C 265 23.03 32.37 8.62
CA MET C 265 23.09 31.48 9.77
C MET C 265 22.08 31.84 10.86
N ALA C 266 21.90 33.12 11.19
CA ALA C 266 21.00 33.53 12.27
C ALA C 266 20.63 35.01 12.12
N ASN C 267 19.54 35.46 12.76
CA ASN C 267 19.14 36.85 12.66
C ASN C 267 19.46 37.61 13.96
N ASN C 268 20.55 37.25 14.64
CA ASN C 268 20.89 37.87 15.93
C ASN C 268 21.45 39.27 15.81
N GLU C 269 21.37 40.01 16.91
CA GLU C 269 21.91 41.36 17.03
C GLU C 269 22.96 41.28 18.14
N GLY C 270 24.06 40.62 17.85
CA GLY C 270 25.13 40.46 18.82
C GLY C 270 24.95 39.29 19.77
N LEU C 271 25.83 39.24 20.76
CA LEU C 271 25.85 38.18 21.75
C LEU C 271 26.15 38.77 23.11
N PHE C 272 25.79 38.07 24.15
CA PHE C 272 26.09 38.49 25.50
C PHE C 272 26.89 37.39 26.20
N SER C 273 27.61 37.79 27.27
CA SER C 273 28.31 36.89 28.17
C SER C 273 28.03 37.45 29.54
N LEU C 274 27.73 36.56 30.46
CA LEU C 274 27.50 37.00 31.82
C LEU C 274 28.06 36.03 32.79
N VAL C 275 28.40 36.55 33.97
CA VAL C 275 28.85 35.79 35.10
C VAL C 275 27.95 36.21 36.26
N ALA C 276 27.29 35.26 36.90
CA ALA C 276 26.38 35.53 37.98
C ALA C 276 26.73 34.59 39.14
N ARG C 277 26.23 34.86 40.34
CA ARG C 277 26.45 33.97 41.48
C ARG C 277 25.10 33.61 42.07
N LYS C 278 24.90 32.34 42.42
CA LYS C 278 23.65 31.90 42.98
C LYS C 278 23.51 32.40 44.42
N LEU C 279 22.37 32.98 44.77
CA LEU C 279 22.11 33.36 46.15
C LEU C 279 21.69 32.05 46.82
N SER C 280 22.57 31.54 47.72
CA SER C 280 22.36 30.26 48.43
C SER C 280 21.70 29.13 47.57
N GLY D 23 -13.36 -6.88 14.46
CA GLY D 23 -11.97 -6.55 14.17
C GLY D 23 -11.12 -7.77 13.88
N PHE D 24 -9.94 -7.54 13.34
CA PHE D 24 -9.01 -8.61 12.98
C PHE D 24 -7.58 -8.14 13.19
N THR D 25 -6.66 -9.03 13.62
CA THR D 25 -5.24 -8.72 13.81
C THR D 25 -4.64 -7.95 12.60
N SER D 26 -3.99 -6.81 12.87
CA SER D 26 -3.38 -6.02 11.81
C SER D 26 -2.07 -6.68 11.38
N LYS D 27 -1.69 -6.49 10.13
CA LYS D 27 -0.48 -7.05 9.55
C LYS D 27 0.75 -6.74 10.37
N ASP D 28 0.88 -5.47 10.78
CA ASP D 28 1.98 -4.98 11.58
C ASP D 28 2.15 -5.76 12.89
N THR D 29 1.06 -6.35 13.42
CA THR D 29 1.15 -7.18 14.64
C THR D 29 2.07 -8.37 14.41
N TYR D 30 2.15 -8.91 13.18
CA TYR D 30 3.05 -10.03 12.89
C TYR D 30 4.52 -9.65 12.95
N LEU D 31 4.84 -8.41 12.59
CA LEU D 31 6.23 -7.94 12.66
C LEU D 31 6.74 -7.87 14.11
N SER D 32 5.89 -7.42 14.99
CA SER D 32 6.26 -7.13 16.37
C SER D 32 5.89 -8.14 17.41
N HIS D 33 4.70 -8.76 17.30
CA HIS D 33 4.17 -9.58 18.38
C HIS D 33 4.15 -11.07 18.13
N PHE D 34 4.56 -11.52 16.94
CA PHE D 34 4.61 -12.96 16.67
C PHE D 34 6.04 -13.35 17.04
N ASN D 35 6.21 -14.06 18.16
CA ASN D 35 7.52 -14.51 18.64
C ASN D 35 7.82 -15.84 17.95
N PRO D 36 8.81 -15.89 17.04
CA PRO D 36 9.04 -17.15 16.30
C PRO D 36 9.52 -18.31 17.15
N ARG D 37 10.40 -18.06 18.16
CA ARG D 37 10.86 -19.19 18.98
C ARG D 37 9.73 -19.72 19.86
N ASP D 38 8.88 -18.83 20.37
CA ASP D 38 7.75 -19.24 21.19
C ASP D 38 6.77 -20.05 20.35
N TYR D 39 6.53 -19.64 19.09
CA TYR D 39 5.64 -20.35 18.17
C TYR D 39 6.16 -21.77 17.94
N LEU D 40 7.47 -21.91 17.70
CA LEU D 40 8.06 -23.22 17.45
C LEU D 40 7.99 -24.10 18.67
N GLU D 41 8.20 -23.50 19.84
CA GLU D 41 8.15 -24.22 21.09
C GLU D 41 6.73 -24.73 21.34
N LYS D 42 5.73 -23.88 21.08
CA LYS D 42 4.34 -24.18 21.34
C LYS D 42 3.73 -25.18 20.38
N TYR D 43 4.17 -25.18 19.11
CA TYR D 43 3.51 -26.03 18.12
C TYR D 43 4.35 -27.12 17.46
N TYR D 44 5.68 -26.97 17.45
CA TYR D 44 6.54 -27.87 16.69
C TYR D 44 7.65 -28.57 17.46
N LYS D 45 7.60 -28.57 18.80
CA LYS D 45 8.65 -29.24 19.56
C LYS D 45 8.60 -30.79 19.31
N PHE D 46 7.40 -31.34 19.01
CA PHE D 46 7.20 -32.75 18.65
C PHE D 46 7.58 -33.68 19.81
N GLY D 47 7.10 -33.31 21.00
CA GLY D 47 7.37 -34.04 22.24
C GLY D 47 6.74 -35.41 22.30
N SER D 48 7.30 -36.26 23.18
CA SER D 48 6.90 -37.64 23.43
C SER D 48 5.41 -37.81 23.77
N ARG D 49 4.80 -36.74 24.30
CA ARG D 49 3.39 -36.72 24.63
C ARG D 49 2.59 -36.62 23.33
N HIS D 50 1.53 -37.44 23.20
CA HIS D 50 0.69 -37.49 21.99
C HIS D 50 -0.35 -36.37 21.96
N SER D 51 0.15 -35.13 21.99
CA SER D 51 -0.61 -33.89 22.00
C SER D 51 -1.37 -33.69 20.71
N ALA D 52 -2.40 -32.86 20.75
CA ALA D 52 -3.15 -32.50 19.55
C ALA D 52 -2.23 -31.85 18.51
N GLU D 53 -1.25 -31.05 18.97
CA GLU D 53 -0.29 -30.35 18.11
C GLU D 53 0.59 -31.32 17.34
N SER D 54 1.07 -32.37 18.03
CA SER D 54 1.93 -33.35 17.38
C SER D 54 1.14 -34.22 16.41
N GLN D 55 -0.14 -34.49 16.71
CA GLN D 55 -1.00 -35.28 15.83
C GLN D 55 -1.27 -34.52 14.53
N ILE D 56 -1.46 -33.21 14.64
CA ILE D 56 -1.68 -32.38 13.46
C ILE D 56 -0.41 -32.34 12.65
N LEU D 57 0.75 -32.15 13.30
CA LEU D 57 2.05 -32.11 12.62
C LEU D 57 2.30 -33.39 11.82
N LYS D 58 2.04 -34.54 12.43
CA LYS D 58 2.16 -35.82 11.75
C LYS D 58 1.26 -35.92 10.52
N HIS D 59 -0.02 -35.54 10.66
CA HIS D 59 -0.92 -35.57 9.51
C HIS D 59 -0.46 -34.63 8.39
N LEU D 60 0.04 -33.42 8.75
CA LEU D 60 0.54 -32.49 7.74
C LEU D 60 1.70 -33.10 6.96
N LEU D 61 2.62 -33.72 7.69
CA LEU D 61 3.79 -34.38 7.11
C LEU D 61 3.43 -35.50 6.15
N LYS D 62 2.43 -36.30 6.52
CA LYS D 62 1.97 -37.39 5.67
C LYS D 62 1.35 -36.85 4.39
N ASN D 63 0.54 -35.79 4.52
CA ASN D 63 -0.07 -35.16 3.35
C ASN D 63 0.96 -34.56 2.41
N LEU D 64 1.98 -33.88 2.98
CA LEU D 64 3.06 -33.30 2.19
C LEU D 64 3.90 -34.36 1.51
N PHE D 65 4.13 -35.49 2.19
CA PHE D 65 4.84 -36.61 1.55
C PHE D 65 4.03 -37.14 0.36
N LYS D 66 2.71 -37.33 0.56
CA LYS D 66 1.82 -37.80 -0.50
C LYS D 66 1.80 -36.86 -1.68
N ILE D 67 1.78 -35.54 -1.45
CA ILE D 67 1.75 -34.57 -2.52
C ILE D 67 3.03 -34.50 -3.35
N PHE D 68 4.17 -34.46 -2.67
CA PHE D 68 5.44 -34.22 -3.33
C PHE D 68 6.20 -35.47 -3.81
N CYS D 69 6.24 -36.53 -3.00
CA CYS D 69 7.00 -37.72 -3.37
C CYS D 69 6.13 -38.76 -4.07
N LEU D 70 4.94 -39.00 -3.54
CA LEU D 70 4.00 -39.95 -4.14
C LEU D 70 3.39 -39.36 -5.43
N ASP D 71 2.77 -38.17 -5.34
CA ASP D 71 2.16 -37.49 -6.50
C ASP D 71 3.26 -36.90 -7.42
N GLY D 72 2.86 -36.46 -8.62
CA GLY D 72 3.81 -35.86 -9.55
C GLY D 72 4.07 -34.38 -9.30
N VAL D 73 3.82 -33.86 -8.06
CA VAL D 73 4.07 -32.43 -7.80
C VAL D 73 5.55 -32.17 -7.68
N LYS D 74 6.14 -31.64 -8.76
CA LYS D 74 7.55 -31.38 -8.86
C LYS D 74 7.86 -30.29 -9.89
N GLY D 75 9.11 -29.85 -9.91
CA GLY D 75 9.54 -28.85 -10.88
C GLY D 75 10.83 -28.19 -10.49
N ASP D 76 11.12 -27.09 -11.14
CA ASP D 76 12.32 -26.33 -10.89
C ASP D 76 12.15 -25.41 -9.68
N LEU D 77 10.92 -24.92 -9.42
CA LEU D 77 10.70 -23.95 -8.36
C LEU D 77 9.38 -24.12 -7.60
N LEU D 78 9.49 -24.12 -6.27
CA LEU D 78 8.36 -24.10 -5.34
C LEU D 78 8.52 -22.85 -4.49
N ILE D 79 7.45 -22.07 -4.33
CA ILE D 79 7.48 -20.92 -3.46
C ILE D 79 6.59 -21.29 -2.27
N ASP D 80 7.15 -21.25 -1.07
CA ASP D 80 6.39 -21.48 0.16
C ASP D 80 5.98 -20.10 0.69
N ILE D 81 4.65 -19.89 0.82
CA ILE D 81 4.06 -18.62 1.22
C ILE D 81 3.70 -18.59 2.71
N GLY D 82 4.16 -17.56 3.43
CA GLY D 82 3.88 -17.45 4.86
C GLY D 82 4.53 -18.57 5.64
N SER D 83 5.77 -18.87 5.29
CA SER D 83 6.59 -19.91 5.88
C SER D 83 6.73 -19.79 7.39
N GLY D 84 6.72 -18.58 7.90
CA GLY D 84 6.97 -18.32 9.31
C GLY D 84 8.40 -18.72 9.62
N PRO D 85 8.64 -19.25 10.81
CA PRO D 85 9.98 -19.73 11.12
C PRO D 85 10.07 -21.27 10.95
N THR D 86 9.15 -21.91 10.19
CA THR D 86 9.14 -23.36 10.10
C THR D 86 9.73 -23.92 8.83
N ILE D 87 10.26 -25.15 8.92
CA ILE D 87 10.80 -25.87 7.76
C ILE D 87 10.09 -27.20 7.51
N TYR D 88 9.24 -27.69 8.44
CA TYR D 88 8.60 -29.00 8.30
C TYR D 88 7.86 -29.18 6.98
N GLN D 89 7.24 -28.09 6.48
CA GLN D 89 6.45 -28.13 5.25
C GLN D 89 7.29 -28.22 3.99
N LEU D 90 8.63 -28.20 4.11
CA LEU D 90 9.54 -28.25 2.98
C LEU D 90 10.35 -29.55 2.89
N LEU D 91 10.34 -30.37 3.94
CA LEU D 91 11.13 -31.59 4.00
C LEU D 91 10.89 -32.56 2.85
N SER D 92 9.64 -32.86 2.51
CA SER D 92 9.38 -33.74 1.36
C SER D 92 9.53 -32.98 0.03
N ALA D 93 9.20 -31.68 0.03
CA ALA D 93 9.27 -30.85 -1.16
C ALA D 93 10.68 -30.73 -1.70
N CYS D 94 11.70 -30.75 -0.82
CA CYS D 94 13.08 -30.64 -1.29
C CYS D 94 13.55 -31.85 -2.12
N GLU D 95 12.83 -32.98 -2.02
CA GLU D 95 13.13 -34.14 -2.84
C GLU D 95 12.67 -33.93 -4.30
N SER D 96 11.64 -33.07 -4.50
CA SER D 96 10.98 -32.86 -5.79
C SER D 96 11.24 -31.53 -6.47
N PHE D 97 11.84 -30.56 -5.79
CA PHE D 97 12.08 -29.26 -6.41
C PHE D 97 13.55 -28.87 -6.36
N LYS D 98 14.07 -28.36 -7.49
CA LYS D 98 15.46 -27.92 -7.57
C LYS D 98 15.67 -26.76 -6.60
N GLU D 99 14.72 -25.82 -6.59
CA GLU D 99 14.78 -24.65 -5.74
C GLU D 99 13.49 -24.47 -4.99
N ILE D 100 13.64 -24.04 -3.76
CA ILE D 100 12.54 -23.69 -2.87
C ILE D 100 12.82 -22.26 -2.40
N VAL D 101 11.81 -21.38 -2.51
CA VAL D 101 11.92 -20.00 -2.04
C VAL D 101 11.00 -19.92 -0.83
N VAL D 102 11.53 -19.50 0.32
CA VAL D 102 10.71 -19.37 1.51
C VAL D 102 10.37 -17.89 1.70
N THR D 103 9.11 -17.60 2.06
CA THR D 103 8.66 -16.23 2.15
C THR D 103 7.81 -15.98 3.40
N ASP D 104 7.82 -14.76 3.91
CA ASP D 104 6.95 -14.41 5.03
C ASP D 104 6.77 -12.91 5.16
N TYR D 105 5.67 -12.49 5.80
CA TYR D 105 5.47 -11.08 6.09
C TYR D 105 6.43 -10.60 7.20
N SER D 106 6.80 -11.48 8.14
CA SER D 106 7.63 -11.10 9.26
C SER D 106 9.11 -11.32 9.07
N ASP D 107 9.90 -10.25 9.29
CA ASP D 107 11.36 -10.29 9.21
C ASP D 107 11.94 -11.15 10.34
N GLN D 108 11.35 -11.08 11.55
CA GLN D 108 11.77 -11.90 12.68
C GLN D 108 11.64 -13.39 12.35
N ASN D 109 10.55 -13.77 11.67
CA ASN D 109 10.32 -15.15 11.30
C ASN D 109 11.35 -15.62 10.31
N LEU D 110 11.66 -14.79 9.32
CA LEU D 110 12.65 -15.14 8.31
C LEU D 110 14.06 -15.23 8.92
N GLN D 111 14.36 -14.44 9.95
CA GLN D 111 15.65 -14.52 10.62
C GLN D 111 15.76 -15.87 11.36
N GLU D 112 14.68 -16.31 12.03
CA GLU D 112 14.68 -17.60 12.73
C GLU D 112 14.81 -18.77 11.72
N LEU D 113 14.21 -18.62 10.54
CA LEU D 113 14.32 -19.62 9.48
C LEU D 113 15.77 -19.67 8.99
N GLU D 114 16.38 -18.51 8.78
CA GLU D 114 17.77 -18.42 8.34
C GLU D 114 18.75 -18.98 9.35
N LYS D 115 18.41 -18.93 10.66
CA LYS D 115 19.26 -19.54 11.69
C LYS D 115 19.36 -21.04 11.43
N TRP D 116 18.23 -21.69 11.08
CA TRP D 116 18.25 -23.10 10.79
C TRP D 116 18.98 -23.40 9.48
N LEU D 117 18.67 -22.64 8.43
CA LEU D 117 19.24 -22.76 7.08
C LEU D 117 20.77 -22.65 7.11
N LYS D 118 21.31 -21.72 7.90
CA LYS D 118 22.75 -21.53 8.04
C LYS D 118 23.38 -22.42 9.12
N ALA D 119 22.61 -23.38 9.67
CA ALA D 119 23.01 -24.34 10.71
C ALA D 119 23.67 -23.67 11.91
N ALA D 120 23.09 -22.56 12.36
CA ALA D 120 23.55 -21.80 13.51
C ALA D 120 23.34 -22.59 14.83
N PRO D 121 24.04 -22.22 15.92
CA PRO D 121 23.85 -22.97 17.20
C PRO D 121 22.47 -22.75 17.85
N ALA D 122 21.97 -21.51 17.74
CA ALA D 122 20.69 -21.07 18.31
C ALA D 122 19.47 -21.63 17.59
N ALA D 123 19.64 -22.19 16.38
CA ALA D 123 18.56 -22.72 15.56
C ALA D 123 17.67 -23.73 16.27
N PHE D 124 16.42 -23.82 15.80
CA PHE D 124 15.46 -24.74 16.39
C PHE D 124 15.84 -26.18 16.06
N ASP D 125 15.59 -27.07 17.03
CA ASP D 125 15.88 -28.49 16.83
C ASP D 125 14.75 -29.17 16.07
N TRP D 126 14.96 -29.34 14.76
CA TRP D 126 13.98 -30.03 13.93
C TRP D 126 14.27 -31.54 13.80
N SER D 127 15.33 -32.07 14.44
CA SER D 127 15.69 -33.48 14.29
C SER D 127 14.52 -34.51 14.50
N PRO D 128 13.59 -34.40 15.49
CA PRO D 128 12.50 -35.41 15.57
C PRO D 128 11.58 -35.41 14.34
N VAL D 129 11.31 -34.22 13.79
CA VAL D 129 10.46 -34.08 12.62
C VAL D 129 11.19 -34.60 11.37
N VAL D 130 12.50 -34.24 11.24
CA VAL D 130 13.36 -34.69 10.13
C VAL D 130 13.42 -36.22 10.09
N THR D 131 13.57 -36.84 11.27
CA THR D 131 13.62 -38.29 11.40
C THR D 131 12.29 -38.91 10.95
N TYR D 132 11.19 -38.29 11.37
CA TYR D 132 9.85 -38.75 11.03
C TYR D 132 9.66 -38.73 9.51
N VAL D 133 10.10 -37.64 8.85
CA VAL D 133 9.98 -37.52 7.40
C VAL D 133 10.83 -38.61 6.71
N CYS D 134 12.07 -38.84 7.17
CA CYS D 134 12.93 -39.90 6.62
C CYS D 134 12.27 -41.27 6.68
N ASP D 135 11.60 -41.57 7.81
CA ASP D 135 10.87 -42.83 8.00
C ASP D 135 9.78 -42.96 6.95
N LEU D 136 8.96 -41.88 6.78
CA LEU D 136 7.86 -41.86 5.81
C LEU D 136 8.34 -42.18 4.41
N GLU D 137 9.48 -41.57 4.01
CA GLU D 137 10.03 -41.71 2.66
C GLU D 137 10.70 -43.05 2.33
N GLY D 138 10.73 -43.96 3.29
CA GLY D 138 11.30 -45.28 3.07
C GLY D 138 12.67 -45.51 3.68
N ASN D 139 13.13 -44.56 4.53
CA ASN D 139 14.44 -44.60 5.17
C ASN D 139 15.58 -44.68 4.13
N ARG D 140 15.37 -44.07 2.94
CA ARG D 140 16.36 -44.03 1.87
C ARG D 140 17.60 -43.27 2.33
N VAL D 141 17.41 -42.21 3.13
CA VAL D 141 18.44 -41.34 3.69
C VAL D 141 18.21 -41.16 5.21
N LYS D 142 19.21 -40.59 5.91
CA LYS D 142 19.12 -40.30 7.32
C LYS D 142 19.06 -38.76 7.51
N GLY D 143 18.69 -38.34 8.72
CA GLY D 143 18.55 -36.95 9.12
C GLY D 143 19.49 -35.92 8.54
N PRO D 144 20.82 -36.07 8.75
CA PRO D 144 21.76 -35.07 8.22
C PRO D 144 21.75 -34.91 6.70
N GLU D 145 21.60 -36.01 5.96
CA GLU D 145 21.54 -35.96 4.51
C GLU D 145 20.25 -35.24 4.06
N LYS D 146 19.14 -35.50 4.77
CA LYS D 146 17.84 -34.89 4.50
C LYS D 146 17.93 -33.38 4.74
N GLU D 147 18.51 -32.99 5.89
CA GLU D 147 18.66 -31.59 6.25
C GLU D 147 19.53 -30.84 5.25
N GLU D 148 20.59 -31.50 4.78
CA GLU D 148 21.49 -30.88 3.81
C GLU D 148 20.80 -30.69 2.45
N LYS D 149 19.93 -31.63 2.06
CA LYS D 149 19.19 -31.49 0.81
C LYS D 149 18.25 -30.28 0.88
N LEU D 150 17.61 -30.06 2.04
CA LEU D 150 16.74 -28.89 2.21
C LEU D 150 17.54 -27.59 2.16
N ARG D 151 18.66 -27.53 2.88
CA ARG D 151 19.51 -26.33 2.91
C ARG D 151 20.02 -25.96 1.52
N GLN D 152 20.35 -26.97 0.70
CA GLN D 152 20.82 -26.76 -0.65
C GLN D 152 19.70 -26.22 -1.57
N ALA D 153 18.46 -26.66 -1.35
CA ALA D 153 17.30 -26.24 -2.13
C ALA D 153 16.87 -24.79 -1.87
N VAL D 154 17.00 -24.33 -0.63
CA VAL D 154 16.59 -22.98 -0.27
C VAL D 154 17.67 -21.97 -0.62
N LYS D 155 17.39 -21.16 -1.64
CA LYS D 155 18.36 -20.15 -2.11
C LYS D 155 17.95 -18.74 -1.74
N GLN D 156 16.63 -18.48 -1.69
CA GLN D 156 16.13 -17.15 -1.41
C GLN D 156 15.15 -17.15 -0.24
N VAL D 157 15.24 -16.13 0.60
CA VAL D 157 14.39 -15.93 1.78
C VAL D 157 13.79 -14.56 1.59
N LEU D 158 12.51 -14.49 1.19
CA LEU D 158 11.91 -13.21 0.82
C LEU D 158 10.73 -12.74 1.63
N LYS D 159 10.53 -11.43 1.65
CA LYS D 159 9.37 -10.82 2.26
C LYS D 159 8.16 -11.06 1.32
N CYS D 160 6.98 -11.34 1.89
CA CYS D 160 5.77 -11.46 1.09
C CYS D 160 4.54 -10.91 1.80
N ASP D 161 3.56 -10.45 1.03
CA ASP D 161 2.31 -9.96 1.59
C ASP D 161 1.24 -10.52 0.66
N VAL D 162 0.57 -11.60 1.11
CA VAL D 162 -0.46 -12.29 0.32
C VAL D 162 -1.63 -11.37 -0.07
N THR D 163 -1.82 -10.26 0.66
CA THR D 163 -2.91 -9.34 0.35
C THR D 163 -2.59 -8.39 -0.79
N GLN D 164 -1.35 -8.41 -1.31
CA GLN D 164 -0.96 -7.51 -2.39
C GLN D 164 -1.00 -8.21 -3.73
N SER D 165 -1.41 -7.49 -4.83
CA SER D 165 -1.45 -8.10 -6.15
C SER D 165 -0.06 -8.63 -6.58
N GLN D 166 1.02 -8.03 -6.07
CA GLN D 166 2.36 -8.55 -6.24
C GLN D 166 2.81 -8.95 -4.83
N PRO D 167 2.56 -10.20 -4.41
CA PRO D 167 2.94 -10.60 -3.03
C PRO D 167 4.41 -10.41 -2.73
N LEU D 168 5.28 -10.57 -3.73
CA LEU D 168 6.73 -10.44 -3.48
C LEU D 168 7.30 -9.04 -3.73
N GLY D 169 6.43 -8.07 -3.98
CA GLY D 169 6.81 -6.67 -4.16
C GLY D 169 7.60 -6.49 -5.44
N ALA D 170 8.68 -5.73 -5.33
CA ALA D 170 9.56 -5.46 -6.48
C ALA D 170 10.51 -6.62 -6.81
N VAL D 171 10.53 -7.71 -6.00
CA VAL D 171 11.42 -8.83 -6.25
C VAL D 171 10.89 -9.72 -7.33
N PRO D 172 11.64 -9.89 -8.43
CA PRO D 172 11.16 -10.75 -9.51
C PRO D 172 11.53 -12.20 -9.27
N LEU D 173 10.62 -13.08 -9.65
CA LEU D 173 10.86 -14.51 -9.58
C LEU D 173 10.30 -15.15 -10.84
N PRO D 174 10.95 -16.21 -11.34
CA PRO D 174 10.36 -16.94 -12.47
C PRO D 174 9.00 -17.51 -12.04
N PRO D 175 8.03 -17.72 -12.97
CA PRO D 175 6.76 -18.33 -12.57
C PRO D 175 7.06 -19.73 -12.00
N ALA D 176 6.51 -19.99 -10.80
CA ALA D 176 6.78 -21.21 -10.07
C ALA D 176 5.98 -22.40 -10.58
N ASP D 177 6.50 -23.59 -10.35
CA ASP D 177 5.81 -24.82 -10.68
C ASP D 177 4.78 -25.16 -9.58
N CYS D 178 5.01 -24.69 -8.34
CA CYS D 178 4.11 -24.95 -7.24
C CYS D 178 4.17 -23.79 -6.25
N VAL D 179 3.03 -23.46 -5.66
CA VAL D 179 2.95 -22.47 -4.59
C VAL D 179 2.36 -23.24 -3.39
N LEU D 180 3.09 -23.31 -2.30
CA LEU D 180 2.64 -23.99 -1.10
C LEU D 180 2.36 -22.97 0.03
N SER D 181 1.29 -23.14 0.82
CA SER D 181 1.01 -22.25 1.94
C SER D 181 0.37 -23.05 3.05
N THR D 182 1.09 -23.19 4.16
CA THR D 182 0.55 -23.93 5.29
C THR D 182 0.25 -22.97 6.43
N LEU D 183 -0.98 -23.02 6.94
CA LEU D 183 -1.42 -22.25 8.12
C LEU D 183 -1.17 -20.77 8.03
N CYS D 184 -1.15 -20.25 6.81
CA CYS D 184 -0.92 -18.83 6.62
C CYS D 184 -2.18 -18.05 6.26
N LEU D 185 -2.92 -18.49 5.21
CA LEU D 185 -4.02 -17.72 4.66
C LEU D 185 -5.17 -17.40 5.64
N ASP D 186 -5.52 -18.32 6.55
CA ASP D 186 -6.55 -18.02 7.56
C ASP D 186 -6.10 -16.88 8.48
N ALA D 187 -4.80 -16.78 8.75
CA ALA D 187 -4.25 -15.76 9.63
C ALA D 187 -4.05 -14.40 8.93
N ALA D 188 -3.78 -14.44 7.60
CA ALA D 188 -3.47 -13.23 6.84
C ALA D 188 -4.68 -12.56 6.21
N CYS D 189 -5.84 -13.24 6.09
CA CYS D 189 -7.03 -12.70 5.41
C CYS D 189 -8.16 -12.38 6.36
N PRO D 190 -8.52 -11.06 6.48
CA PRO D 190 -9.56 -10.66 7.46
C PRO D 190 -10.98 -11.02 7.11
N ASP D 191 -11.23 -11.30 5.82
CA ASP D 191 -12.56 -11.66 5.35
C ASP D 191 -12.47 -12.55 4.10
N LEU D 192 -13.61 -13.17 3.73
CA LEU D 192 -13.71 -14.06 2.56
C LEU D 192 -13.31 -13.39 1.23
N PRO D 193 -13.73 -12.14 0.92
CA PRO D 193 -13.26 -11.51 -0.31
C PRO D 193 -11.74 -11.36 -0.35
N THR D 194 -11.11 -11.02 0.79
CA THR D 194 -9.64 -10.89 0.86
C THR D 194 -8.98 -12.25 0.66
N TYR D 195 -9.58 -13.30 1.22
CA TYR D 195 -9.09 -14.66 1.08
C TYR D 195 -9.11 -15.07 -0.40
N CYS D 196 -10.20 -14.75 -1.12
CA CYS D 196 -10.30 -15.03 -2.55
C CYS D 196 -9.27 -14.21 -3.34
N ARG D 197 -9.08 -12.91 -3.00
CA ARG D 197 -8.06 -12.11 -3.66
C ARG D 197 -6.68 -12.65 -3.36
N ALA D 198 -6.40 -13.13 -2.13
CA ALA D 198 -5.07 -13.66 -1.79
C ALA D 198 -4.79 -14.89 -2.64
N LEU D 199 -5.80 -15.74 -2.90
CA LEU D 199 -5.64 -16.91 -3.75
C LEU D 199 -5.29 -16.45 -5.18
N ARG D 200 -5.95 -15.40 -5.66
CA ARG D 200 -5.63 -14.83 -6.99
C ARG D 200 -4.22 -14.29 -7.02
N ASN D 201 -3.79 -13.62 -5.95
CA ASN D 201 -2.45 -13.00 -5.82
C ASN D 201 -1.39 -14.07 -5.81
N LEU D 202 -1.64 -15.21 -5.13
CA LEU D 202 -0.69 -16.32 -5.14
C LEU D 202 -0.58 -16.91 -6.55
N GLY D 203 -1.70 -16.93 -7.30
CA GLY D 203 -1.79 -17.42 -8.66
C GLY D 203 -0.91 -16.64 -9.61
N SER D 204 -0.69 -15.35 -9.33
CA SER D 204 0.20 -14.50 -10.12
C SER D 204 1.65 -15.02 -10.06
N LEU D 205 2.02 -15.78 -9.01
CA LEU D 205 3.37 -16.33 -8.90
C LEU D 205 3.52 -17.68 -9.58
N LEU D 206 2.42 -18.30 -10.01
CA LEU D 206 2.37 -19.62 -10.58
C LEU D 206 2.33 -19.58 -12.10
N LYS D 207 3.00 -20.54 -12.72
CA LYS D 207 2.94 -20.69 -14.15
C LYS D 207 1.56 -21.27 -14.51
N PRO D 208 1.07 -21.08 -15.76
CA PRO D 208 -0.21 -21.74 -16.14
C PRO D 208 -0.16 -23.23 -15.88
N GLY D 209 -1.20 -23.80 -15.25
CA GLY D 209 -1.19 -25.22 -14.93
C GLY D 209 -0.37 -25.61 -13.72
N GLY D 210 0.25 -24.64 -13.07
CA GLY D 210 1.05 -24.88 -11.89
C GLY D 210 0.19 -25.27 -10.71
N PHE D 211 0.80 -25.92 -9.73
CA PHE D 211 0.08 -26.40 -8.57
C PHE D 211 -0.01 -25.45 -7.39
N LEU D 212 -1.16 -25.44 -6.73
CA LEU D 212 -1.38 -24.66 -5.52
C LEU D 212 -1.65 -25.69 -4.43
N VAL D 213 -0.85 -25.67 -3.36
CA VAL D 213 -1.05 -26.58 -2.25
C VAL D 213 -1.36 -25.76 -1.01
N ILE D 214 -2.57 -25.92 -0.44
CA ILE D 214 -2.94 -25.17 0.76
C ILE D 214 -3.34 -26.15 1.86
N MET D 215 -2.83 -25.93 3.08
CA MET D 215 -3.23 -26.69 4.26
C MET D 215 -3.51 -25.66 5.32
N ASP D 216 -4.68 -25.69 5.97
CA ASP D 216 -4.99 -24.67 7.00
C ASP D 216 -6.13 -25.14 7.91
N ALA D 217 -6.43 -24.35 8.94
CA ALA D 217 -7.47 -24.72 9.91
C ALA D 217 -8.85 -24.45 9.39
N LEU D 218 -9.81 -25.28 9.76
CA LEU D 218 -11.21 -25.07 9.40
C LEU D 218 -11.93 -24.45 10.61
N LYS D 219 -12.84 -23.50 10.32
CA LYS D 219 -13.74 -22.86 11.27
C LYS D 219 -13.04 -22.32 12.48
N SER D 220 -11.88 -21.68 12.27
CA SER D 220 -11.09 -21.18 13.37
C SER D 220 -11.10 -19.67 13.38
N SER D 221 -11.50 -19.07 14.51
CA SER D 221 -11.55 -17.62 14.60
C SER D 221 -10.39 -17.00 15.37
N TYR D 222 -9.49 -17.81 15.97
CA TYR D 222 -8.27 -17.33 16.62
C TYR D 222 -7.33 -18.49 16.87
N TYR D 223 -6.06 -18.17 17.09
CA TYR D 223 -5.02 -19.05 17.56
C TYR D 223 -4.11 -18.25 18.51
N MET D 224 -3.44 -18.95 19.44
CA MET D 224 -2.64 -18.35 20.51
C MET D 224 -1.21 -18.73 20.43
N ILE D 225 -0.32 -17.84 20.88
CA ILE D 225 1.09 -18.13 21.05
C ILE D 225 1.32 -17.67 22.49
N GLY D 226 1.12 -18.58 23.44
CA GLY D 226 1.15 -18.23 24.86
C GLY D 226 -0.06 -17.36 25.16
N GLU D 227 0.14 -16.16 25.74
CA GLU D 227 -0.98 -15.23 25.97
C GLU D 227 -1.33 -14.35 24.74
N GLN D 228 -0.49 -14.37 23.72
CA GLN D 228 -0.74 -13.56 22.53
C GLN D 228 -1.83 -14.18 21.64
N LYS D 229 -2.91 -13.42 21.44
CA LYS D 229 -4.01 -13.87 20.59
C LYS D 229 -3.80 -13.38 19.18
N PHE D 230 -4.14 -14.21 18.21
CA PHE D 230 -4.06 -13.81 16.80
C PHE D 230 -5.37 -14.20 16.15
N SER D 231 -5.94 -13.33 15.33
CA SER D 231 -7.17 -13.63 14.62
C SER D 231 -6.98 -14.72 13.53
N SER D 232 -8.06 -15.38 13.20
CA SER D 232 -8.11 -16.34 12.11
C SER D 232 -9.47 -16.16 11.44
N LEU D 233 -9.52 -16.32 10.13
CA LEU D 233 -10.77 -16.25 9.39
C LEU D 233 -11.44 -17.61 9.51
N PRO D 234 -12.65 -17.66 10.07
CA PRO D 234 -13.29 -18.96 10.27
C PRO D 234 -13.95 -19.45 9.00
N LEU D 235 -13.31 -20.38 8.29
CA LEU D 235 -13.87 -20.86 7.03
C LEU D 235 -14.18 -22.32 7.10
N GLY D 236 -15.30 -22.73 6.53
CA GLY D 236 -15.62 -24.14 6.39
C GLY D 236 -15.14 -24.65 5.03
N ARG D 237 -15.16 -25.98 4.83
CA ARG D 237 -14.65 -26.57 3.61
C ARG D 237 -15.34 -26.02 2.35
N GLU D 238 -16.65 -25.73 2.41
CA GLU D 238 -17.36 -25.26 1.23
C GLU D 238 -16.86 -23.87 0.78
N ALA D 239 -16.58 -22.98 1.76
CA ALA D 239 -16.09 -21.64 1.41
C ALA D 239 -14.67 -21.69 0.87
N VAL D 240 -13.83 -22.63 1.38
CA VAL D 240 -12.47 -22.76 0.89
C VAL D 240 -12.50 -23.24 -0.57
N GLU D 241 -13.28 -24.30 -0.85
CA GLU D 241 -13.41 -24.81 -2.21
C GLU D 241 -13.97 -23.76 -3.16
N ALA D 242 -15.00 -23.02 -2.72
CA ALA D 242 -15.60 -22.01 -3.57
C ALA D 242 -14.62 -20.88 -3.89
N ALA D 243 -13.83 -20.43 -2.91
CA ALA D 243 -12.87 -19.36 -3.12
C ALA D 243 -11.78 -19.77 -4.10
N VAL D 244 -11.32 -21.02 -4.01
CA VAL D 244 -10.28 -21.57 -4.90
C VAL D 244 -10.82 -21.62 -6.34
N LYS D 245 -12.09 -22.03 -6.51
CA LYS D 245 -12.68 -22.05 -7.86
C LYS D 245 -12.89 -20.63 -8.39
N GLU D 246 -13.34 -19.72 -7.53
CA GLU D 246 -13.55 -18.31 -7.88
C GLU D 246 -12.23 -17.64 -8.29
N ALA D 247 -11.12 -18.03 -7.64
CA ALA D 247 -9.81 -17.50 -7.90
C ALA D 247 -9.13 -18.03 -9.16
N GLY D 248 -9.77 -18.95 -9.88
CA GLY D 248 -9.23 -19.44 -11.14
C GLY D 248 -8.43 -20.73 -11.08
N TYR D 249 -8.76 -21.63 -10.14
CA TYR D 249 -8.11 -22.94 -10.04
C TYR D 249 -9.08 -24.06 -10.25
N THR D 250 -8.56 -25.26 -10.47
CA THR D 250 -9.35 -26.46 -10.55
C THR D 250 -8.82 -27.39 -9.43
N ILE D 251 -9.71 -27.91 -8.60
CA ILE D 251 -9.31 -28.74 -7.46
C ILE D 251 -9.03 -30.21 -7.86
N GLU D 252 -7.88 -30.74 -7.47
CA GLU D 252 -7.51 -32.12 -7.75
C GLU D 252 -7.95 -33.03 -6.64
N TRP D 253 -7.71 -32.61 -5.42
CA TRP D 253 -8.18 -33.34 -4.26
C TRP D 253 -8.34 -32.40 -3.07
N PHE D 254 -9.25 -32.77 -2.17
CA PHE D 254 -9.57 -32.01 -0.99
C PHE D 254 -9.80 -32.96 0.15
N GLU D 255 -9.04 -32.80 1.24
CA GLU D 255 -9.17 -33.66 2.40
C GLU D 255 -9.47 -32.84 3.66
N VAL D 256 -10.36 -33.34 4.50
CA VAL D 256 -10.65 -32.72 5.77
C VAL D 256 -10.24 -33.70 6.87
N ILE D 257 -9.49 -33.26 7.88
CA ILE D 257 -9.18 -34.11 9.03
C ILE D 257 -9.95 -33.55 10.22
N SER D 258 -10.50 -34.41 11.05
CA SER D 258 -11.29 -33.93 12.19
C SER D 258 -10.44 -33.43 13.37
N GLN D 259 -9.18 -33.87 13.46
CA GLN D 259 -8.26 -33.49 14.52
C GLN D 259 -8.13 -31.97 14.67
N SER D 260 -8.39 -31.47 15.88
CA SER D 260 -8.28 -30.03 16.16
C SER D 260 -7.13 -29.76 17.10
N TYR D 261 -6.71 -28.48 17.22
CA TYR D 261 -5.64 -28.10 18.13
C TYR D 261 -6.20 -28.17 19.54
N SER D 262 -5.30 -28.13 20.55
CA SER D 262 -5.74 -28.09 21.94
C SER D 262 -6.59 -26.83 22.17
N SER D 263 -7.54 -26.91 23.10
CA SER D 263 -8.46 -25.81 23.41
C SER D 263 -7.73 -24.52 23.74
N THR D 264 -6.56 -24.64 24.37
CA THR D 264 -5.71 -23.51 24.76
C THR D 264 -4.96 -22.88 23.56
N MET D 265 -4.91 -23.55 22.41
CA MET D 265 -4.20 -23.05 21.25
C MET D 265 -5.10 -22.41 20.22
N ALA D 266 -6.25 -23.03 19.88
CA ALA D 266 -7.13 -22.53 18.82
C ALA D 266 -8.53 -23.14 18.95
N ASN D 267 -9.54 -22.49 18.34
CA ASN D 267 -10.91 -23.01 18.41
C ASN D 267 -11.31 -23.66 17.06
N ASN D 268 -10.35 -24.27 16.34
CA ASN D 268 -10.65 -24.88 15.04
C ASN D 268 -11.46 -26.17 15.12
N GLU D 269 -12.13 -26.51 14.02
CA GLU D 269 -12.88 -27.72 13.86
C GLU D 269 -12.18 -28.49 12.75
N GLY D 270 -10.99 -28.99 13.04
CA GLY D 270 -10.20 -29.73 12.07
C GLY D 270 -9.36 -28.88 11.15
N LEU D 271 -8.82 -29.52 10.12
CA LEU D 271 -7.96 -28.87 9.14
C LEU D 271 -8.29 -29.43 7.77
N PHE D 272 -7.94 -28.70 6.74
CA PHE D 272 -8.09 -29.16 5.38
C PHE D 272 -6.72 -29.13 4.68
N SER D 273 -6.61 -29.90 3.58
CA SER D 273 -5.47 -29.92 2.69
C SER D 273 -6.08 -30.02 1.31
N LEU D 274 -5.54 -29.25 0.40
CA LEU D 274 -6.00 -29.32 -0.98
C LEU D 274 -4.83 -29.15 -1.92
N VAL D 275 -4.99 -29.70 -3.11
CA VAL D 275 -4.09 -29.53 -4.23
C VAL D 275 -4.96 -29.04 -5.38
N ALA D 276 -4.59 -27.90 -5.98
CA ALA D 276 -5.34 -27.34 -7.08
C ALA D 276 -4.39 -26.97 -8.24
N ARG D 277 -4.94 -26.76 -9.44
CA ARG D 277 -4.10 -26.33 -10.57
C ARG D 277 -4.63 -25.05 -11.11
N LYS D 278 -3.74 -24.10 -11.39
CA LYS D 278 -4.14 -22.80 -11.92
C LYS D 278 -4.61 -22.95 -13.37
N LEU D 279 -5.78 -22.41 -13.69
CA LEU D 279 -6.25 -22.41 -15.08
C LEU D 279 -5.46 -21.26 -15.74
N SER D 280 -4.50 -21.60 -16.62
CA SER D 280 -3.58 -20.67 -17.33
C SER D 280 -3.09 -19.47 -16.48
N GLY E 23 -10.37 -2.97 -41.62
CA GLY E 23 -9.77 -4.26 -41.99
C GLY E 23 -8.29 -4.33 -41.69
N PHE E 24 -7.81 -5.47 -41.15
CA PHE E 24 -6.41 -5.63 -40.76
C PHE E 24 -5.95 -7.07 -40.93
N THR E 25 -4.71 -7.30 -41.39
CA THR E 25 -4.12 -8.63 -41.55
C THR E 25 -4.30 -9.50 -40.27
N SER E 26 -4.87 -10.71 -40.41
CA SER E 26 -5.10 -11.61 -39.29
C SER E 26 -3.79 -12.29 -38.88
N LYS E 27 -3.61 -12.68 -37.59
CA LYS E 27 -2.40 -13.37 -37.12
C LYS E 27 -2.09 -14.61 -37.92
N ASP E 28 -3.10 -15.39 -38.26
CA ASP E 28 -2.91 -16.62 -39.05
C ASP E 28 -2.23 -16.34 -40.39
N THR E 29 -2.36 -15.10 -40.94
CA THR E 29 -1.70 -14.73 -42.19
C THR E 29 -0.18 -14.75 -42.03
N TYR E 30 0.35 -14.49 -40.81
CA TYR E 30 1.77 -14.56 -40.59
C TYR E 30 2.31 -15.97 -40.64
N LEU E 31 1.52 -16.94 -40.23
CA LEU E 31 1.96 -18.35 -40.28
C LEU E 31 2.16 -18.83 -41.74
N SER E 32 1.27 -18.41 -42.62
CA SER E 32 1.23 -18.89 -43.99
C SER E 32 1.83 -18.01 -45.04
N HIS E 33 1.62 -16.69 -44.96
CA HIS E 33 1.96 -15.77 -46.03
C HIS E 33 3.19 -14.92 -45.81
N PHE E 34 3.81 -14.99 -44.63
CA PHE E 34 5.02 -14.22 -44.39
C PHE E 34 6.17 -15.14 -44.78
N ASN E 35 6.83 -14.87 -45.94
CA ASN E 35 7.94 -15.70 -46.43
C ASN E 35 9.22 -15.16 -45.80
N PRO E 36 9.86 -15.90 -44.88
CA PRO E 36 11.02 -15.35 -44.19
C PRO E 36 12.23 -15.08 -45.09
N ARG E 37 12.52 -15.97 -46.07
CA ARG E 37 13.66 -15.72 -46.95
C ARG E 37 13.42 -14.52 -47.85
N ASP E 38 12.19 -14.35 -48.32
CA ASP E 38 11.83 -13.21 -49.15
C ASP E 38 11.95 -11.92 -48.35
N TYR E 39 11.50 -11.93 -47.08
CA TYR E 39 11.60 -10.78 -46.18
C TYR E 39 13.05 -10.36 -45.99
N LEU E 40 13.92 -11.33 -45.76
CA LEU E 40 15.34 -11.04 -45.55
C LEU E 40 15.99 -10.53 -46.82
N GLU E 41 15.60 -11.07 -47.96
CA GLU E 41 16.12 -10.65 -49.24
C GLU E 41 15.71 -9.21 -49.54
N LYS E 42 14.45 -8.87 -49.25
CA LYS E 42 13.88 -7.56 -49.50
C LYS E 42 14.35 -6.45 -48.60
N TYR E 43 14.63 -6.76 -47.34
CA TYR E 43 14.96 -5.72 -46.39
C TYR E 43 16.35 -5.76 -45.82
N TYR E 44 16.98 -6.92 -45.73
CA TYR E 44 18.23 -7.08 -44.99
C TYR E 44 19.41 -7.60 -45.77
N LYS E 45 19.36 -7.59 -47.12
CA LYS E 45 20.52 -8.05 -47.89
C LYS E 45 21.72 -7.08 -47.68
N PHE E 46 21.44 -5.78 -47.43
CA PHE E 46 22.43 -4.75 -47.10
C PHE E 46 23.40 -4.54 -48.25
N GLY E 47 22.85 -4.36 -49.44
CA GLY E 47 23.63 -4.16 -50.65
C GLY E 47 24.35 -2.81 -50.66
N SER E 48 25.45 -2.73 -51.44
CA SER E 48 26.30 -1.54 -51.61
C SER E 48 25.53 -0.28 -52.07
N ARG E 49 24.35 -0.49 -52.67
CA ARG E 49 23.49 0.60 -53.09
C ARG E 49 22.85 1.23 -51.87
N HIS E 50 22.85 2.57 -51.80
CA HIS E 50 22.35 3.34 -50.66
C HIS E 50 20.83 3.47 -50.63
N SER E 51 20.14 2.33 -50.64
CA SER E 51 18.69 2.22 -50.61
C SER E 51 18.10 2.75 -49.30
N ALA E 52 16.82 3.12 -49.32
CA ALA E 52 16.13 3.55 -48.09
C ALA E 52 16.15 2.42 -47.04
N GLU E 53 16.08 1.15 -47.48
CA GLU E 53 16.07 -0.02 -46.59
C GLU E 53 17.40 -0.17 -45.85
N SER E 54 18.51 0.03 -46.57
CA SER E 54 19.82 -0.05 -45.94
C SER E 54 20.08 1.11 -45.01
N GLN E 55 19.53 2.29 -45.32
CA GLN E 55 19.68 3.47 -44.47
C GLN E 55 18.94 3.29 -43.15
N ILE E 56 17.76 2.67 -43.23
CA ILE E 56 16.99 2.42 -42.02
C ILE E 56 17.71 1.37 -41.20
N LEU E 57 18.20 0.29 -41.84
CA LEU E 57 18.97 -0.75 -41.15
C LEU E 57 20.18 -0.15 -40.40
N LYS E 58 20.94 0.73 -41.05
CA LYS E 58 22.06 1.40 -40.42
C LYS E 58 21.61 2.23 -39.21
N HIS E 59 20.53 3.05 -39.35
CA HIS E 59 20.06 3.82 -38.20
C HIS E 59 19.60 2.91 -37.06
N LEU E 60 18.91 1.79 -37.35
CA LEU E 60 18.48 0.86 -36.31
C LEU E 60 19.70 0.31 -35.56
N LEU E 61 20.73 -0.09 -36.31
CA LEU E 61 21.96 -0.65 -35.75
C LEU E 61 22.68 0.36 -34.86
N LYS E 62 22.71 1.62 -35.27
CA LYS E 62 23.36 2.66 -34.48
C LYS E 62 22.61 2.92 -33.20
N ASN E 63 21.26 2.94 -33.29
CA ASN E 63 20.43 3.09 -32.10
C ASN E 63 20.57 1.95 -31.13
N LEU E 64 20.60 0.71 -31.64
CA LEU E 64 20.80 -0.48 -30.82
C LEU E 64 22.17 -0.49 -30.18
N PHE E 65 23.21 -0.02 -30.92
CA PHE E 65 24.55 0.06 -30.34
C PHE E 65 24.53 1.08 -29.18
N LYS E 66 23.91 2.24 -29.41
CA LYS E 66 23.78 3.28 -28.39
C LYS E 66 23.02 2.80 -27.16
N ILE E 67 21.95 2.03 -27.34
CA ILE E 67 21.17 1.52 -26.20
C ILE E 67 21.89 0.46 -25.37
N PHE E 68 22.52 -0.50 -26.03
CA PHE E 68 23.12 -1.65 -25.36
C PHE E 68 24.57 -1.52 -24.92
N CYS E 69 25.41 -0.96 -25.80
CA CYS E 69 26.83 -0.88 -25.47
C CYS E 69 27.21 0.45 -24.82
N LEU E 70 26.68 1.55 -25.39
CA LEU E 70 26.91 2.88 -24.85
C LEU E 70 26.12 3.08 -23.53
N ASP E 71 24.77 2.91 -23.57
CA ASP E 71 23.91 3.04 -22.39
C ASP E 71 24.10 1.82 -21.42
N GLY E 72 23.55 1.94 -20.22
CA GLY E 72 23.63 0.87 -19.24
C GLY E 72 22.59 -0.22 -19.42
N VAL E 73 21.98 -0.38 -20.64
CA VAL E 73 20.99 -1.45 -20.81
C VAL E 73 21.66 -2.81 -20.92
N LYS E 74 21.67 -3.53 -19.80
CA LYS E 74 22.31 -4.84 -19.69
C LYS E 74 21.65 -5.70 -18.60
N GLY E 75 22.04 -6.97 -18.53
CA GLY E 75 21.50 -7.88 -17.53
C GLY E 75 21.74 -9.32 -17.88
N ASP E 76 21.07 -10.19 -17.17
CA ASP E 76 21.17 -11.63 -17.38
C ASP E 76 20.29 -12.09 -18.54
N LEU E 77 19.15 -11.42 -18.78
CA LEU E 77 18.21 -11.88 -19.80
C LEU E 77 17.52 -10.77 -20.57
N LEU E 78 17.54 -10.90 -21.90
CA LEU E 78 16.82 -10.05 -22.84
C LEU E 78 15.86 -10.97 -23.63
N ILE E 79 14.61 -10.57 -23.79
CA ILE E 79 13.66 -11.30 -24.60
C ILE E 79 13.38 -10.42 -25.81
N ASP E 80 13.65 -10.94 -27.00
CA ASP E 80 13.37 -10.21 -28.24
C ASP E 80 11.99 -10.71 -28.71
N ILE E 81 11.04 -9.78 -28.87
CA ILE E 81 9.65 -10.07 -29.21
C ILE E 81 9.38 -9.81 -30.71
N GLY E 82 8.82 -10.82 -31.38
CA GLY E 82 8.50 -10.69 -32.80
C GLY E 82 9.77 -10.58 -33.63
N SER E 83 10.76 -11.39 -33.27
CA SER E 83 12.08 -11.43 -33.89
C SER E 83 12.01 -11.67 -35.39
N GLY E 84 11.00 -12.39 -35.85
CA GLY E 84 10.91 -12.81 -37.24
C GLY E 84 12.07 -13.74 -37.54
N PRO E 85 12.61 -13.65 -38.76
CA PRO E 85 13.80 -14.46 -39.09
C PRO E 85 15.08 -13.64 -38.97
N THR E 86 15.07 -12.50 -38.22
CA THR E 86 16.23 -11.61 -38.19
C THR E 86 17.05 -11.70 -36.93
N ILE E 87 18.37 -11.41 -37.07
CA ILE E 87 19.30 -11.38 -35.95
C ILE E 87 19.97 -10.02 -35.77
N TYR E 88 19.83 -9.09 -36.73
CA TYR E 88 20.51 -7.79 -36.66
C TYR E 88 20.25 -7.04 -35.35
N GLN E 89 19.03 -7.14 -34.82
CA GLN E 89 18.62 -6.45 -33.61
C GLN E 89 19.21 -7.03 -32.33
N LEU E 90 19.98 -8.13 -32.43
CA LEU E 90 20.60 -8.79 -31.31
C LEU E 90 22.13 -8.66 -31.29
N LEU E 91 22.74 -8.18 -32.37
CA LEU E 91 24.19 -8.09 -32.49
C LEU E 91 24.87 -7.28 -31.40
N SER E 92 24.39 -6.07 -31.10
CA SER E 92 24.96 -5.30 -30.00
C SER E 92 24.46 -5.83 -28.62
N ALA E 93 23.23 -6.32 -28.56
CA ALA E 93 22.65 -6.84 -27.33
C ALA E 93 23.41 -8.03 -26.78
N CYS E 94 23.98 -8.87 -27.64
CA CYS E 94 24.73 -10.04 -27.16
C CYS E 94 26.02 -9.67 -26.39
N GLU E 95 26.50 -8.43 -26.55
CA GLU E 95 27.64 -7.96 -25.77
C GLU E 95 27.24 -7.65 -24.33
N SER E 96 25.95 -7.32 -24.09
CA SER E 96 25.43 -6.87 -22.80
C SER E 96 24.53 -7.84 -22.05
N PHE E 97 24.09 -8.93 -22.69
CA PHE E 97 23.19 -9.88 -22.01
C PHE E 97 23.74 -11.29 -22.01
N LYS E 98 23.70 -11.97 -20.86
CA LYS E 98 24.18 -13.35 -20.75
C LYS E 98 23.33 -14.26 -21.66
N GLU E 99 22.00 -14.06 -21.62
CA GLU E 99 21.07 -14.85 -22.40
C GLU E 99 20.12 -13.97 -23.16
N ILE E 100 19.83 -14.38 -24.35
CA ILE E 100 18.88 -13.74 -25.24
C ILE E 100 17.87 -14.82 -25.63
N VAL E 101 16.58 -14.55 -25.50
CA VAL E 101 15.51 -15.47 -25.92
C VAL E 101 14.87 -14.83 -27.13
N VAL E 102 14.80 -15.55 -28.27
CA VAL E 102 14.17 -14.99 -29.46
C VAL E 102 12.79 -15.59 -29.60
N THR E 103 11.81 -14.76 -29.98
CA THR E 103 10.42 -15.23 -30.04
C THR E 103 9.69 -14.71 -31.27
N ASP E 104 8.67 -15.45 -31.74
CA ASP E 104 7.87 -14.97 -32.85
C ASP E 104 6.56 -15.72 -32.95
N TYR E 105 5.56 -15.10 -33.56
CA TYR E 105 4.28 -15.78 -33.78
C TYR E 105 4.43 -16.86 -34.88
N SER E 106 5.32 -16.66 -35.85
CA SER E 106 5.47 -17.58 -36.96
C SER E 106 6.52 -18.66 -36.76
N ASP E 107 6.11 -19.92 -36.93
CA ASP E 107 7.01 -21.08 -36.85
C ASP E 107 8.01 -21.06 -38.01
N GLN E 108 7.58 -20.65 -39.21
CA GLN E 108 8.47 -20.55 -40.38
C GLN E 108 9.61 -19.56 -40.10
N ASN E 109 9.28 -18.44 -39.44
CA ASN E 109 10.28 -17.44 -39.10
C ASN E 109 11.29 -17.98 -38.11
N LEU E 110 10.84 -18.66 -37.09
CA LEU E 110 11.72 -19.26 -36.11
C LEU E 110 12.61 -20.36 -36.71
N GLN E 111 12.09 -21.10 -37.69
CA GLN E 111 12.92 -22.11 -38.36
C GLN E 111 14.05 -21.43 -39.16
N GLU E 112 13.76 -20.34 -39.85
CA GLU E 112 14.78 -19.59 -40.60
C GLU E 112 15.83 -18.99 -39.64
N LEU E 113 15.38 -18.53 -38.45
CA LEU E 113 16.28 -18.00 -37.43
C LEU E 113 17.20 -19.14 -36.93
N GLU E 114 16.62 -20.32 -36.68
CA GLU E 114 17.37 -21.47 -36.22
C GLU E 114 18.37 -21.98 -37.23
N LYS E 115 18.10 -21.79 -38.55
CA LYS E 115 19.09 -22.17 -39.57
C LYS E 115 20.36 -21.34 -39.38
N TRP E 116 20.22 -20.04 -39.05
CA TRP E 116 21.38 -19.19 -38.81
C TRP E 116 22.08 -19.57 -37.50
N LEU E 117 21.31 -19.72 -36.42
CA LEU E 117 21.76 -20.06 -35.07
C LEU E 117 22.58 -21.36 -35.08
N LYS E 118 22.11 -22.37 -35.82
CA LYS E 118 22.79 -23.66 -35.91
C LYS E 118 23.80 -23.74 -37.05
N ALA E 119 24.10 -22.63 -37.74
CA ALA E 119 25.02 -22.62 -38.88
C ALA E 119 24.69 -23.74 -39.91
N ALA E 120 23.39 -23.82 -40.24
CA ALA E 120 22.85 -24.77 -41.20
C ALA E 120 23.17 -24.29 -42.63
N PRO E 121 23.17 -25.19 -43.62
CA PRO E 121 23.57 -24.79 -44.99
C PRO E 121 22.77 -23.67 -45.63
N ALA E 122 21.45 -23.65 -45.42
CA ALA E 122 20.61 -22.64 -46.06
C ALA E 122 20.45 -21.35 -45.25
N ALA E 123 21.34 -21.06 -44.30
CA ALA E 123 21.25 -19.86 -43.46
C ALA E 123 21.44 -18.57 -44.25
N PHE E 124 20.78 -17.47 -43.82
CA PHE E 124 20.91 -16.17 -44.46
C PHE E 124 22.31 -15.62 -44.20
N ASP E 125 22.86 -14.90 -45.19
CA ASP E 125 24.17 -14.30 -45.05
C ASP E 125 24.07 -12.97 -44.33
N TRP E 126 24.35 -12.98 -43.04
CA TRP E 126 24.34 -11.74 -42.24
C TRP E 126 25.71 -11.06 -42.18
N SER E 127 26.76 -11.64 -42.82
CA SER E 127 28.12 -11.06 -42.74
C SER E 127 28.22 -9.53 -43.03
N PRO E 128 27.55 -8.88 -44.01
CA PRO E 128 27.72 -7.41 -44.16
C PRO E 128 27.21 -6.61 -42.95
N VAL E 129 26.11 -7.09 -42.34
CA VAL E 129 25.54 -6.44 -41.17
C VAL E 129 26.43 -6.68 -39.96
N VAL E 130 26.93 -7.92 -39.80
CA VAL E 130 27.82 -8.30 -38.71
C VAL E 130 29.09 -7.45 -38.76
N THR E 131 29.65 -7.25 -39.96
CA THR E 131 30.84 -6.43 -40.16
C THR E 131 30.57 -5.00 -39.79
N TYR E 132 29.39 -4.46 -40.17
CA TYR E 132 29.00 -3.10 -39.85
C TYR E 132 28.90 -2.92 -38.33
N VAL E 133 28.30 -3.90 -37.63
CA VAL E 133 28.20 -3.81 -36.18
C VAL E 133 29.60 -3.84 -35.54
N CYS E 134 30.49 -4.73 -36.01
CA CYS E 134 31.87 -4.79 -35.51
C CYS E 134 32.59 -3.44 -35.65
N ASP E 135 32.41 -2.75 -36.79
CA ASP E 135 32.98 -1.43 -37.05
C ASP E 135 32.46 -0.43 -36.02
N LEU E 136 31.12 -0.41 -35.78
CA LEU E 136 30.48 0.50 -34.82
C LEU E 136 31.09 0.35 -33.44
N GLU E 137 31.29 -0.91 -33.01
CA GLU E 137 31.78 -1.22 -31.66
C GLU E 137 33.26 -0.99 -31.41
N GLY E 138 33.98 -0.52 -32.43
CA GLY E 138 35.39 -0.20 -32.29
C GLY E 138 36.36 -1.18 -32.93
N ASN E 139 35.84 -2.13 -33.72
CA ASN E 139 36.61 -3.20 -34.36
C ASN E 139 37.36 -4.04 -33.33
N ARG E 140 36.79 -4.19 -32.12
CA ARG E 140 37.39 -4.98 -31.04
C ARG E 140 37.51 -6.44 -31.45
N VAL E 141 36.50 -6.94 -32.19
CA VAL E 141 36.38 -8.30 -32.68
C VAL E 141 36.04 -8.28 -34.18
N LYS E 142 36.19 -9.44 -34.83
CA LYS E 142 35.81 -9.61 -36.22
C LYS E 142 34.52 -10.45 -36.30
N GLY E 143 33.90 -10.46 -37.49
CA GLY E 143 32.67 -11.17 -37.81
C GLY E 143 32.44 -12.52 -37.17
N PRO E 144 33.32 -13.50 -37.39
CA PRO E 144 33.09 -14.84 -36.80
C PRO E 144 33.02 -14.85 -35.26
N GLU E 145 33.85 -14.06 -34.59
CA GLU E 145 33.82 -13.99 -33.12
C GLU E 145 32.50 -13.35 -32.66
N LYS E 146 32.04 -12.32 -33.38
CA LYS E 146 30.79 -11.63 -33.09
C LYS E 146 29.61 -12.60 -33.25
N GLU E 147 29.60 -13.34 -34.36
CA GLU E 147 28.55 -14.30 -34.65
C GLU E 147 28.50 -15.39 -33.62
N GLU E 148 29.66 -15.86 -33.17
CA GLU E 148 29.72 -16.91 -32.17
C GLU E 148 29.22 -16.40 -30.80
N LYS E 149 29.50 -15.13 -30.47
CA LYS E 149 28.98 -14.56 -29.23
C LYS E 149 27.45 -14.52 -29.24
N LEU E 150 26.85 -14.18 -30.39
CA LEU E 150 25.39 -14.18 -30.51
C LEU E 150 24.82 -15.59 -30.40
N ARG E 151 25.40 -16.56 -31.10
CA ARG E 151 24.94 -17.95 -31.06
C ARG E 151 24.99 -18.52 -29.65
N GLN E 152 26.02 -18.17 -28.89
CA GLN E 152 26.18 -18.63 -27.52
C GLN E 152 25.11 -18.03 -26.59
N ALA E 153 24.72 -16.76 -26.85
CA ALA E 153 23.73 -16.05 -26.04
C ALA E 153 22.31 -16.58 -26.25
N VAL E 154 21.97 -16.99 -27.48
CA VAL E 154 20.63 -17.49 -27.77
C VAL E 154 20.46 -18.93 -27.37
N LYS E 155 19.69 -19.17 -26.30
CA LYS E 155 19.47 -20.51 -25.77
C LYS E 155 18.08 -21.04 -26.09
N GLN E 156 17.08 -20.14 -26.15
CA GLN E 156 15.71 -20.55 -26.39
C GLN E 156 15.09 -19.81 -27.58
N VAL E 157 14.29 -20.52 -28.38
CA VAL E 157 13.60 -19.97 -29.56
C VAL E 157 12.15 -20.31 -29.32
N LEU E 158 11.34 -19.31 -28.94
CA LEU E 158 9.96 -19.58 -28.53
C LEU E 158 8.84 -18.95 -29.35
N LYS E 159 7.69 -19.60 -29.36
CA LYS E 159 6.50 -19.06 -29.96
C LYS E 159 5.98 -17.96 -29.02
N CYS E 160 5.48 -16.87 -29.61
CA CYS E 160 4.89 -15.82 -28.80
C CYS E 160 3.72 -15.16 -29.51
N ASP E 161 2.80 -14.61 -28.75
CA ASP E 161 1.68 -13.88 -29.31
C ASP E 161 1.51 -12.70 -28.40
N VAL E 162 1.85 -11.53 -28.89
CA VAL E 162 1.80 -10.30 -28.10
C VAL E 162 0.39 -9.89 -27.71
N THR E 163 -0.65 -10.40 -28.39
CA THR E 163 -2.03 -10.06 -28.01
C THR E 163 -2.48 -10.86 -26.76
N GLN E 164 -1.73 -11.90 -26.35
CA GLN E 164 -2.14 -12.71 -25.22
C GLN E 164 -1.58 -12.22 -23.92
N SER E 165 -2.36 -12.28 -22.83
CA SER E 165 -1.86 -11.82 -21.51
C SER E 165 -0.60 -12.59 -21.08
N GLN E 166 -0.44 -13.84 -21.54
CA GLN E 166 0.79 -14.60 -21.37
C GLN E 166 1.32 -14.76 -22.80
N PRO E 167 2.16 -13.84 -23.29
CA PRO E 167 2.64 -13.96 -24.67
C PRO E 167 3.37 -15.26 -24.96
N LEU E 168 4.04 -15.84 -23.96
CA LEU E 168 4.80 -17.07 -24.18
C LEU E 168 4.03 -18.35 -23.86
N GLY E 169 2.71 -18.23 -23.66
CA GLY E 169 1.83 -19.35 -23.37
C GLY E 169 2.17 -20.05 -22.08
N ALA E 170 2.23 -21.37 -22.11
CA ALA E 170 2.53 -22.15 -20.91
C ALA E 170 4.02 -22.17 -20.54
N VAL E 171 4.90 -21.62 -21.38
CA VAL E 171 6.33 -21.61 -21.13
C VAL E 171 6.71 -20.58 -20.08
N PRO E 172 7.28 -21.02 -18.94
CA PRO E 172 7.72 -20.07 -17.94
C PRO E 172 9.14 -19.59 -18.21
N LEU E 173 9.36 -18.33 -17.98
CA LEU E 173 10.67 -17.73 -18.13
C LEU E 173 10.89 -16.85 -16.92
N PRO E 174 12.14 -16.74 -16.46
CA PRO E 174 12.42 -15.76 -15.39
C PRO E 174 12.08 -14.35 -15.88
N PRO E 175 11.70 -13.42 -14.99
CA PRO E 175 11.45 -12.03 -15.45
C PRO E 175 12.71 -11.46 -16.09
N ALA E 176 12.56 -10.87 -17.28
CA ALA E 176 13.70 -10.39 -18.04
C ALA E 176 14.20 -9.03 -17.56
N ASP E 177 15.46 -8.73 -17.83
CA ASP E 177 16.03 -7.41 -17.57
C ASP E 177 15.64 -6.41 -18.69
N CYS E 178 15.37 -6.92 -19.89
CA CYS E 178 15.02 -6.07 -21.02
C CYS E 178 14.08 -6.85 -21.96
N VAL E 179 13.11 -6.16 -22.55
CA VAL E 179 12.24 -6.72 -23.57
C VAL E 179 12.47 -5.83 -24.79
N LEU E 180 12.91 -6.41 -25.90
CA LEU E 180 13.16 -5.66 -27.12
C LEU E 180 12.16 -6.06 -28.19
N SER E 181 11.63 -5.11 -28.99
CA SER E 181 10.73 -5.46 -30.08
C SER E 181 10.95 -4.50 -31.23
N THR E 182 11.48 -5.02 -32.35
CA THR E 182 11.74 -4.19 -33.50
C THR E 182 10.79 -4.54 -34.62
N LEU E 183 10.09 -3.52 -35.14
CA LEU E 183 9.20 -3.56 -36.30
C LEU E 183 7.99 -4.54 -36.22
N CYS E 184 7.76 -5.06 -35.00
CA CYS E 184 6.70 -6.03 -34.72
C CYS E 184 5.36 -5.42 -34.33
N LEU E 185 5.28 -4.59 -33.25
CA LEU E 185 4.02 -4.15 -32.65
C LEU E 185 3.09 -3.42 -33.59
N ASP E 186 3.64 -2.63 -34.54
CA ASP E 186 2.77 -1.96 -35.52
C ASP E 186 2.06 -3.02 -36.38
N ALA E 187 2.75 -4.11 -36.69
CA ALA E 187 2.21 -5.17 -37.52
C ALA E 187 1.25 -6.09 -36.78
N ALA E 188 1.47 -6.28 -35.48
CA ALA E 188 0.71 -7.22 -34.72
C ALA E 188 -0.57 -6.65 -34.12
N CYS E 189 -0.70 -5.32 -34.04
CA CYS E 189 -1.84 -4.68 -33.33
C CYS E 189 -2.79 -3.97 -34.27
N PRO E 190 -4.06 -4.43 -34.35
CA PRO E 190 -5.01 -3.82 -35.31
C PRO E 190 -5.52 -2.45 -34.94
N ASP E 191 -5.42 -2.08 -33.67
CA ASP E 191 -5.89 -0.79 -33.19
C ASP E 191 -5.09 -0.34 -31.95
N LEU E 192 -5.22 0.93 -31.60
CA LEU E 192 -4.54 1.57 -30.47
C LEU E 192 -4.83 0.87 -29.11
N PRO E 193 -6.07 0.47 -28.78
CA PRO E 193 -6.29 -0.27 -27.53
C PRO E 193 -5.53 -1.59 -27.49
N THR E 194 -5.46 -2.31 -28.62
CA THR E 194 -4.71 -3.57 -28.71
C THR E 194 -3.21 -3.32 -28.56
N TYR E 195 -2.74 -2.21 -29.11
CA TYR E 195 -1.34 -1.82 -29.03
C TYR E 195 -0.98 -1.57 -27.56
N CYS E 196 -1.86 -0.88 -26.82
CA CYS E 196 -1.66 -0.65 -25.41
C CYS E 196 -1.69 -1.96 -24.63
N ARG E 197 -2.63 -2.88 -24.93
CA ARG E 197 -2.66 -4.19 -24.26
C ARG E 197 -1.43 -4.98 -24.58
N ALA E 198 -0.92 -4.93 -25.83
CA ALA E 198 0.30 -5.69 -26.18
C ALA E 198 1.48 -5.17 -25.37
N LEU E 199 1.57 -3.85 -25.16
CA LEU E 199 2.62 -3.26 -24.31
C LEU E 199 2.52 -3.79 -22.88
N ARG E 200 1.29 -3.87 -22.35
CA ARG E 200 1.07 -4.43 -21.01
C ARG E 200 1.48 -5.89 -20.97
N ASN E 201 1.15 -6.67 -22.03
CA ASN E 201 1.45 -8.10 -22.10
C ASN E 201 2.95 -8.33 -22.12
N LEU E 202 3.68 -7.49 -22.85
CA LEU E 202 5.15 -7.55 -22.87
C LEU E 202 5.73 -7.26 -21.49
N GLY E 203 5.10 -6.32 -20.77
CA GLY E 203 5.47 -5.92 -19.42
C GLY E 203 5.40 -7.05 -18.43
N SER E 204 4.47 -8.02 -18.65
CA SER E 204 4.37 -9.21 -17.80
C SER E 204 5.67 -10.05 -17.85
N LEU E 205 6.46 -9.92 -18.93
CA LEU E 205 7.70 -10.68 -19.06
C LEU E 205 8.91 -9.94 -18.43
N LEU E 206 8.74 -8.69 -18.03
CA LEU E 206 9.79 -7.82 -17.55
C LEU E 206 9.79 -7.75 -16.03
N LYS E 207 10.98 -7.67 -15.45
CA LYS E 207 11.07 -7.51 -14.01
C LYS E 207 10.71 -6.05 -13.69
N PRO E 208 10.28 -5.75 -12.44
CA PRO E 208 10.04 -4.33 -12.08
C PRO E 208 11.28 -3.48 -12.35
N GLY E 209 11.09 -2.34 -13.01
CA GLY E 209 12.21 -1.50 -13.36
C GLY E 209 13.01 -1.94 -14.57
N GLY E 210 12.61 -3.04 -15.19
CA GLY E 210 13.27 -3.56 -16.39
C GLY E 210 13.02 -2.66 -17.58
N PHE E 211 13.87 -2.76 -18.58
CA PHE E 211 13.79 -1.91 -19.76
C PHE E 211 12.92 -2.46 -20.89
N LEU E 212 12.19 -1.58 -21.55
CA LEU E 212 11.41 -1.89 -22.74
C LEU E 212 12.04 -1.10 -23.87
N VAL E 213 12.46 -1.79 -24.93
CA VAL E 213 13.08 -1.11 -26.07
C VAL E 213 12.22 -1.39 -27.27
N ILE E 214 11.58 -0.36 -27.85
CA ILE E 214 10.75 -0.54 -29.03
C ILE E 214 11.28 0.33 -30.17
N MET E 215 11.39 -0.23 -31.38
CA MET E 215 11.75 0.54 -32.56
C MET E 215 10.72 0.12 -33.60
N ASP E 216 10.07 1.09 -34.26
CA ASP E 216 9.02 0.72 -35.23
C ASP E 216 8.70 1.89 -36.17
N ALA E 217 7.88 1.63 -37.20
CA ALA E 217 7.53 2.67 -38.17
C ALA E 217 6.51 3.67 -37.63
N LEU E 218 6.62 4.94 -38.05
CA LEU E 218 5.62 5.93 -37.68
C LEU E 218 4.68 6.11 -38.85
N LYS E 219 3.38 6.30 -38.54
CA LYS E 219 2.32 6.61 -39.48
C LYS E 219 2.29 5.70 -40.70
N SER E 220 2.47 4.40 -40.48
CA SER E 220 2.51 3.44 -41.56
C SER E 220 1.28 2.57 -41.50
N SER E 221 0.53 2.47 -42.61
CA SER E 221 -0.65 1.63 -42.65
C SER E 221 -0.45 0.33 -43.41
N TYR E 222 0.74 0.10 -44.00
CA TYR E 222 1.08 -1.14 -44.62
C TYR E 222 2.54 -1.22 -44.93
N TYR E 223 3.00 -2.46 -45.10
CA TYR E 223 4.33 -2.78 -45.60
C TYR E 223 4.23 -4.03 -46.49
N MET E 224 5.16 -4.16 -47.44
CA MET E 224 5.13 -5.17 -48.47
C MET E 224 6.30 -6.09 -48.36
N ILE E 225 6.11 -7.34 -48.75
CA ILE E 225 7.19 -8.30 -48.92
C ILE E 225 6.91 -8.78 -50.35
N GLY E 226 7.54 -8.13 -51.33
CA GLY E 226 7.25 -8.39 -52.73
C GLY E 226 5.86 -7.87 -53.02
N GLU E 227 5.01 -8.71 -53.61
CA GLU E 227 3.63 -8.33 -53.87
C GLU E 227 2.70 -8.60 -52.68
N GLN E 228 3.18 -9.26 -51.60
CA GLN E 228 2.31 -9.53 -50.44
C GLN E 228 2.21 -8.28 -49.59
N LYS E 229 0.98 -7.83 -49.34
CA LYS E 229 0.75 -6.71 -48.47
C LYS E 229 0.41 -7.17 -47.05
N PHE E 230 0.93 -6.46 -46.04
CA PHE E 230 0.64 -6.69 -44.62
C PHE E 230 0.20 -5.37 -44.03
N SER E 231 -0.82 -5.41 -43.19
CA SER E 231 -1.30 -4.21 -42.52
C SER E 231 -0.29 -3.70 -41.48
N SER E 232 -0.37 -2.45 -41.15
CA SER E 232 0.38 -1.82 -40.10
C SER E 232 -0.53 -0.79 -39.44
N LEU E 233 -0.41 -0.61 -38.13
CA LEU E 233 -1.21 0.36 -37.40
C LEU E 233 -0.50 1.69 -37.55
N PRO E 234 -1.18 2.68 -38.14
CA PRO E 234 -0.52 3.96 -38.38
C PRO E 234 -0.51 4.81 -37.12
N LEU E 235 0.63 4.88 -36.46
CA LEU E 235 0.71 5.63 -35.21
C LEU E 235 1.69 6.74 -35.31
N GLY E 236 1.36 7.91 -34.76
CA GLY E 236 2.30 9.02 -34.67
C GLY E 236 3.05 8.97 -33.35
N ARG E 237 4.09 9.78 -33.20
CA ARG E 237 4.89 9.73 -31.97
C ARG E 237 4.08 9.98 -30.70
N GLU E 238 3.10 10.89 -30.72
CA GLU E 238 2.33 11.19 -29.51
C GLU E 238 1.52 9.97 -29.04
N ALA E 239 0.92 9.22 -30.00
CA ALA E 239 0.12 8.04 -29.61
C ALA E 239 1.00 6.91 -29.12
N VAL E 240 2.24 6.77 -29.66
CA VAL E 240 3.17 5.74 -29.18
C VAL E 240 3.56 6.05 -27.73
N GLU E 241 3.99 7.29 -27.47
CA GLU E 241 4.37 7.72 -26.12
C GLU E 241 3.21 7.55 -25.14
N ALA E 242 2.00 7.95 -25.55
CA ALA E 242 0.86 7.86 -24.65
C ALA E 242 0.52 6.40 -24.34
N ALA E 243 0.59 5.49 -25.32
CA ALA E 243 0.28 4.07 -25.06
C ALA E 243 1.28 3.43 -24.10
N VAL E 244 2.57 3.79 -24.24
CA VAL E 244 3.62 3.28 -23.35
C VAL E 244 3.37 3.77 -21.91
N LYS E 245 2.95 5.04 -21.76
CA LYS E 245 2.65 5.55 -20.40
C LYS E 245 1.40 4.88 -19.84
N GLU E 246 0.38 4.68 -20.69
CA GLU E 246 -0.87 4.02 -20.31
C GLU E 246 -0.63 2.57 -19.89
N ALA E 247 0.33 1.91 -20.52
CA ALA E 247 0.70 0.53 -20.22
C ALA E 247 1.55 0.34 -18.97
N GLY E 248 1.91 1.42 -18.27
CA GLY E 248 2.64 1.29 -17.01
C GLY E 248 4.13 1.41 -17.08
N TYR E 249 4.65 2.21 -18.04
CA TYR E 249 6.07 2.46 -18.17
C TYR E 249 6.38 3.93 -18.02
N THR E 250 7.64 4.24 -17.76
CA THR E 250 8.12 5.61 -17.72
C THR E 250 9.10 5.73 -18.90
N ILE E 251 8.97 6.78 -19.70
CA ILE E 251 9.84 6.95 -20.87
C ILE E 251 11.21 7.52 -20.48
N GLU E 252 12.27 6.86 -20.90
CA GLU E 252 13.64 7.30 -20.64
C GLU E 252 14.04 8.18 -21.79
N TRP E 253 13.83 7.71 -23.02
CA TRP E 253 14.10 8.52 -24.18
C TRP E 253 13.32 8.08 -25.38
N PHE E 254 13.10 9.04 -26.28
CA PHE E 254 12.29 8.84 -27.45
C PHE E 254 12.94 9.57 -28.62
N GLU E 255 13.23 8.88 -29.72
CA GLU E 255 13.84 9.48 -30.89
C GLU E 255 13.00 9.22 -32.12
N VAL E 256 12.85 10.23 -32.98
CA VAL E 256 12.17 10.08 -34.25
C VAL E 256 13.19 10.34 -35.35
N ILE E 257 13.26 9.45 -36.36
CA ILE E 257 14.10 9.65 -37.52
C ILE E 257 13.19 9.92 -38.70
N SER E 258 13.56 10.86 -39.56
CA SER E 258 12.70 11.21 -40.69
C SER E 258 12.75 10.19 -41.85
N GLN E 259 13.84 9.41 -41.93
CA GLN E 259 14.04 8.40 -43.00
C GLN E 259 12.87 7.42 -43.11
N SER E 260 12.30 7.27 -44.29
CA SER E 260 11.20 6.35 -44.56
C SER E 260 11.64 5.22 -45.47
N TYR E 261 10.85 4.12 -45.54
CA TYR E 261 11.17 3.03 -46.44
C TYR E 261 10.87 3.50 -47.86
N SER E 262 11.32 2.74 -48.88
CA SER E 262 10.98 3.09 -50.26
C SER E 262 9.45 3.05 -50.44
N SER E 263 8.91 3.90 -51.30
CA SER E 263 7.47 4.00 -51.55
C SER E 263 6.84 2.65 -51.93
N THR E 264 7.62 1.77 -52.56
CA THR E 264 7.20 0.43 -52.97
C THR E 264 7.16 -0.57 -51.78
N MET E 265 7.79 -0.23 -50.65
CA MET E 265 7.86 -1.12 -49.50
C MET E 265 6.84 -0.77 -48.41
N ALA E 266 6.67 0.51 -48.08
CA ALA E 266 5.77 0.93 -46.99
C ALA E 266 5.40 2.41 -47.14
N ASN E 267 4.31 2.85 -46.51
CA ASN E 267 3.90 4.24 -46.61
C ASN E 267 4.23 5.01 -45.30
N ASN E 268 5.32 4.65 -44.62
CA ASN E 268 5.66 5.26 -43.34
C ASN E 268 6.23 6.66 -43.45
N GLU E 269 6.14 7.41 -42.35
CA GLU E 269 6.67 8.77 -42.23
C GLU E 269 7.72 8.69 -41.12
N GLY E 270 8.83 8.02 -41.41
CA GLY E 270 9.89 7.85 -40.45
C GLY E 270 9.73 6.69 -39.50
N LEU E 271 10.60 6.64 -38.51
CA LEU E 271 10.62 5.57 -37.51
C LEU E 271 10.92 6.17 -36.16
N PHE E 272 10.55 5.47 -35.11
CA PHE E 272 10.86 5.89 -33.76
C PHE E 272 11.66 4.79 -33.07
N SER E 273 12.37 5.18 -32.00
CA SER E 273 13.07 4.29 -31.10
C SER E 273 12.80 4.85 -29.73
N LEU E 274 12.49 3.96 -28.80
CA LEU E 274 12.27 4.40 -27.44
C LEU E 274 12.82 3.43 -26.47
N VAL E 275 13.17 3.96 -25.30
CA VAL E 275 13.63 3.18 -24.16
C VAL E 275 12.71 3.61 -23.00
N ALA E 276 12.05 2.65 -22.37
CA ALA E 276 11.14 2.93 -21.27
C ALA E 276 11.48 2.00 -20.12
N ARG E 277 10.99 2.26 -18.92
CA ARG E 277 11.21 1.37 -17.78
C ARG E 277 9.86 1.01 -17.19
N LYS E 278 9.67 -0.25 -16.84
CA LYS E 278 8.40 -0.70 -16.29
C LYS E 278 8.27 -0.21 -14.84
N LEU E 279 7.14 0.39 -14.49
CA LEU E 279 6.87 0.76 -13.12
C LEU E 279 6.45 -0.55 -12.43
N SER E 280 7.33 -1.06 -11.55
CA SER E 280 7.12 -2.34 -10.82
C SER E 280 6.47 -3.46 -11.69
N GLY F 23 -4.73 -28.35 -16.50
CA GLY F 23 -6.02 -28.49 -15.84
C GLY F 23 -7.17 -27.87 -16.64
N PHE F 24 -8.39 -28.19 -16.25
CA PHE F 24 -9.58 -27.69 -16.93
C PHE F 24 -10.70 -27.49 -15.92
N THR F 25 -11.55 -26.45 -16.09
CA THR F 25 -12.70 -26.18 -15.23
C THR F 25 -13.53 -27.46 -14.93
N SER F 26 -13.78 -27.75 -13.66
CA SER F 26 -14.57 -28.92 -13.28
C SER F 26 -16.05 -28.62 -13.52
N LYS F 27 -16.82 -29.65 -13.78
CA LYS F 27 -18.25 -29.54 -14.06
C LYS F 27 -18.99 -28.81 -12.97
N ASP F 28 -18.69 -29.16 -11.71
CA ASP F 28 -19.29 -28.57 -10.54
C ASP F 28 -19.11 -27.05 -10.50
N THR F 29 -18.05 -26.51 -11.13
CA THR F 29 -17.84 -25.06 -11.20
C THR F 29 -19.00 -24.38 -11.92
N TYR F 30 -19.65 -25.05 -12.89
CA TYR F 30 -20.80 -24.48 -13.58
C TYR F 30 -22.03 -24.34 -12.71
N LEU F 31 -22.20 -25.25 -11.76
CA LEU F 31 -23.33 -25.17 -10.83
C LEU F 31 -23.23 -23.94 -9.90
N SER F 32 -22.03 -23.66 -9.45
CA SER F 32 -21.79 -22.63 -8.44
C SER F 32 -21.28 -21.31 -8.92
N HIS F 33 -20.37 -21.30 -9.92
CA HIS F 33 -19.66 -20.09 -10.28
C HIS F 33 -20.04 -19.46 -11.59
N PHE F 34 -20.95 -20.08 -12.35
CA PHE F 34 -21.39 -19.48 -13.61
C PHE F 34 -22.63 -18.68 -13.22
N ASN F 35 -22.50 -17.34 -13.20
CA ASN F 35 -23.61 -16.44 -12.86
C ASN F 35 -24.41 -16.18 -14.13
N PRO F 36 -25.65 -16.68 -14.22
CA PRO F 36 -26.39 -16.53 -15.48
C PRO F 36 -26.75 -15.09 -15.84
N ARG F 37 -27.11 -14.24 -14.86
CA ARG F 37 -27.45 -12.86 -15.20
C ARG F 37 -26.21 -12.10 -15.65
N ASP F 38 -25.07 -12.35 -15.02
CA ASP F 38 -23.82 -11.70 -15.40
C ASP F 38 -23.42 -12.13 -16.81
N TYR F 39 -23.59 -13.41 -17.14
CA TYR F 39 -23.29 -13.95 -18.48
C TYR F 39 -24.13 -13.24 -19.53
N LEU F 40 -25.43 -13.08 -19.26
CA LEU F 40 -26.33 -12.43 -20.20
C LEU F 40 -25.99 -10.96 -20.37
N GLU F 41 -25.62 -10.32 -19.28
CA GLU F 41 -25.25 -8.92 -19.29
C GLU F 41 -23.98 -8.73 -20.13
N LYS F 42 -23.00 -9.62 -19.94
CA LYS F 42 -21.70 -9.53 -20.59
C LYS F 42 -21.74 -9.86 -22.06
N TYR F 43 -22.61 -10.78 -22.49
CA TYR F 43 -22.55 -11.25 -23.86
C TYR F 43 -23.78 -11.00 -24.73
N TYR F 44 -24.96 -10.81 -24.12
CA TYR F 44 -26.20 -10.75 -24.87
C TYR F 44 -27.06 -9.52 -24.66
N LYS F 45 -26.52 -8.45 -24.06
CA LYS F 45 -27.32 -7.24 -23.85
C LYS F 45 -27.70 -6.58 -25.23
N PHE F 46 -26.82 -6.77 -26.27
CA PHE F 46 -27.07 -6.32 -27.64
C PHE F 46 -27.18 -4.80 -27.70
N GLY F 47 -26.21 -4.14 -27.05
CA GLY F 47 -26.14 -2.69 -26.95
C GLY F 47 -25.84 -2.00 -28.26
N SER F 48 -26.19 -0.71 -28.33
CA SER F 48 -26.02 0.20 -29.49
C SER F 48 -24.58 0.25 -30.01
N ARG F 49 -23.61 -0.05 -29.14
CA ARG F 49 -22.20 -0.09 -29.51
C ARG F 49 -21.95 -1.36 -30.32
N HIS F 50 -21.21 -1.22 -31.44
CA HIS F 50 -20.91 -2.33 -32.36
C HIS F 50 -19.76 -3.21 -31.85
N SER F 51 -19.96 -3.76 -30.66
CA SER F 51 -18.99 -4.59 -29.94
C SER F 51 -18.75 -5.91 -30.66
N ALA F 52 -17.63 -6.56 -30.36
CA ALA F 52 -17.33 -7.88 -30.91
C ALA F 52 -18.42 -8.88 -30.52
N GLU F 53 -18.98 -8.75 -29.30
CA GLU F 53 -20.01 -9.65 -28.77
C GLU F 53 -21.30 -9.52 -29.57
N SER F 54 -21.70 -8.29 -29.92
CA SER F 54 -22.92 -8.09 -30.68
C SER F 54 -22.75 -8.55 -32.13
N GLN F 55 -21.54 -8.43 -32.69
CA GLN F 55 -21.24 -8.87 -34.06
C GLN F 55 -21.34 -10.39 -34.14
N ILE F 56 -20.85 -11.08 -33.11
CA ILE F 56 -20.92 -12.53 -33.06
C ILE F 56 -22.38 -12.94 -32.93
N LEU F 57 -23.13 -12.29 -32.04
CA LEU F 57 -24.55 -12.59 -31.84
C LEU F 57 -25.34 -12.46 -33.14
N LYS F 58 -25.12 -11.39 -33.88
CA LYS F 58 -25.76 -11.19 -35.18
C LYS F 58 -25.41 -12.31 -36.16
N HIS F 59 -24.12 -12.68 -36.27
CA HIS F 59 -23.76 -13.78 -37.17
C HIS F 59 -24.40 -15.10 -36.75
N LEU F 60 -24.46 -15.39 -35.43
CA LEU F 60 -25.10 -16.62 -34.96
C LEU F 60 -26.56 -16.65 -35.37
N LEU F 61 -27.26 -15.53 -35.18
CA LEU F 61 -28.67 -15.39 -35.54
C LEU F 61 -28.93 -15.61 -37.03
N LYS F 62 -28.05 -15.08 -37.87
CA LYS F 62 -28.19 -15.25 -39.31
C LYS F 62 -28.01 -16.71 -39.71
N ASN F 63 -27.00 -17.36 -39.09
CA ASN F 63 -26.76 -18.78 -39.35
C ASN F 63 -27.92 -19.64 -38.92
N LEU F 64 -28.48 -19.36 -37.74
CA LEU F 64 -29.63 -20.09 -37.22
C LEU F 64 -30.87 -19.88 -38.06
N PHE F 65 -31.05 -18.66 -38.58
CA PHE F 65 -32.16 -18.39 -39.50
C PHE F 65 -31.99 -19.23 -40.79
N LYS F 66 -30.77 -19.25 -41.34
CA LYS F 66 -30.45 -20.00 -42.54
C LYS F 66 -30.68 -21.48 -42.35
N ILE F 67 -30.31 -22.03 -41.18
CA ILE F 67 -30.48 -23.45 -40.92
C ILE F 67 -31.94 -23.89 -40.76
N PHE F 68 -32.70 -23.13 -39.98
CA PHE F 68 -34.06 -23.52 -39.62
C PHE F 68 -35.18 -23.06 -40.56
N CYS F 69 -35.12 -21.81 -41.02
CA CYS F 69 -36.19 -21.29 -41.86
C CYS F 69 -35.90 -21.44 -43.34
N LEU F 70 -34.67 -21.14 -43.74
CA LEU F 70 -34.24 -21.28 -45.13
C LEU F 70 -34.06 -22.77 -45.49
N ASP F 71 -33.20 -23.50 -44.73
CA ASP F 71 -32.96 -24.93 -44.94
C ASP F 71 -34.18 -25.77 -44.48
N GLY F 72 -34.18 -27.06 -44.82
CA GLY F 72 -35.25 -27.96 -44.42
C GLY F 72 -35.09 -28.52 -43.01
N VAL F 73 -34.29 -27.87 -42.12
CA VAL F 73 -34.12 -28.40 -40.76
C VAL F 73 -35.36 -28.15 -39.93
N LYS F 74 -36.18 -29.20 -39.79
CA LYS F 74 -37.45 -29.12 -39.08
C LYS F 74 -37.89 -30.49 -38.58
N GLY F 75 -38.93 -30.50 -37.77
CA GLY F 75 -39.47 -31.75 -37.24
C GLY F 75 -40.36 -31.53 -36.05
N ASP F 76 -40.64 -32.62 -35.36
CA ASP F 76 -41.47 -32.58 -34.17
C ASP F 76 -40.68 -32.16 -32.94
N LEU F 77 -39.37 -32.49 -32.89
CA LEU F 77 -38.57 -32.22 -31.71
C LEU F 77 -37.13 -31.79 -31.99
N LEU F 78 -36.73 -30.69 -31.33
CA LEU F 78 -35.36 -30.19 -31.31
C LEU F 78 -34.92 -30.17 -29.85
N ILE F 79 -33.74 -30.69 -29.56
CA ILE F 79 -33.19 -30.63 -28.22
C ILE F 79 -32.02 -29.65 -28.30
N ASP F 80 -32.06 -28.59 -27.50
CA ASP F 80 -30.97 -27.63 -27.40
C ASP F 80 -30.10 -28.07 -26.21
N ILE F 81 -28.82 -28.35 -26.47
CA ILE F 81 -27.86 -28.86 -25.49
C ILE F 81 -26.98 -27.75 -24.92
N GLY F 82 -26.92 -27.65 -23.59
CA GLY F 82 -26.10 -26.62 -22.95
C GLY F 82 -26.63 -25.23 -23.25
N SER F 83 -27.94 -25.09 -23.17
CA SER F 83 -28.68 -23.87 -23.44
C SER F 83 -28.20 -22.68 -22.58
N GLY F 84 -27.76 -22.96 -21.39
CA GLY F 84 -27.40 -21.92 -20.43
C GLY F 84 -28.66 -21.16 -20.08
N PRO F 85 -28.54 -19.85 -19.85
CA PRO F 85 -29.73 -19.05 -19.60
C PRO F 85 -30.20 -18.32 -20.87
N THR F 86 -29.78 -18.76 -22.08
CA THR F 86 -30.11 -18.02 -23.29
C THR F 86 -31.23 -18.61 -24.12
N ILE F 87 -31.93 -17.75 -24.87
CA ILE F 87 -33.00 -18.16 -25.77
C ILE F 87 -32.73 -17.77 -27.23
N TYR F 88 -31.72 -16.92 -27.51
CA TYR F 88 -31.45 -16.43 -28.86
C TYR F 88 -31.33 -17.55 -29.89
N GLN F 89 -30.73 -18.69 -29.49
CA GLN F 89 -30.49 -19.83 -30.38
C GLN F 89 -31.74 -20.61 -30.73
N LEU F 90 -32.90 -20.24 -30.15
CA LEU F 90 -34.16 -20.94 -30.37
C LEU F 90 -35.19 -20.11 -31.15
N LEU F 91 -34.96 -18.82 -31.33
CA LEU F 91 -35.90 -17.92 -31.99
C LEU F 91 -36.31 -18.36 -33.39
N SER F 92 -35.37 -18.73 -34.25
CA SER F 92 -35.75 -19.22 -35.59
C SER F 92 -36.22 -20.68 -35.54
N ALA F 93 -35.66 -21.47 -34.61
CA ALA F 93 -35.99 -22.88 -34.47
C ALA F 93 -37.45 -23.08 -34.09
N CYS F 94 -38.05 -22.16 -33.32
CA CYS F 94 -39.44 -22.31 -32.92
C CYS F 94 -40.43 -22.20 -34.11
N GLU F 95 -39.98 -21.64 -35.24
CA GLU F 95 -40.80 -21.59 -36.44
C GLU F 95 -40.88 -22.98 -37.11
N SER F 96 -39.85 -23.83 -36.90
CA SER F 96 -39.71 -25.11 -37.57
C SER F 96 -39.92 -26.35 -36.73
N PHE F 97 -40.00 -26.22 -35.40
CA PHE F 97 -40.18 -27.40 -34.56
C PHE F 97 -41.40 -27.28 -33.67
N LYS F 98 -42.21 -28.36 -33.59
CA LYS F 98 -43.39 -28.38 -32.74
C LYS F 98 -42.98 -28.21 -31.28
N GLU F 99 -41.92 -28.92 -30.88
CA GLU F 99 -41.41 -28.88 -29.53
C GLU F 99 -39.93 -28.64 -29.51
N ILE F 100 -39.51 -27.85 -28.55
CA ILE F 100 -38.12 -27.56 -28.27
C ILE F 100 -37.89 -27.93 -26.80
N VAL F 101 -36.85 -28.71 -26.52
CA VAL F 101 -36.48 -29.07 -25.17
C VAL F 101 -35.18 -28.34 -24.87
N VAL F 102 -35.14 -27.54 -23.82
CA VAL F 102 -33.92 -26.83 -23.46
C VAL F 102 -33.24 -27.57 -22.32
N THR F 103 -31.91 -27.70 -22.39
CA THR F 103 -31.18 -28.49 -21.41
C THR F 103 -29.90 -27.80 -20.96
N ASP F 104 -29.45 -28.07 -19.75
CA ASP F 104 -28.18 -27.54 -19.26
C ASP F 104 -27.66 -28.31 -18.07
N TYR F 105 -26.34 -28.26 -17.84
CA TYR F 105 -25.76 -28.86 -16.67
C TYR F 105 -26.11 -28.03 -15.41
N SER F 106 -26.27 -26.71 -15.54
CA SER F 106 -26.53 -25.85 -14.41
C SER F 106 -27.98 -25.58 -14.11
N ASP F 107 -28.39 -25.83 -12.85
CA ASP F 107 -29.75 -25.57 -12.38
C ASP F 107 -30.02 -24.06 -12.32
N GLN F 108 -29.01 -23.26 -11.93
CA GLN F 108 -29.14 -21.79 -11.91
C GLN F 108 -29.46 -21.26 -13.31
N ASN F 109 -28.81 -21.83 -14.34
CA ASN F 109 -29.02 -21.39 -15.70
C ASN F 109 -30.43 -21.72 -16.16
N LEU F 110 -30.90 -22.92 -15.83
CA LEU F 110 -32.25 -23.32 -16.19
C LEU F 110 -33.32 -22.48 -15.46
N GLN F 111 -33.04 -22.04 -14.23
CA GLN F 111 -33.97 -21.17 -13.51
C GLN F 111 -34.07 -19.81 -14.21
N GLU F 112 -32.94 -19.24 -14.66
CA GLU F 112 -32.93 -17.97 -15.38
C GLU F 112 -33.68 -18.10 -16.72
N LEU F 113 -33.54 -19.26 -17.39
CA LEU F 113 -34.24 -19.54 -18.65
C LEU F 113 -35.75 -19.59 -18.36
N GLU F 114 -36.14 -20.28 -17.28
CA GLU F 114 -37.54 -20.40 -16.90
C GLU F 114 -38.16 -19.06 -16.52
N LYS F 115 -37.37 -18.10 -15.99
CA LYS F 115 -37.89 -16.76 -15.69
C LYS F 115 -38.37 -16.11 -16.99
N TRP F 116 -37.62 -16.29 -18.09
CA TRP F 116 -38.03 -15.74 -19.36
C TRP F 116 -39.24 -16.47 -19.92
N LEU F 117 -39.19 -17.80 -19.92
CA LEU F 117 -40.23 -18.71 -20.42
C LEU F 117 -41.59 -18.42 -19.74
N LYS F 118 -41.59 -18.19 -18.44
CA LYS F 118 -42.80 -17.89 -17.68
C LYS F 118 -43.15 -16.38 -17.66
N ALA F 119 -42.44 -15.56 -18.46
CA ALA F 119 -42.59 -14.12 -18.59
C ALA F 119 -42.59 -13.41 -17.24
N ALA F 120 -41.71 -13.86 -16.34
CA ALA F 120 -41.55 -13.30 -15.01
C ALA F 120 -40.98 -11.86 -15.08
N PRO F 121 -41.19 -11.03 -14.03
CA PRO F 121 -40.68 -9.64 -14.07
C PRO F 121 -39.15 -9.49 -14.15
N ALA F 122 -38.41 -10.36 -13.44
CA ALA F 122 -36.95 -10.36 -13.38
C ALA F 122 -36.27 -10.98 -14.59
N ALA F 123 -37.03 -11.41 -15.60
CA ALA F 123 -36.47 -12.04 -16.79
C ALA F 123 -35.57 -11.10 -17.59
N PHE F 124 -34.62 -11.68 -18.32
CA PHE F 124 -33.72 -10.90 -19.14
C PHE F 124 -34.48 -10.27 -20.31
N ASP F 125 -34.09 -9.05 -20.67
CA ASP F 125 -34.71 -8.35 -21.79
C ASP F 125 -34.12 -8.83 -23.12
N TRP F 126 -34.84 -9.75 -23.77
CA TRP F 126 -34.41 -10.23 -25.08
C TRP F 126 -35.03 -9.44 -26.25
N SER F 127 -35.86 -8.41 -25.98
CA SER F 127 -36.53 -7.66 -27.05
C SER F 127 -35.62 -7.16 -28.21
N PRO F 128 -34.38 -6.61 -28.03
CA PRO F 128 -33.58 -6.21 -29.21
C PRO F 128 -33.20 -7.40 -30.12
N VAL F 129 -32.93 -8.56 -29.51
CA VAL F 129 -32.56 -9.76 -30.26
C VAL F 129 -33.81 -10.31 -30.97
N VAL F 130 -34.97 -10.35 -30.26
CA VAL F 130 -36.25 -10.81 -30.81
C VAL F 130 -36.62 -9.98 -32.03
N THR F 131 -36.45 -8.65 -31.94
CA THR F 131 -36.76 -7.73 -33.02
C THR F 131 -35.85 -8.01 -34.21
N TYR F 132 -34.56 -8.26 -33.95
CA TYR F 132 -33.58 -8.55 -34.98
C TYR F 132 -33.96 -9.82 -35.72
N VAL F 133 -34.39 -10.87 -34.99
CA VAL F 133 -34.81 -12.12 -35.61
C VAL F 133 -36.06 -11.90 -36.49
N CYS F 134 -37.05 -11.13 -35.99
CA CYS F 134 -38.26 -10.81 -36.77
C CYS F 134 -37.92 -10.14 -38.09
N ASP F 135 -36.95 -9.20 -38.07
CA ASP F 135 -36.47 -8.49 -39.26
C ASP F 135 -35.91 -9.50 -40.27
N LEU F 136 -35.01 -10.40 -39.79
CA LEU F 136 -34.38 -11.42 -40.62
C LEU F 136 -35.41 -12.26 -41.34
N GLU F 137 -36.47 -12.69 -40.63
CA GLU F 137 -37.50 -13.59 -41.15
C GLU F 137 -38.49 -12.96 -42.12
N GLY F 138 -38.36 -11.68 -42.41
CA GLY F 138 -39.22 -11.01 -43.35
C GLY F 138 -40.27 -10.10 -42.73
N ASN F 139 -40.18 -9.85 -41.41
CA ASN F 139 -41.13 -9.05 -40.65
C ASN F 139 -42.56 -9.61 -40.78
N ARG F 140 -42.69 -10.94 -40.91
CA ARG F 140 -43.99 -11.63 -41.00
C ARG F 140 -44.78 -11.42 -39.72
N VAL F 141 -44.08 -11.41 -38.56
CA VAL F 141 -44.63 -11.22 -37.22
C VAL F 141 -43.82 -10.14 -36.45
N LYS F 142 -44.33 -9.70 -35.30
CA LYS F 142 -43.66 -8.73 -34.45
C LYS F 142 -43.21 -9.46 -33.16
N GLY F 143 -42.34 -8.81 -32.39
CA GLY F 143 -41.77 -9.29 -31.13
C GLY F 143 -42.64 -10.13 -30.22
N PRO F 144 -43.79 -9.61 -29.75
CA PRO F 144 -44.63 -10.39 -28.83
C PRO F 144 -45.15 -11.71 -29.41
N GLU F 145 -45.54 -11.72 -30.70
CA GLU F 145 -46.01 -12.93 -31.35
C GLU F 145 -44.87 -13.96 -31.46
N LYS F 146 -43.66 -13.47 -31.76
CA LYS F 146 -42.46 -14.30 -31.89
C LYS F 146 -42.13 -14.93 -30.52
N GLU F 147 -42.14 -14.10 -29.47
CA GLU F 147 -41.86 -14.56 -28.12
C GLU F 147 -42.86 -15.59 -27.66
N GLU F 148 -44.14 -15.40 -28.00
CA GLU F 148 -45.18 -16.34 -27.61
C GLU F 148 -45.03 -17.68 -28.34
N LYS F 149 -44.58 -17.65 -29.61
CA LYS F 149 -44.36 -18.87 -30.36
C LYS F 149 -43.23 -19.69 -29.71
N LEU F 150 -42.17 -19.02 -29.22
CA LEU F 150 -41.08 -19.71 -28.54
C LEU F 150 -41.55 -20.31 -27.20
N ARG F 151 -42.28 -19.54 -26.39
CA ARG F 151 -42.79 -20.01 -25.12
C ARG F 151 -43.69 -21.23 -25.26
N GLN F 152 -44.50 -21.25 -26.33
CA GLN F 152 -45.40 -22.36 -26.62
C GLN F 152 -44.63 -23.63 -27.01
N ALA F 153 -43.51 -23.46 -27.73
CA ALA F 153 -42.67 -24.57 -28.20
C ALA F 153 -41.88 -25.25 -27.08
N VAL F 154 -41.44 -24.48 -26.08
CA VAL F 154 -40.65 -25.03 -24.98
C VAL F 154 -41.55 -25.65 -23.92
N LYS F 155 -41.52 -26.99 -23.85
CA LYS F 155 -42.36 -27.72 -22.89
C LYS F 155 -41.55 -28.30 -21.73
N GLN F 156 -40.29 -28.67 -22.00
CA GLN F 156 -39.46 -29.29 -20.99
C GLN F 156 -38.13 -28.56 -20.83
N VAL F 157 -37.68 -28.43 -19.57
CA VAL F 157 -36.44 -27.77 -19.19
C VAL F 157 -35.69 -28.82 -18.41
N LEU F 158 -34.67 -29.43 -19.01
CA LEU F 158 -34.00 -30.57 -18.40
C LEU F 158 -32.52 -30.43 -18.07
N LYS F 159 -32.07 -31.18 -17.09
CA LYS F 159 -30.67 -31.28 -16.76
C LYS F 159 -29.98 -32.14 -17.83
N CYS F 160 -28.76 -31.78 -18.22
CA CYS F 160 -28.00 -32.59 -19.15
C CYS F 160 -26.50 -32.60 -18.84
N ASP F 161 -25.81 -33.68 -19.19
CA ASP F 161 -24.37 -33.76 -19.02
C ASP F 161 -23.86 -34.40 -20.30
N VAL F 162 -23.32 -33.59 -21.21
CA VAL F 162 -22.82 -34.05 -22.53
C VAL F 162 -21.73 -35.11 -22.40
N THR F 163 -21.05 -35.19 -21.24
CA THR F 163 -19.99 -36.17 -21.05
C THR F 163 -20.52 -37.55 -20.70
N GLN F 164 -21.83 -37.70 -20.48
CA GLN F 164 -22.40 -38.99 -20.12
C GLN F 164 -23.02 -39.69 -21.31
N SER F 165 -22.90 -41.05 -21.39
CA SER F 165 -23.49 -41.79 -22.51
C SER F 165 -25.02 -41.55 -22.62
N GLN F 166 -25.68 -41.25 -21.49
CA GLN F 166 -27.07 -40.82 -21.48
C GLN F 166 -27.02 -39.37 -20.99
N PRO F 167 -26.89 -38.39 -21.89
CA PRO F 167 -26.80 -36.98 -21.43
C PRO F 167 -27.98 -36.54 -20.58
N LEU F 168 -29.18 -37.07 -20.85
CA LEU F 168 -30.36 -36.65 -20.09
C LEU F 168 -30.68 -37.51 -18.85
N GLY F 169 -29.79 -38.42 -18.51
CA GLY F 169 -29.91 -39.28 -17.35
C GLY F 169 -31.06 -40.24 -17.48
N ALA F 170 -31.85 -40.36 -16.43
CA ALA F 170 -33.01 -41.24 -16.41
C ALA F 170 -34.24 -40.67 -17.13
N VAL F 171 -34.18 -39.41 -17.63
CA VAL F 171 -35.30 -38.79 -18.30
C VAL F 171 -35.41 -39.28 -19.73
N PRO F 172 -36.54 -39.90 -20.09
CA PRO F 172 -36.69 -40.40 -21.45
C PRO F 172 -37.24 -39.33 -22.37
N LEU F 173 -36.73 -39.33 -23.59
CA LEU F 173 -37.21 -38.43 -24.62
C LEU F 173 -37.32 -39.19 -25.91
N PRO F 174 -38.32 -38.87 -26.76
CA PRO F 174 -38.36 -39.49 -28.09
C PRO F 174 -37.08 -39.11 -28.86
N PRO F 175 -36.61 -39.94 -29.82
CA PRO F 175 -35.43 -39.53 -30.61
C PRO F 175 -35.77 -38.25 -31.35
N ALA F 176 -34.88 -37.25 -31.22
CA ALA F 176 -35.10 -35.93 -31.76
C ALA F 176 -34.81 -35.84 -33.26
N ASP F 177 -35.46 -34.88 -33.91
CA ASP F 177 -35.20 -34.60 -35.30
C ASP F 177 -33.93 -33.74 -35.47
N CYS F 178 -33.58 -32.97 -34.43
CA CYS F 178 -32.40 -32.12 -34.46
C CYS F 178 -31.83 -31.95 -33.05
N VAL F 179 -30.53 -31.90 -32.95
CA VAL F 179 -29.85 -31.61 -31.69
C VAL F 179 -29.03 -30.34 -31.98
N LEU F 180 -29.28 -29.28 -31.25
CA LEU F 180 -28.56 -28.02 -31.42
C LEU F 180 -27.68 -27.75 -30.18
N SER F 181 -26.45 -27.23 -30.36
CA SER F 181 -25.60 -26.88 -29.23
C SER F 181 -24.76 -25.69 -29.60
N THR F 182 -25.03 -24.56 -28.93
CA THR F 182 -24.27 -23.35 -29.21
C THR F 182 -23.37 -23.03 -28.02
N LEU F 183 -22.07 -22.87 -28.28
CA LEU F 183 -21.08 -22.43 -27.28
C LEU F 183 -21.02 -23.28 -26.05
N CYS F 184 -21.40 -24.55 -26.18
CA CYS F 184 -21.39 -25.43 -25.04
C CYS F 184 -20.22 -26.42 -25.05
N LEU F 185 -20.05 -27.17 -26.16
CA LEU F 185 -19.08 -28.27 -26.21
C LEU F 185 -17.61 -27.89 -25.94
N ASP F 186 -17.15 -26.73 -26.40
CA ASP F 186 -15.78 -26.29 -26.08
C ASP F 186 -15.61 -26.09 -24.56
N ALA F 187 -16.66 -25.68 -23.87
CA ALA F 187 -16.62 -25.41 -22.44
C ALA F 187 -16.78 -26.69 -21.60
N ALA F 188 -17.53 -27.67 -22.13
CA ALA F 188 -17.83 -28.90 -21.41
C ALA F 188 -16.86 -30.04 -21.61
N CYS F 189 -15.99 -29.99 -22.63
CA CYS F 189 -15.05 -31.09 -22.96
C CYS F 189 -13.60 -30.74 -22.69
N PRO F 190 -12.96 -31.43 -21.71
CA PRO F 190 -11.58 -31.10 -21.33
C PRO F 190 -10.51 -31.48 -22.32
N ASP F 191 -10.81 -32.41 -23.24
CA ASP F 191 -9.87 -32.86 -24.24
C ASP F 191 -10.60 -33.35 -25.50
N LEU F 192 -9.85 -33.54 -26.60
CA LEU F 192 -10.38 -34.00 -27.89
C LEU F 192 -11.10 -35.36 -27.81
N PRO F 193 -10.57 -36.39 -27.11
CA PRO F 193 -11.33 -37.64 -27.00
C PRO F 193 -12.68 -37.44 -26.32
N THR F 194 -12.75 -36.58 -25.28
CA THR F 194 -14.02 -36.28 -24.60
C THR F 194 -14.98 -35.55 -25.53
N TYR F 195 -14.45 -34.64 -26.34
CA TYR F 195 -15.22 -33.90 -27.32
C TYR F 195 -15.85 -34.87 -28.33
N CYS F 196 -15.06 -35.85 -28.82
CA CYS F 196 -15.58 -36.86 -29.74
C CYS F 196 -16.63 -37.74 -29.06
N ARG F 197 -16.40 -38.14 -27.80
CA ARG F 197 -17.41 -38.91 -27.06
C ARG F 197 -18.65 -38.10 -26.85
N ALA F 198 -18.54 -36.77 -26.55
CA ALA F 198 -19.73 -35.93 -26.33
C ALA F 198 -20.55 -35.86 -27.60
N LEU F 199 -19.91 -35.82 -28.78
CA LEU F 199 -20.62 -35.81 -30.06
C LEU F 199 -21.37 -37.15 -30.22
N ARG F 200 -20.75 -38.26 -29.85
CA ARG F 200 -21.41 -39.57 -29.89
C ARG F 200 -22.59 -39.61 -28.92
N ASN F 201 -22.43 -39.03 -27.72
CA ASN F 201 -23.46 -39.00 -26.67
C ASN F 201 -24.66 -38.17 -27.13
N LEU F 202 -24.41 -37.04 -27.82
CA LEU F 202 -25.49 -36.23 -28.37
C LEU F 202 -26.25 -37.02 -29.45
N GLY F 203 -25.52 -37.83 -30.22
CA GLY F 203 -26.05 -38.67 -31.29
C GLY F 203 -27.03 -39.70 -30.77
N SER F 204 -26.87 -40.14 -29.51
CA SER F 204 -27.80 -41.07 -28.87
C SER F 204 -29.20 -40.43 -28.71
N LEU F 205 -29.28 -39.09 -28.70
CA LEU F 205 -30.58 -38.41 -28.58
C LEU F 205 -31.25 -38.17 -29.92
N LEU F 206 -30.54 -38.40 -31.04
CA LEU F 206 -30.99 -38.14 -32.38
C LEU F 206 -31.52 -39.39 -33.06
N LYS F 207 -32.55 -39.20 -33.86
CA LYS F 207 -33.07 -40.29 -34.67
C LYS F 207 -32.07 -40.53 -35.81
N PRO F 208 -32.06 -41.75 -36.44
CA PRO F 208 -31.18 -41.95 -37.61
C PRO F 208 -31.44 -40.89 -38.68
N GLY F 209 -30.38 -40.29 -39.22
CA GLY F 209 -30.56 -39.24 -40.22
C GLY F 209 -30.93 -37.88 -39.67
N GLY F 210 -31.04 -37.77 -38.36
CA GLY F 210 -31.37 -36.52 -37.70
C GLY F 210 -30.23 -35.53 -37.79
N PHE F 211 -30.55 -34.26 -37.63
CA PHE F 211 -29.57 -33.20 -37.76
C PHE F 211 -28.83 -32.81 -36.48
N LEU F 212 -27.55 -32.53 -36.61
CA LEU F 212 -26.74 -32.03 -35.51
C LEU F 212 -26.30 -30.63 -35.92
N VAL F 213 -26.60 -29.63 -35.12
CA VAL F 213 -26.20 -28.27 -35.41
C VAL F 213 -25.29 -27.80 -34.30
N ILE F 214 -24.01 -27.50 -34.62
CA ILE F 214 -23.07 -27.02 -33.60
C ILE F 214 -22.50 -25.68 -34.02
N MET F 215 -22.46 -24.71 -33.10
CA MET F 215 -21.82 -23.42 -33.31
C MET F 215 -20.95 -23.20 -32.10
N ASP F 216 -19.65 -22.89 -32.27
CA ASP F 216 -18.76 -22.71 -31.09
C ASP F 216 -17.51 -21.95 -31.47
N ALA F 217 -16.68 -21.62 -30.47
CA ALA F 217 -15.46 -20.85 -30.72
C ALA F 217 -14.34 -21.72 -31.27
N LEU F 218 -13.51 -21.14 -32.12
CA LEU F 218 -12.34 -21.84 -32.64
C LEU F 218 -11.10 -21.37 -31.86
N LYS F 219 -10.19 -22.31 -31.57
CA LYS F 219 -8.89 -22.09 -30.95
C LYS F 219 -8.96 -21.27 -29.70
N SER F 220 -9.96 -21.57 -28.85
CA SER F 220 -10.15 -20.79 -27.65
C SER F 220 -9.82 -21.63 -26.43
N SER F 221 -8.92 -21.14 -25.56
CA SER F 221 -8.53 -21.90 -24.38
C SER F 221 -9.17 -21.39 -23.08
N TYR F 222 -9.92 -20.25 -23.13
CA TYR F 222 -10.68 -19.74 -21.98
C TYR F 222 -11.68 -18.71 -22.44
N TYR F 223 -12.68 -18.44 -21.61
CA TYR F 223 -13.62 -17.35 -21.72
C TYR F 223 -13.92 -16.85 -20.29
N MET F 224 -14.31 -15.58 -20.18
CA MET F 224 -14.51 -14.89 -18.90
C MET F 224 -15.92 -14.45 -18.69
N ILE F 225 -16.36 -14.41 -17.43
CA ILE F 225 -17.62 -13.81 -17.06
C ILE F 225 -17.19 -12.86 -15.94
N GLY F 226 -16.85 -11.63 -16.31
CA GLY F 226 -16.27 -10.67 -15.37
C GLY F 226 -14.88 -11.16 -15.00
N GLU F 227 -14.60 -11.33 -13.68
CA GLU F 227 -13.31 -11.89 -13.26
C GLU F 227 -13.29 -13.44 -13.24
N GLN F 228 -14.43 -14.09 -13.41
CA GLN F 228 -14.49 -15.54 -13.40
C GLN F 228 -13.96 -16.13 -14.71
N LYS F 229 -12.91 -16.94 -14.61
CA LYS F 229 -12.31 -17.60 -15.77
C LYS F 229 -12.94 -18.97 -15.94
N PHE F 230 -13.17 -19.36 -17.20
CA PHE F 230 -13.69 -20.69 -17.49
C PHE F 230 -12.83 -21.27 -18.60
N SER F 231 -12.45 -22.53 -18.49
CA SER F 231 -11.66 -23.19 -19.53
C SER F 231 -12.47 -23.43 -20.82
N SER F 232 -11.75 -23.55 -21.92
CA SER F 232 -12.31 -23.90 -23.20
C SER F 232 -11.30 -24.80 -23.88
N LEU F 233 -11.79 -25.79 -24.64
CA LEU F 233 -10.92 -26.69 -25.39
C LEU F 233 -10.55 -25.97 -26.68
N PRO F 234 -9.26 -25.74 -26.92
CA PRO F 234 -8.87 -24.97 -28.11
C PRO F 234 -8.85 -25.87 -29.33
N LEU F 235 -9.89 -25.78 -30.18
CA LEU F 235 -9.96 -26.65 -31.35
C LEU F 235 -9.95 -25.84 -32.60
N GLY F 236 -9.23 -26.30 -33.62
CA GLY F 236 -9.29 -25.69 -34.93
C GLY F 236 -10.34 -26.40 -35.79
N ARG F 237 -10.67 -25.83 -36.96
CA ARG F 237 -11.72 -26.38 -37.81
C ARG F 237 -11.46 -27.84 -38.21
N GLU F 238 -10.20 -28.22 -38.44
CA GLU F 238 -9.89 -29.58 -38.87
C GLU F 238 -10.22 -30.60 -37.77
N ALA F 239 -9.93 -30.27 -36.51
CA ALA F 239 -10.21 -31.19 -35.41
C ALA F 239 -11.71 -31.29 -35.16
N VAL F 240 -12.48 -30.19 -35.37
CA VAL F 240 -13.92 -30.23 -35.19
C VAL F 240 -14.54 -31.14 -36.24
N GLU F 241 -14.17 -30.93 -37.52
CA GLU F 241 -14.67 -31.77 -38.61
C GLU F 241 -14.29 -33.23 -38.41
N ALA F 242 -13.05 -33.51 -38.01
CA ALA F 242 -12.61 -34.88 -37.81
C ALA F 242 -13.39 -35.56 -36.69
N ALA F 243 -13.63 -34.87 -35.58
CA ALA F 243 -14.37 -35.43 -34.44
C ALA F 243 -15.80 -35.77 -34.83
N VAL F 244 -16.44 -34.89 -35.61
CA VAL F 244 -17.82 -35.09 -36.08
C VAL F 244 -17.88 -36.34 -36.98
N LYS F 245 -16.88 -36.51 -37.87
CA LYS F 245 -16.87 -37.70 -38.72
C LYS F 245 -16.59 -38.96 -37.91
N GLU F 246 -15.67 -38.88 -36.94
CA GLU F 246 -15.32 -39.99 -36.05
C GLU F 246 -16.52 -40.41 -35.21
N ALA F 247 -17.35 -39.45 -34.81
CA ALA F 247 -18.54 -39.69 -34.01
C ALA F 247 -19.74 -40.26 -34.77
N GLY F 248 -19.62 -40.46 -36.09
CA GLY F 248 -20.69 -41.09 -36.85
C GLY F 248 -21.65 -40.16 -37.55
N TYR F 249 -21.17 -38.96 -37.97
CA TYR F 249 -22.00 -38.02 -38.74
C TYR F 249 -21.42 -37.76 -40.10
N THR F 250 -22.23 -37.17 -40.96
CA THR F 250 -21.80 -36.72 -42.26
C THR F 250 -22.04 -35.20 -42.29
N ILE F 251 -21.04 -34.42 -42.67
CA ILE F 251 -21.14 -32.96 -42.66
C ILE F 251 -21.85 -32.39 -43.91
N GLU F 252 -22.85 -31.55 -43.72
CA GLU F 252 -23.58 -30.93 -44.81
C GLU F 252 -22.95 -29.62 -45.23
N TRP F 253 -22.62 -28.82 -44.23
CA TRP F 253 -21.91 -27.59 -44.46
C TRP F 253 -21.13 -27.18 -43.21
N PHE F 254 -20.04 -26.45 -43.44
CA PHE F 254 -19.15 -25.98 -42.39
C PHE F 254 -18.72 -24.57 -42.72
N GLU F 255 -18.97 -23.64 -41.81
CA GLU F 255 -18.58 -22.25 -42.00
C GLU F 255 -17.68 -21.76 -40.88
N VAL F 256 -16.66 -21.00 -41.23
CA VAL F 256 -15.79 -20.37 -40.25
C VAL F 256 -15.94 -18.86 -40.39
N ILE F 257 -16.15 -18.14 -39.27
CA ILE F 257 -16.17 -16.68 -39.31
C ILE F 257 -14.93 -16.19 -38.61
N SER F 258 -14.28 -15.16 -39.12
CA SER F 258 -13.05 -14.67 -38.51
C SER F 258 -13.26 -13.82 -37.24
N GLN F 259 -14.46 -13.26 -37.08
CA GLN F 259 -14.81 -12.42 -35.94
C GLN F 259 -14.57 -13.11 -34.61
N SER F 260 -13.77 -12.48 -33.73
CA SER F 260 -13.46 -13.02 -32.42
C SER F 260 -14.09 -12.19 -31.33
N TYR F 261 -14.17 -12.73 -30.09
CA TYR F 261 -14.71 -11.99 -28.97
C TYR F 261 -13.70 -10.92 -28.58
N SER F 262 -14.12 -9.95 -27.74
CA SER F 262 -13.18 -8.95 -27.24
C SER F 262 -12.07 -9.64 -26.43
N SER F 263 -10.88 -9.05 -26.42
CA SER F 263 -9.71 -9.60 -25.74
C SER F 263 -9.98 -9.90 -24.28
N THR F 264 -10.83 -9.09 -23.64
CA THR F 264 -11.22 -9.23 -22.24
C THR F 264 -12.21 -10.39 -22.00
N MET F 265 -12.83 -10.93 -23.06
CA MET F 265 -13.80 -11.99 -22.93
C MET F 265 -13.24 -13.37 -23.22
N ALA F 266 -12.46 -13.53 -24.30
CA ALA F 266 -11.96 -14.84 -24.72
C ALA F 266 -10.77 -14.68 -25.68
N ASN F 267 -9.95 -15.74 -25.82
CA ASN F 267 -8.79 -15.68 -26.73
C ASN F 267 -9.07 -16.50 -28.02
N ASN F 268 -10.33 -16.53 -28.47
CA ASN F 268 -10.68 -17.30 -29.68
C ASN F 268 -10.19 -16.68 -30.98
N GLU F 269 -10.08 -17.52 -32.02
CA GLU F 269 -9.70 -17.12 -33.34
C GLU F 269 -10.91 -17.45 -34.22
N GLY F 270 -11.98 -16.68 -34.03
CA GLY F 270 -13.20 -16.89 -34.78
C GLY F 270 -14.14 -17.93 -34.21
N LEU F 271 -15.15 -18.28 -34.99
CA LEU F 271 -16.15 -19.26 -34.60
C LEU F 271 -16.49 -20.11 -35.81
N PHE F 272 -17.05 -21.28 -35.55
CA PHE F 272 -17.52 -22.16 -36.61
C PHE F 272 -19.01 -22.44 -36.40
N SER F 273 -19.68 -22.86 -37.48
CA SER F 273 -21.05 -23.34 -37.48
C SER F 273 -21.03 -24.52 -38.43
N LEU F 274 -21.70 -25.57 -38.03
CA LEU F 274 -21.82 -26.73 -38.89
C LEU F 274 -23.20 -27.34 -38.74
N VAL F 275 -23.62 -28.02 -39.80
CA VAL F 275 -24.81 -28.83 -39.85
C VAL F 275 -24.35 -30.21 -40.30
N ALA F 276 -24.68 -31.25 -39.54
CA ALA F 276 -24.30 -32.61 -39.86
C ALA F 276 -25.52 -33.54 -39.75
N ARG F 277 -25.44 -34.75 -40.33
CA ARG F 277 -26.51 -35.72 -40.20
C ARG F 277 -25.97 -36.98 -39.61
N LYS F 278 -26.70 -37.55 -38.64
CA LYS F 278 -26.26 -38.78 -37.99
C LYS F 278 -26.42 -39.96 -38.95
N LEU F 279 -25.36 -40.76 -39.12
CA LEU F 279 -25.47 -41.95 -39.95
C LEU F 279 -26.19 -42.97 -39.04
N SER F 280 -27.48 -43.29 -39.35
CA SER F 280 -28.37 -44.20 -38.59
C SER F 280 -28.24 -44.08 -37.05
#